data_7OM2
#
_entry.id   7OM2
#
_cell.length_a   134.844
_cell.length_b   149.003
_cell.length_c   100.368
_cell.angle_alpha   90.000
_cell.angle_beta   90.000
_cell.angle_gamma   90.000
#
_symmetry.space_group_name_H-M   'P 21 21 2'
#
loop_
_entity.id
_entity.type
_entity.pdbx_description
1 polymer 'RNA-dependent RNA polymerase'
2 non-polymer 'MAGNESIUM ION'
3 non-polymer 'SULFATE ION'
4 non-polymer GLYCEROL
5 water water
#
_entity_poly.entity_id   1
_entity_poly.type   'polypeptide(L)'
_entity_poly.pdbx_seq_one_letter_code
;MGSSHHHHHHSQDLENLYFQGGSTRLSLEAMLAERAMVARQDLAGLKRKLAGADRVLAPQSPEQCGRESAQAQARSVTSE
LKSAVKEAQGLEHQTLDFLEQLGEYPVCGILHGDHPVHPSGTHNNNGKVSVKRQFAAGVNTSDALTCAFRFEDSDLVRET
ALKTTYTDGTWAGFVQRLKMQTTRKCVQEKVSRKLLKQLFPYDPQKLVDVSGELSELVLGIKTNAIASAGPPYWRTKRDA
LPDMLDCVLPLLYDHIVRKDLTTLRNKHPELFLAECKNKTDRYEVESLGEKTRPYFSHPFHLSALVSVLSQSFSGALKIM
TEDSTSFNAYGFSWTNGGAEDLAIWARQAGEAGKKPPRIACYGDDTDIYYRKDGKLYRICPDFKQMDGSVDATTIEAVVD
YVVDAHVKQYPTARQFWEEVGKLWVEMATQSPFLIDGTKVYRKMQKDGLMTGVVGTTLFDTVKSALAYNDWADQLMFGSL
NLLEEKYAIEFFKNKHGLVIKEGTWKPALVNEDPGFGELWTEQKFLGLQLKVVRRENEKVYVPNLPFEDWLTMWVTPRSK
YRSKETETMRERTLFDRARGLLVTGAVFDERARGLMGAVINSTAPEVVCMRVQEGGGRGAPPAYAFLTRDGVFEFPISDG
YPSYDWVVSLYSRDHPCDMPRVFPEAATLIASYRKQVMDTRVVI
;
_entity_poly.pdbx_strand_id   A,B
#
loop_
_chem_comp.id
_chem_comp.type
_chem_comp.name
_chem_comp.formula
GOL non-polymer GLYCEROL 'C3 H8 O3'
MG non-polymer 'MAGNESIUM ION' 'Mg 2'
SO4 non-polymer 'SULFATE ION' 'O4 S -2'
#
# COMPACT_ATOMS: atom_id res chain seq x y z
N THR A 24 14.83 7.25 17.98
CA THR A 24 14.60 6.17 17.02
C THR A 24 13.11 5.89 16.72
N ARG A 25 12.57 6.57 15.69
CA ARG A 25 11.26 6.24 15.13
C ARG A 25 11.39 5.69 13.71
N LEU A 26 11.99 6.44 12.78
CA LEU A 26 12.27 5.90 11.45
C LEU A 26 13.53 6.55 10.87
N SER A 27 14.12 5.86 9.91
CA SER A 27 15.32 6.37 9.24
C SER A 27 14.98 7.57 8.37
N LEU A 28 15.94 8.48 8.22
CA LEU A 28 15.73 9.60 7.32
C LEU A 28 15.43 9.12 5.91
N GLU A 29 16.05 8.01 5.50
CA GLU A 29 15.73 7.44 4.19
C GLU A 29 14.26 7.05 4.10
N ALA A 30 13.75 6.35 5.12
CA ALA A 30 12.33 6.04 5.13
C ALA A 30 11.50 7.31 5.17
N MET A 31 11.98 8.32 5.91
CA MET A 31 11.29 9.58 5.98
C MET A 31 11.16 10.22 4.60
N LEU A 32 12.25 10.23 3.83
CA LEU A 32 12.19 10.73 2.46
C LEU A 32 11.18 9.95 1.64
N ALA A 33 11.19 8.62 1.74
CA ALA A 33 10.28 7.81 0.95
C ALA A 33 8.84 8.20 1.20
N GLU A 34 8.46 8.33 2.47
CA GLU A 34 7.05 8.69 2.82
C GLU A 34 6.69 10.07 2.27
N ARG A 35 7.59 11.05 2.40
CA ARG A 35 7.33 12.41 1.88
C ARG A 35 7.04 12.36 0.37
N ALA A 36 7.77 11.51 -0.37
CA ALA A 36 7.59 11.37 -1.83
C ALA A 36 6.19 10.85 -2.17
N MET A 37 5.71 9.82 -1.47
CA MET A 37 4.35 9.29 -1.69
C MET A 37 3.35 10.44 -1.56
N VAL A 38 3.37 11.14 -0.43
CA VAL A 38 2.42 12.25 -0.16
C VAL A 38 2.58 13.34 -1.21
N ALA A 39 3.81 13.61 -1.64
CA ALA A 39 4.06 14.73 -2.57
C ALA A 39 3.43 14.49 -3.94
N ARG A 40 3.50 13.27 -4.44
CA ARG A 40 2.87 13.00 -5.74
C ARG A 40 1.35 12.97 -5.65
N GLN A 41 0.79 13.25 -4.47
CA GLN A 41 -0.64 13.39 -4.26
C GLN A 41 -1.07 14.84 -4.09
N ASP A 42 -0.13 15.77 -4.04
CA ASP A 42 -0.40 17.19 -3.82
C ASP A 42 -0.22 17.89 -5.16
N LEU A 43 -1.32 18.05 -5.90
CA LEU A 43 -1.22 18.61 -7.24
C LEU A 43 -0.69 20.04 -7.21
N ALA A 44 -1.15 20.84 -6.24
CA ALA A 44 -0.61 22.20 -6.12
C ALA A 44 0.88 22.18 -5.85
N GLY A 45 1.33 21.23 -5.03
CA GLY A 45 2.75 21.12 -4.75
C GLY A 45 3.54 20.66 -5.96
N LEU A 46 2.99 19.71 -6.73
CA LEU A 46 3.66 19.28 -7.95
C LEU A 46 3.77 20.44 -8.92
N LYS A 47 2.67 21.17 -9.11
CA LYS A 47 2.71 22.32 -10.00
C LYS A 47 3.86 23.26 -9.62
N ARG A 48 4.01 23.53 -8.33
CA ARG A 48 5.01 24.50 -7.91
C ARG A 48 6.42 23.96 -8.10
N LYS A 49 6.66 22.70 -7.77
CA LYS A 49 7.99 22.13 -7.81
C LYS A 49 8.45 21.75 -9.21
N LEU A 50 7.53 21.54 -10.15
CA LEU A 50 7.91 21.25 -11.52
C LEU A 50 8.07 22.51 -12.37
N ALA A 51 7.74 23.67 -11.80
CA ALA A 51 7.80 24.92 -12.56
C ALA A 51 9.21 25.15 -13.08
N GLY A 52 9.33 25.41 -14.37
CA GLY A 52 10.65 25.63 -14.93
C GLY A 52 11.52 24.40 -15.07
N ALA A 53 10.98 23.21 -14.79
CA ALA A 53 11.73 21.99 -14.97
C ALA A 53 11.92 21.75 -16.46
N ASP A 54 12.98 21.02 -16.81
CA ASP A 54 13.23 20.71 -18.22
C ASP A 54 12.20 19.67 -18.66
N ARG A 55 11.45 19.97 -19.72
CA ARG A 55 10.41 19.07 -20.19
C ARG A 55 10.88 18.47 -21.51
N VAL A 56 10.75 17.15 -21.65
CA VAL A 56 11.04 16.48 -22.91
C VAL A 56 9.72 16.40 -23.67
N LEU A 57 9.66 17.02 -24.83
CA LEU A 57 8.44 17.17 -25.60
C LEU A 57 8.38 16.09 -26.68
N ALA A 58 7.20 15.51 -26.84
CA ALA A 58 6.98 14.61 -27.95
C ALA A 58 6.84 15.40 -29.24
N PRO A 59 7.15 14.79 -30.38
CA PRO A 59 6.81 15.43 -31.67
C PRO A 59 5.31 15.68 -31.73
N GLN A 60 4.92 16.82 -32.30
CA GLN A 60 3.51 17.16 -32.32
C GLN A 60 3.19 17.94 -33.57
N SER A 61 1.91 17.95 -33.92
CA SER A 61 1.41 18.74 -35.03
C SER A 61 1.23 20.19 -34.57
N PRO A 62 1.32 21.14 -35.48
CA PRO A 62 1.10 22.54 -35.09
C PRO A 62 -0.37 22.80 -34.83
N GLU A 63 -0.64 23.79 -33.99
CA GLU A 63 -2.00 24.21 -33.71
C GLU A 63 -2.69 24.71 -34.98
N GLN A 64 -3.99 24.36 -35.13
CA GLN A 64 -4.79 24.75 -36.30
C GLN A 64 -5.76 25.89 -36.03
N CYS A 65 -6.31 25.92 -34.83
CA CYS A 65 -7.22 27.01 -34.40
C CYS A 65 -7.04 27.21 -32.90
N GLY A 66 -7.64 28.25 -32.34
CA GLY A 66 -7.55 28.49 -30.89
C GLY A 66 -8.49 27.64 -30.07
N ARG A 67 -8.41 27.76 -28.76
CA ARG A 67 -9.24 26.96 -27.83
C ARG A 67 -10.73 27.21 -28.10
N GLU A 68 -11.13 28.47 -28.23
CA GLU A 68 -12.56 28.83 -28.44
C GLU A 68 -13.09 28.13 -29.72
N SER A 69 -12.36 28.24 -30.84
CA SER A 69 -12.82 27.63 -32.11
C SER A 69 -12.83 26.10 -31.97
N ALA A 70 -11.78 25.52 -31.38
CA ALA A 70 -11.77 24.06 -31.31
C ALA A 70 -12.95 23.55 -30.50
N GLN A 71 -13.21 24.20 -29.38
CA GLN A 71 -14.32 23.80 -28.52
C GLN A 71 -15.66 24.03 -29.22
N ALA A 72 -15.83 25.18 -29.88
CA ALA A 72 -17.08 25.40 -30.60
C ALA A 72 -17.26 24.38 -31.74
N GLN A 73 -16.18 24.09 -32.49
CA GLN A 73 -16.33 23.11 -33.57
C GLN A 73 -16.70 21.75 -33.02
N ALA A 74 -16.07 21.35 -31.90
CA ALA A 74 -16.44 20.08 -31.29
C ALA A 74 -17.88 20.09 -30.82
N ARG A 75 -18.33 21.20 -30.22
CA ARG A 75 -19.71 21.26 -29.78
C ARG A 75 -20.69 21.13 -30.94
N SER A 76 -20.37 21.76 -32.08
CA SER A 76 -21.25 21.64 -33.24
C SER A 76 -21.39 20.19 -33.68
N VAL A 77 -20.28 19.45 -33.71
CA VAL A 77 -20.37 18.04 -34.09
C VAL A 77 -21.20 17.27 -33.06
N THR A 78 -20.90 17.47 -31.78
CA THR A 78 -21.60 16.76 -30.72
C THR A 78 -23.10 17.02 -30.78
N SER A 79 -23.50 18.28 -30.99
CA SER A 79 -24.91 18.61 -31.08
C SER A 79 -25.57 17.87 -32.24
N GLU A 80 -24.90 17.81 -33.39
CA GLU A 80 -25.48 17.12 -34.53
C GLU A 80 -25.60 15.62 -34.27
N LEU A 81 -24.60 15.02 -33.63
CA LEU A 81 -24.64 13.58 -33.33
C LEU A 81 -25.75 13.25 -32.34
N LYS A 82 -25.85 14.05 -31.28
CA LYS A 82 -26.93 13.87 -30.32
C LYS A 82 -28.28 13.90 -31.04
N SER A 83 -28.41 14.77 -32.03
CA SER A 83 -29.65 14.85 -32.79
C SER A 83 -29.86 13.61 -33.64
N ALA A 84 -28.79 13.13 -34.29
CA ALA A 84 -28.92 11.91 -35.09
C ALA A 84 -29.31 10.73 -34.19
N VAL A 85 -28.74 10.64 -32.99
CA VAL A 85 -29.03 9.53 -32.10
C VAL A 85 -30.48 9.58 -31.63
N LYS A 86 -30.92 10.76 -31.19
CA LYS A 86 -32.29 10.93 -30.74
C LYS A 86 -33.30 10.52 -31.82
N GLU A 87 -33.02 10.86 -33.08
CA GLU A 87 -33.95 10.48 -34.14
C GLU A 87 -33.99 8.97 -34.33
N ALA A 88 -32.82 8.31 -34.41
CA ALA A 88 -32.84 6.86 -34.58
C ALA A 88 -33.45 6.17 -33.36
N GLN A 89 -33.24 6.73 -32.16
CA GLN A 89 -33.81 6.12 -30.96
C GLN A 89 -35.32 6.28 -30.92
N GLY A 90 -35.88 7.20 -31.70
CA GLY A 90 -37.33 7.33 -31.79
C GLY A 90 -38.00 6.36 -32.74
N LEU A 91 -37.24 5.64 -33.56
CA LEU A 91 -37.86 4.72 -34.51
C LEU A 91 -38.56 3.58 -33.77
N GLU A 92 -39.74 3.18 -34.24
CA GLU A 92 -40.37 1.99 -33.70
C GLU A 92 -39.64 0.73 -34.12
N HIS A 93 -39.75 -0.30 -33.29
CA HIS A 93 -39.01 -1.52 -33.51
C HIS A 93 -39.98 -2.65 -33.82
N GLN A 94 -39.47 -3.70 -34.47
CA GLN A 94 -40.31 -4.84 -34.80
C GLN A 94 -40.74 -5.58 -33.53
N THR A 95 -41.72 -6.45 -33.68
CA THR A 95 -42.13 -7.29 -32.56
C THR A 95 -41.08 -8.36 -32.32
N LEU A 96 -41.13 -8.93 -31.11
CA LEU A 96 -40.24 -10.01 -30.70
C LEU A 96 -40.87 -11.39 -30.91
N ASP A 97 -41.85 -11.49 -31.82
CA ASP A 97 -42.56 -12.74 -32.06
C ASP A 97 -41.66 -13.84 -32.60
N PHE A 98 -40.48 -13.50 -33.11
CA PHE A 98 -39.58 -14.54 -33.60
C PHE A 98 -38.93 -15.37 -32.48
N LEU A 99 -39.12 -14.99 -31.22
CA LEU A 99 -38.60 -15.77 -30.10
C LEU A 99 -39.72 -16.57 -29.44
N GLU A 100 -39.34 -17.65 -28.75
CA GLU A 100 -40.31 -18.33 -27.90
C GLU A 100 -40.57 -17.50 -26.65
N GLN A 101 -41.83 -17.45 -26.22
CA GLN A 101 -42.21 -16.74 -25.01
C GLN A 101 -42.55 -17.73 -23.91
N LEU A 102 -41.99 -17.49 -22.71
CA LEU A 102 -42.02 -18.45 -21.60
C LEU A 102 -42.77 -17.92 -20.39
N GLY A 103 -43.50 -16.83 -20.51
CA GLY A 103 -44.19 -16.32 -19.34
C GLY A 103 -43.26 -15.49 -18.47
N GLU A 104 -43.52 -15.49 -17.17
CA GLU A 104 -42.77 -14.68 -16.22
C GLU A 104 -42.11 -15.55 -15.17
N TYR A 105 -40.98 -15.06 -14.62
CA TYR A 105 -40.31 -15.79 -13.56
C TYR A 105 -40.51 -15.09 -12.22
N PRO A 106 -40.67 -15.84 -11.15
CA PRO A 106 -40.70 -15.22 -9.82
C PRO A 106 -39.31 -14.77 -9.40
N VAL A 107 -39.27 -13.62 -8.71
CA VAL A 107 -38.05 -13.15 -8.08
C VAL A 107 -37.50 -14.23 -7.17
N CYS A 108 -36.21 -14.51 -7.27
CA CYS A 108 -35.60 -15.52 -6.42
C CYS A 108 -35.66 -15.11 -4.95
N GLY A 109 -36.04 -16.04 -4.08
CA GLY A 109 -36.15 -15.76 -2.66
C GLY A 109 -34.99 -16.22 -1.80
N ILE A 110 -33.92 -16.71 -2.41
CA ILE A 110 -32.82 -17.29 -1.62
C ILE A 110 -32.15 -16.22 -0.77
N LEU A 111 -31.91 -16.55 0.50
CA LEU A 111 -31.26 -15.66 1.45
C LEU A 111 -29.81 -16.08 1.65
N HIS A 112 -28.93 -15.08 1.82
CA HIS A 112 -27.56 -15.30 2.25
C HIS A 112 -27.39 -14.50 3.53
N GLY A 113 -27.49 -15.17 4.67
CA GLY A 113 -27.37 -14.46 5.92
C GLY A 113 -28.51 -13.48 6.09
N ASP A 114 -28.18 -12.19 6.15
CA ASP A 114 -29.12 -11.14 6.53
C ASP A 114 -29.86 -10.53 5.35
N HIS A 115 -29.67 -11.03 4.13
CA HIS A 115 -30.17 -10.30 2.98
C HIS A 115 -30.51 -11.27 1.86
N PRO A 116 -31.45 -10.92 0.99
CA PRO A 116 -31.72 -11.75 -0.19
C PRO A 116 -30.64 -11.54 -1.24
N VAL A 117 -30.36 -12.61 -1.99
CA VAL A 117 -29.39 -12.51 -3.06
C VAL A 117 -29.93 -11.63 -4.18
N HIS A 118 -31.24 -11.62 -4.36
CA HIS A 118 -31.90 -10.70 -5.29
C HIS A 118 -32.30 -9.48 -4.47
N PRO A 119 -31.64 -8.33 -4.65
CA PRO A 119 -31.86 -7.20 -3.73
C PRO A 119 -33.31 -6.74 -3.72
N SER A 120 -33.80 -6.43 -2.52
CA SER A 120 -35.16 -5.91 -2.37
C SER A 120 -35.36 -4.65 -3.20
N GLY A 121 -36.54 -4.54 -3.78
CA GLY A 121 -36.92 -3.33 -4.51
C GLY A 121 -36.11 -3.05 -5.75
N THR A 122 -35.54 -4.07 -6.39
CA THR A 122 -34.90 -3.89 -7.68
C THR A 122 -35.27 -5.08 -8.58
N HIS A 123 -35.36 -4.81 -9.87
CA HIS A 123 -35.63 -5.87 -10.85
C HIS A 123 -36.77 -6.76 -10.39
N ASN A 124 -37.86 -6.10 -9.99
CA ASN A 124 -38.99 -6.78 -9.37
C ASN A 124 -40.23 -6.00 -9.74
N ASN A 125 -41.10 -6.60 -10.54
CA ASN A 125 -42.39 -5.99 -10.88
C ASN A 125 -43.47 -6.91 -10.32
N ASN A 126 -44.01 -6.55 -9.16
CA ASN A 126 -45.07 -7.33 -8.52
C ASN A 126 -44.64 -8.78 -8.32
N GLY A 127 -43.40 -8.98 -7.84
CA GLY A 127 -42.86 -10.30 -7.59
C GLY A 127 -42.24 -11.02 -8.79
N LYS A 128 -42.28 -10.43 -9.98
CA LYS A 128 -41.68 -11.06 -11.16
C LYS A 128 -40.37 -10.38 -11.50
N VAL A 129 -39.40 -11.16 -11.99
CA VAL A 129 -38.14 -10.57 -12.44
C VAL A 129 -38.43 -9.61 -13.60
N SER A 130 -37.76 -8.46 -13.59
CA SER A 130 -37.95 -7.42 -14.59
C SER A 130 -36.63 -6.72 -14.85
N VAL A 131 -36.44 -6.24 -16.08
CA VAL A 131 -35.33 -5.38 -16.46
C VAL A 131 -35.86 -4.26 -17.35
N LYS A 132 -35.03 -3.23 -17.55
CA LYS A 132 -35.36 -2.12 -18.44
C LYS A 132 -34.15 -1.80 -19.29
N ARG A 133 -34.30 -1.83 -20.61
CA ARG A 133 -33.17 -1.49 -21.49
C ARG A 133 -32.88 0.02 -21.46
N GLN A 134 -31.59 0.34 -21.39
CA GLN A 134 -31.05 1.71 -21.48
C GLN A 134 -30.76 2.10 -22.92
N PHE A 135 -31.54 3.04 -23.48
CA PHE A 135 -31.19 3.69 -24.77
C PHE A 135 -31.15 5.20 -24.52
N ALA A 136 -30.07 5.65 -23.91
CA ALA A 136 -29.92 7.08 -23.58
C ALA A 136 -29.28 7.82 -24.75
N ALA A 137 -29.52 9.12 -24.86
CA ALA A 137 -29.05 9.85 -26.06
C ALA A 137 -27.79 10.67 -25.77
N GLY A 138 -27.28 10.62 -24.56
CA GLY A 138 -26.02 11.32 -24.26
C GLY A 138 -24.88 10.82 -25.14
N THR A 141 -17.30 13.12 -24.48
CA THR A 141 -16.51 12.81 -25.70
C THR A 141 -15.98 14.09 -26.35
N SER A 142 -16.47 15.25 -25.88
CA SER A 142 -16.07 16.53 -26.51
C SER A 142 -14.58 16.83 -26.29
N ASP A 143 -13.98 16.38 -25.19
CA ASP A 143 -12.57 16.75 -24.86
C ASP A 143 -11.61 16.28 -25.95
N ALA A 144 -11.68 15.00 -26.29
CA ALA A 144 -10.80 14.45 -27.33
C ALA A 144 -11.12 15.10 -28.67
N LEU A 145 -12.39 15.30 -28.95
CA LEU A 145 -12.75 15.95 -30.20
C LEU A 145 -12.24 17.40 -30.22
N THR A 146 -12.33 18.11 -29.09
CA THR A 146 -11.78 19.46 -29.05
C THR A 146 -10.29 19.45 -29.39
N CYS A 147 -9.53 18.50 -28.82
CA CYS A 147 -8.11 18.38 -29.16
C CYS A 147 -7.90 18.12 -30.65
N ALA A 148 -8.69 17.23 -31.24
CA ALA A 148 -8.51 16.94 -32.66
C ALA A 148 -8.72 18.20 -33.50
N PHE A 149 -9.75 18.99 -33.17
CA PHE A 149 -9.94 20.24 -33.90
C PHE A 149 -8.80 21.22 -33.63
N ARG A 150 -8.26 21.20 -32.41
CA ARG A 150 -7.20 22.15 -32.07
C ARG A 150 -5.95 21.90 -32.92
N PHE A 151 -5.64 20.63 -33.21
CA PHE A 151 -4.35 20.30 -33.81
C PHE A 151 -4.44 19.62 -35.16
N GLU A 152 -5.62 19.48 -35.75
CA GLU A 152 -5.73 18.76 -37.01
C GLU A 152 -6.71 19.49 -37.93
N ASP A 153 -6.74 19.04 -39.17
CA ASP A 153 -7.46 19.74 -40.23
C ASP A 153 -8.97 19.72 -39.96
N SER A 154 -9.57 20.90 -40.06
CA SER A 154 -10.97 21.09 -39.67
C SER A 154 -11.92 20.18 -40.45
N ASP A 155 -11.86 20.22 -41.79
CA ASP A 155 -12.80 19.40 -42.57
C ASP A 155 -12.62 17.93 -42.27
N LEU A 156 -11.38 17.46 -42.23
CA LEU A 156 -11.15 16.04 -42.00
C LEU A 156 -11.65 15.61 -40.62
N VAL A 157 -11.41 16.42 -39.59
CA VAL A 157 -11.86 16.06 -38.25
C VAL A 157 -13.38 16.04 -38.18
N ARG A 158 -14.02 17.08 -38.71
CA ARG A 158 -15.49 17.14 -38.69
C ARG A 158 -16.08 15.94 -39.42
N GLU A 159 -15.60 15.68 -40.64
CA GLU A 159 -16.15 14.58 -41.43
C GLU A 159 -15.93 13.26 -40.73
N THR A 160 -14.76 13.05 -40.14
CA THR A 160 -14.51 11.80 -39.44
C THR A 160 -15.40 11.68 -38.21
N ALA A 161 -15.48 12.74 -37.41
CA ALA A 161 -16.22 12.65 -36.16
C ALA A 161 -17.72 12.48 -36.42
N LEU A 162 -18.22 12.96 -37.56
CA LEU A 162 -19.65 12.81 -37.83
C LEU A 162 -20.06 11.40 -38.25
N LYS A 163 -19.09 10.52 -38.56
CA LYS A 163 -19.44 9.19 -39.09
C LYS A 163 -19.75 8.18 -37.99
N THR A 164 -19.15 8.30 -36.81
CA THR A 164 -19.26 7.27 -35.78
C THR A 164 -19.49 7.93 -34.43
N THR A 165 -20.21 7.24 -33.55
CA THR A 165 -20.47 7.80 -32.22
C THR A 165 -20.55 6.66 -31.21
N TYR A 166 -20.19 6.96 -29.97
CA TYR A 166 -20.27 5.99 -28.89
C TYR A 166 -21.65 6.09 -28.27
N THR A 167 -22.45 5.04 -28.40
CA THR A 167 -23.87 5.15 -28.07
C THR A 167 -24.43 3.82 -27.60
N ASP A 168 -25.49 3.92 -26.80
CA ASP A 168 -26.30 2.75 -26.46
C ASP A 168 -26.97 2.14 -27.68
N GLY A 169 -27.04 2.87 -28.79
CA GLY A 169 -27.74 2.35 -29.96
C GLY A 169 -29.23 2.62 -29.92
N THR A 170 -30.01 1.77 -30.57
CA THR A 170 -31.44 2.03 -30.71
C THR A 170 -32.25 0.75 -30.53
N TRP A 171 -33.49 0.93 -30.06
CA TRP A 171 -34.43 -0.17 -29.99
C TRP A 171 -34.58 -0.85 -31.35
N ALA A 172 -34.76 -0.06 -32.41
CA ALA A 172 -35.04 -0.66 -33.71
C ALA A 172 -33.88 -1.53 -34.19
N GLY A 173 -32.66 -1.01 -34.06
CA GLY A 173 -31.50 -1.77 -34.51
C GLY A 173 -31.18 -2.96 -33.61
N PHE A 174 -31.42 -2.81 -32.31
CA PHE A 174 -31.26 -3.91 -31.35
C PHE A 174 -32.15 -5.09 -31.75
N VAL A 175 -33.44 -4.84 -31.96
CA VAL A 175 -34.34 -5.93 -32.31
C VAL A 175 -33.98 -6.51 -33.67
N GLN A 176 -33.67 -5.65 -34.64
CA GLN A 176 -33.27 -6.14 -35.96
C GLN A 176 -32.09 -7.10 -35.84
N ARG A 177 -31.07 -6.71 -35.07
CA ARG A 177 -29.88 -7.56 -34.96
C ARG A 177 -30.18 -8.82 -34.16
N LEU A 178 -31.01 -8.72 -33.12
CA LEU A 178 -31.38 -9.90 -32.36
C LEU A 178 -32.12 -10.89 -33.23
N LYS A 179 -33.08 -10.41 -34.02
CA LYS A 179 -33.77 -11.26 -34.98
C LYS A 179 -32.78 -11.95 -35.92
N MET A 180 -31.81 -11.20 -36.45
CA MET A 180 -30.91 -11.78 -37.45
C MET A 180 -30.11 -12.95 -36.88
N GLN A 181 -29.77 -12.92 -35.59
CA GLN A 181 -28.93 -13.97 -35.04
C GLN A 181 -29.72 -15.04 -34.28
N THR A 182 -31.05 -14.97 -34.24
CA THR A 182 -31.82 -16.03 -33.62
C THR A 182 -32.73 -16.73 -34.60
N THR A 183 -32.62 -16.43 -35.89
CA THR A 183 -33.52 -17.02 -36.88
C THR A 183 -32.79 -17.50 -38.12
N ARG A 184 -31.47 -17.56 -38.12
CA ARG A 184 -30.76 -17.95 -39.33
C ARG A 184 -30.80 -19.46 -39.53
N LYS A 185 -30.91 -19.88 -40.79
CA LYS A 185 -30.78 -21.29 -41.14
C LYS A 185 -29.31 -21.69 -41.10
N CYS A 186 -28.94 -22.60 -40.20
CA CYS A 186 -27.56 -23.01 -40.04
C CYS A 186 -27.30 -24.35 -40.72
N VAL A 187 -26.01 -24.64 -40.95
CA VAL A 187 -25.56 -25.93 -41.44
C VAL A 187 -24.77 -26.60 -40.31
N GLN A 188 -25.18 -27.81 -39.94
CA GLN A 188 -24.47 -28.58 -38.92
C GLN A 188 -23.10 -28.99 -39.44
N GLU A 189 -22.05 -28.67 -38.69
CA GLU A 189 -20.72 -29.03 -39.16
C GLU A 189 -20.46 -30.52 -38.96
N LYS A 190 -19.67 -31.10 -39.87
CA LYS A 190 -19.15 -32.44 -39.69
C LYS A 190 -17.81 -32.28 -38.98
N VAL A 191 -17.75 -32.67 -37.71
CA VAL A 191 -16.59 -32.39 -36.88
C VAL A 191 -16.42 -33.51 -35.88
N SER A 192 -15.17 -33.84 -35.57
CA SER A 192 -14.85 -34.90 -34.63
C SER A 192 -13.71 -34.40 -33.74
N ARG A 193 -13.45 -35.13 -32.65
CA ARG A 193 -12.31 -34.79 -31.81
C ARG A 193 -11.02 -34.80 -32.60
N LYS A 194 -10.86 -35.77 -33.50
CA LYS A 194 -9.62 -35.88 -34.26
C LYS A 194 -9.38 -34.62 -35.08
N LEU A 195 -10.44 -34.08 -35.70
CA LEU A 195 -10.29 -32.90 -36.52
C LEU A 195 -9.94 -31.69 -35.66
N LEU A 196 -10.58 -31.56 -34.50
CA LEU A 196 -10.33 -30.42 -33.63
C LEU A 196 -8.90 -30.45 -33.06
N LYS A 197 -8.38 -31.65 -32.76
CA LYS A 197 -6.98 -31.79 -32.36
C LYS A 197 -6.06 -31.26 -33.44
N GLN A 198 -6.41 -31.49 -34.70
CA GLN A 198 -5.59 -31.06 -35.82
C GLN A 198 -5.64 -29.55 -35.99
N LEU A 199 -6.83 -28.95 -35.89
CA LEU A 199 -6.97 -27.51 -36.12
C LEU A 199 -6.66 -26.68 -34.89
N PHE A 200 -6.84 -27.22 -33.70
CA PHE A 200 -6.66 -26.49 -32.44
C PHE A 200 -5.80 -27.30 -31.49
N PRO A 201 -4.55 -27.56 -31.86
CA PRO A 201 -3.64 -28.24 -30.94
C PRO A 201 -3.42 -27.40 -29.68
N TYR A 202 -3.14 -28.08 -28.59
CA TYR A 202 -2.94 -27.42 -27.31
C TYR A 202 -1.89 -28.19 -26.54
N ASP A 203 -1.34 -27.55 -25.50
CA ASP A 203 -0.38 -28.20 -24.63
C ASP A 203 -1.10 -28.77 -23.40
N PRO A 204 -1.23 -30.10 -23.28
CA PRO A 204 -1.99 -30.66 -22.15
C PRO A 204 -1.42 -30.32 -20.80
N GLN A 205 -0.10 -30.13 -20.69
CA GLN A 205 0.53 -29.77 -19.43
C GLN A 205 0.18 -28.36 -18.99
N LYS A 206 -0.39 -27.54 -19.87
CA LYS A 206 -0.79 -26.22 -19.44
C LYS A 206 -2.23 -26.18 -18.94
N LEU A 207 -3.00 -27.27 -19.12
CA LEU A 207 -4.37 -27.31 -18.61
C LEU A 207 -4.38 -27.28 -17.09
N VAL A 208 -5.30 -26.51 -16.53
CA VAL A 208 -5.46 -26.49 -15.07
C VAL A 208 -5.90 -27.86 -14.58
N ASP A 209 -5.45 -28.26 -13.39
CA ASP A 209 -5.83 -29.57 -12.84
C ASP A 209 -7.24 -29.46 -12.26
N VAL A 210 -8.24 -29.78 -13.09
CA VAL A 210 -9.64 -29.63 -12.68
C VAL A 210 -10.12 -30.78 -11.81
N SER A 211 -9.25 -31.73 -11.48
CA SER A 211 -9.56 -32.68 -10.42
C SER A 211 -9.25 -32.11 -9.03
N GLY A 212 -8.79 -30.85 -8.93
CA GLY A 212 -8.66 -30.22 -7.62
C GLY A 212 -10.02 -29.82 -7.04
N GLU A 213 -9.96 -29.26 -5.84
CA GLU A 213 -11.18 -28.77 -5.17
C GLU A 213 -11.80 -27.61 -5.97
N LEU A 214 -13.11 -27.59 -6.07
CA LEU A 214 -13.82 -26.60 -6.93
C LEU A 214 -13.59 -25.17 -6.45
N SER A 215 -13.76 -24.89 -5.16
CA SER A 215 -13.62 -23.51 -4.70
C SER A 215 -12.34 -22.89 -5.21
N GLU A 216 -11.23 -23.60 -5.02
CA GLU A 216 -9.93 -23.11 -5.41
C GLU A 216 -9.83 -22.93 -6.93
N LEU A 217 -10.44 -23.81 -7.71
CA LEU A 217 -10.49 -23.62 -9.16
C LEU A 217 -11.29 -22.38 -9.52
N VAL A 218 -12.45 -22.19 -8.89
CA VAL A 218 -13.30 -21.05 -9.23
C VAL A 218 -12.61 -19.75 -8.84
N LEU A 219 -11.90 -19.75 -7.70
CA LEU A 219 -11.18 -18.56 -7.26
C LEU A 219 -10.08 -18.17 -8.23
N GLY A 220 -9.67 -19.10 -9.09
CA GLY A 220 -8.64 -18.81 -10.08
C GLY A 220 -9.14 -18.15 -11.36
N ILE A 221 -10.45 -18.16 -11.63
CA ILE A 221 -10.88 -17.59 -12.90
C ILE A 221 -10.81 -16.06 -12.80
N LYS A 222 -10.59 -15.42 -13.93
CA LYS A 222 -10.48 -13.97 -13.99
C LYS A 222 -11.71 -13.40 -14.68
N THR A 223 -12.20 -12.27 -14.18
CA THR A 223 -13.34 -11.62 -14.80
C THR A 223 -13.31 -10.13 -14.49
N ASN A 224 -14.30 -9.40 -15.02
CA ASN A 224 -14.40 -7.96 -14.85
C ASN A 224 -15.18 -7.64 -13.57
N ALA A 225 -14.50 -7.01 -12.61
CA ALA A 225 -15.09 -6.73 -11.31
C ALA A 225 -16.35 -5.89 -11.41
N ILE A 226 -16.46 -5.04 -12.42
CA ILE A 226 -17.61 -4.17 -12.49
C ILE A 226 -18.63 -4.63 -13.52
N ALA A 227 -18.41 -5.76 -14.20
CA ALA A 227 -19.44 -6.29 -15.06
C ALA A 227 -20.63 -6.75 -14.22
N SER A 228 -21.78 -6.88 -14.88
CA SER A 228 -22.97 -7.33 -14.19
C SER A 228 -22.83 -8.79 -13.79
N ALA A 229 -23.22 -9.11 -12.55
CA ALA A 229 -23.27 -10.51 -12.11
C ALA A 229 -24.48 -11.26 -12.66
N GLY A 230 -25.37 -10.59 -13.38
CA GLY A 230 -26.53 -11.24 -13.94
C GLY A 230 -27.55 -11.56 -12.88
N PRO A 231 -28.67 -12.18 -13.29
CA PRO A 231 -29.63 -12.65 -12.32
C PRO A 231 -29.02 -13.78 -11.52
N PRO A 232 -29.45 -13.98 -10.25
CA PRO A 232 -30.42 -13.12 -9.56
C PRO A 232 -29.75 -11.99 -8.76
N TYR A 233 -28.44 -11.78 -8.96
CA TYR A 233 -27.71 -10.85 -8.11
C TYR A 233 -28.02 -9.38 -8.45
N TRP A 234 -28.09 -9.05 -9.74
CA TRP A 234 -28.42 -7.70 -10.17
C TRP A 234 -27.49 -6.67 -9.53
N ARG A 235 -26.20 -7.03 -9.50
CA ARG A 235 -25.16 -6.19 -8.91
C ARG A 235 -23.89 -6.48 -9.70
N THR A 236 -22.87 -5.67 -9.47
CA THR A 236 -21.56 -5.95 -10.06
C THR A 236 -21.02 -7.27 -9.52
N LYS A 237 -20.14 -7.90 -10.31
CA LYS A 237 -19.51 -9.13 -9.86
C LYS A 237 -18.79 -8.95 -8.53
N ARG A 238 -18.06 -7.85 -8.37
CA ARG A 238 -17.37 -7.60 -7.11
C ARG A 238 -18.35 -7.50 -5.94
N ASP A 239 -19.50 -6.83 -6.14
CA ASP A 239 -20.48 -6.73 -5.06
C ASP A 239 -21.13 -8.08 -4.79
N ALA A 240 -21.37 -8.88 -5.83
CA ALA A 240 -22.12 -10.11 -5.67
C ALA A 240 -21.25 -11.30 -5.31
N LEU A 241 -19.92 -11.14 -5.29
CA LEU A 241 -19.03 -12.28 -5.20
C LEU A 241 -19.26 -13.14 -3.97
N PRO A 242 -19.41 -12.58 -2.76
CA PRO A 242 -19.69 -13.44 -1.60
C PRO A 242 -20.99 -14.20 -1.71
N ASP A 243 -22.06 -13.56 -2.20
CA ASP A 243 -23.32 -14.27 -2.40
C ASP A 243 -23.15 -15.43 -3.38
N MET A 244 -22.40 -15.20 -4.45
CA MET A 244 -22.21 -16.27 -5.43
C MET A 244 -21.39 -17.41 -4.81
N LEU A 245 -20.29 -17.08 -4.15
CA LEU A 245 -19.32 -18.08 -3.70
C LEU A 245 -19.84 -18.85 -2.50
N ASP A 246 -20.40 -18.14 -1.53
CA ASP A 246 -20.72 -18.72 -0.23
C ASP A 246 -22.09 -19.37 -0.18
N CYS A 247 -22.99 -18.94 -1.07
CA CYS A 247 -24.39 -19.30 -1.01
C CYS A 247 -24.84 -20.04 -2.27
N VAL A 248 -24.73 -19.42 -3.44
CA VAL A 248 -25.34 -20.03 -4.62
C VAL A 248 -24.47 -21.14 -5.18
N LEU A 249 -23.15 -20.94 -5.27
CA LEU A 249 -22.29 -21.96 -5.87
C LEU A 249 -22.39 -23.31 -5.16
N PRO A 250 -22.31 -23.39 -3.83
CA PRO A 250 -22.48 -24.71 -3.19
C PRO A 250 -23.85 -25.30 -3.39
N LEU A 251 -24.89 -24.47 -3.46
CA LEU A 251 -26.23 -24.97 -3.80
C LEU A 251 -26.25 -25.57 -5.19
N LEU A 252 -25.65 -24.85 -6.16
CA LEU A 252 -25.54 -25.38 -7.51
C LEU A 252 -24.72 -26.66 -7.53
N TYR A 253 -23.58 -26.66 -6.85
CA TYR A 253 -22.73 -27.86 -6.84
C TYR A 253 -23.50 -29.08 -6.33
N ASP A 254 -24.22 -28.92 -5.21
CA ASP A 254 -24.95 -30.03 -4.61
C ASP A 254 -25.97 -30.62 -5.58
N HIS A 255 -26.66 -29.78 -6.33
CA HIS A 255 -27.65 -30.28 -7.28
C HIS A 255 -26.99 -30.87 -8.52
N ILE A 256 -25.83 -30.36 -8.91
CA ILE A 256 -25.10 -30.97 -10.01
C ILE A 256 -24.74 -32.43 -9.68
N VAL A 257 -24.11 -32.64 -8.52
CA VAL A 257 -23.56 -33.97 -8.23
C VAL A 257 -24.64 -34.97 -7.84
N ARG A 258 -25.79 -34.50 -7.37
CA ARG A 258 -26.96 -35.36 -7.16
C ARG A 258 -27.82 -35.46 -8.40
N LYS A 259 -27.34 -34.96 -9.54
CA LYS A 259 -28.09 -35.00 -10.78
C LYS A 259 -29.51 -34.43 -10.62
N ASP A 260 -29.63 -33.37 -9.81
CA ASP A 260 -30.91 -32.82 -9.37
C ASP A 260 -31.09 -31.36 -9.82
N LEU A 261 -30.54 -30.99 -10.97
CA LEU A 261 -30.63 -29.59 -11.39
C LEU A 261 -32.07 -29.20 -11.76
N THR A 262 -32.86 -30.15 -12.24
CA THR A 262 -34.23 -29.86 -12.63
C THR A 262 -35.02 -29.31 -11.46
N THR A 263 -34.85 -29.91 -10.27
CA THR A 263 -35.52 -29.40 -9.08
C THR A 263 -35.07 -27.98 -8.76
N LEU A 264 -33.77 -27.70 -8.84
CA LEU A 264 -33.29 -26.35 -8.55
C LEU A 264 -33.86 -25.35 -9.54
N ARG A 265 -33.72 -25.65 -10.91
CA ARG A 265 -34.33 -24.84 -11.96
C ARG A 265 -35.80 -24.55 -11.66
N ASN A 266 -36.63 -25.61 -11.45
CA ASN A 266 -38.07 -25.45 -11.32
C ASN A 266 -38.43 -24.63 -10.08
N LYS A 267 -37.66 -24.76 -8.99
CA LYS A 267 -37.97 -23.98 -7.80
C LYS A 267 -37.39 -22.57 -7.85
N HIS A 268 -36.23 -22.40 -8.46
CA HIS A 268 -35.52 -21.12 -8.48
C HIS A 268 -35.12 -20.78 -9.92
N PRO A 269 -36.08 -20.52 -10.80
CA PRO A 269 -35.73 -20.33 -12.22
C PRO A 269 -34.80 -19.16 -12.46
N GLU A 270 -34.79 -18.15 -11.58
CA GLU A 270 -33.90 -17.02 -11.81
C GLU A 270 -32.43 -17.44 -11.75
N LEU A 271 -32.12 -18.59 -11.13
CA LEU A 271 -30.74 -19.03 -11.11
C LEU A 271 -30.23 -19.45 -12.49
N PHE A 272 -31.11 -19.61 -13.48
CA PHE A 272 -30.66 -20.01 -14.81
C PHE A 272 -31.07 -18.99 -15.86
N LEU A 273 -31.54 -17.82 -15.42
CA LEU A 273 -32.02 -16.79 -16.31
C LEU A 273 -30.88 -15.89 -16.77
N ALA A 274 -30.87 -15.55 -18.06
CA ALA A 274 -29.95 -14.59 -18.63
C ALA A 274 -30.66 -13.27 -18.93
N GLU A 275 -29.87 -12.24 -19.23
CA GLU A 275 -30.42 -10.96 -19.62
C GLU A 275 -29.86 -10.62 -21.00
N CYS A 276 -30.76 -10.29 -21.93
CA CYS A 276 -30.36 -9.88 -23.26
C CYS A 276 -30.20 -8.37 -23.27
N LYS A 277 -29.01 -7.89 -23.61
CA LYS A 277 -28.66 -6.49 -23.43
C LYS A 277 -28.19 -5.89 -24.74
N ASN A 278 -28.42 -4.58 -24.90
CA ASN A 278 -27.86 -3.83 -26.01
C ASN A 278 -26.44 -3.39 -25.67
N LYS A 279 -25.51 -3.62 -26.57
CA LYS A 279 -24.11 -3.27 -26.30
C LYS A 279 -23.86 -1.80 -26.63
N THR A 280 -23.52 -1.02 -25.61
CA THR A 280 -22.99 0.32 -25.83
C THR A 280 -21.63 0.21 -26.53
N ASP A 281 -21.46 0.93 -27.62
CA ASP A 281 -20.29 0.74 -28.46
C ASP A 281 -20.19 1.91 -29.44
N ARG A 282 -19.05 1.97 -30.13
CA ARG A 282 -18.92 2.83 -31.31
C ARG A 282 -19.77 2.25 -32.42
N TYR A 283 -20.64 3.07 -33.01
CA TYR A 283 -21.52 2.66 -34.11
C TYR A 283 -21.48 3.70 -35.22
N GLU A 284 -21.66 3.23 -36.46
CA GLU A 284 -21.80 4.15 -37.58
C GLU A 284 -23.11 4.90 -37.44
N VAL A 285 -23.03 6.24 -37.51
CA VAL A 285 -24.23 7.05 -37.35
C VAL A 285 -25.28 6.65 -38.38
N GLU A 286 -24.85 6.33 -39.59
CA GLU A 286 -25.80 6.15 -40.68
C GLU A 286 -26.58 4.84 -40.58
N SER A 287 -26.17 3.90 -39.74
CA SER A 287 -26.93 2.66 -39.60
C SER A 287 -27.45 2.45 -38.18
N LEU A 288 -27.55 3.53 -37.39
CA LEU A 288 -27.96 3.41 -35.99
C LEU A 288 -29.31 2.72 -35.85
N GLY A 289 -30.23 2.97 -36.79
CA GLY A 289 -31.55 2.40 -36.74
C GLY A 289 -31.66 0.95 -37.15
N GLU A 290 -30.60 0.40 -37.77
CA GLU A 290 -30.66 -0.97 -38.23
C GLU A 290 -29.71 -1.88 -37.48
N LYS A 291 -28.80 -1.34 -36.68
CA LYS A 291 -27.73 -2.13 -36.13
C LYS A 291 -27.38 -1.63 -34.74
N THR A 292 -27.70 -2.44 -33.73
CA THR A 292 -27.20 -2.35 -32.37
C THR A 292 -26.96 -3.78 -31.93
N ARG A 293 -25.81 -4.04 -31.29
CA ARG A 293 -25.49 -5.45 -31.14
C ARG A 293 -26.05 -5.98 -29.82
N PRO A 294 -26.75 -7.11 -29.84
CA PRO A 294 -27.19 -7.74 -28.59
C PRO A 294 -26.11 -8.65 -28.01
N TYR A 295 -26.18 -8.83 -26.69
CA TYR A 295 -25.38 -9.86 -26.05
C TYR A 295 -26.13 -10.33 -24.81
N PHE A 296 -25.69 -11.46 -24.28
CA PHE A 296 -26.38 -12.11 -23.18
C PHE A 296 -25.49 -12.14 -21.94
N SER A 297 -26.09 -11.81 -20.80
CA SER A 297 -25.41 -11.77 -19.51
C SER A 297 -25.96 -12.89 -18.66
N HIS A 298 -25.12 -13.88 -18.34
CA HIS A 298 -25.56 -15.06 -17.62
C HIS A 298 -25.34 -14.92 -16.12
N PRO A 299 -26.05 -15.72 -15.32
CA PRO A 299 -25.78 -15.75 -13.87
C PRO A 299 -24.29 -15.97 -13.58
N PHE A 300 -23.80 -15.26 -12.55
CA PHE A 300 -22.39 -15.28 -12.17
C PHE A 300 -21.90 -16.69 -11.83
N HIS A 301 -22.72 -17.48 -11.12
CA HIS A 301 -22.29 -18.82 -10.72
C HIS A 301 -22.08 -19.73 -11.94
N LEU A 302 -22.94 -19.60 -12.95
CA LEU A 302 -22.79 -20.42 -14.15
C LEU A 302 -21.57 -19.98 -14.95
N SER A 303 -21.40 -18.68 -15.15
CA SER A 303 -20.27 -18.25 -15.99
C SER A 303 -18.94 -18.51 -15.29
N ALA A 304 -18.88 -18.29 -13.96
CA ALA A 304 -17.64 -18.57 -13.25
C ALA A 304 -17.29 -20.05 -13.31
N LEU A 305 -18.29 -20.92 -13.16
CA LEU A 305 -18.04 -22.36 -13.15
C LEU A 305 -17.51 -22.82 -14.50
N VAL A 306 -18.16 -22.39 -15.59
CA VAL A 306 -17.71 -22.77 -16.93
C VAL A 306 -16.36 -22.13 -17.27
N SER A 307 -16.09 -20.94 -16.72
CA SER A 307 -14.82 -20.27 -17.01
C SER A 307 -13.62 -21.09 -16.55
N VAL A 308 -13.78 -21.96 -15.56
CA VAL A 308 -12.68 -22.85 -15.18
C VAL A 308 -12.19 -23.64 -16.40
N LEU A 309 -13.10 -24.27 -17.13
CA LEU A 309 -12.69 -24.99 -18.34
C LEU A 309 -12.25 -24.03 -19.44
N SER A 310 -13.02 -22.98 -19.68
CA SER A 310 -12.78 -22.11 -20.83
C SER A 310 -11.44 -21.41 -20.74
N GLN A 311 -11.14 -20.82 -19.58
CA GLN A 311 -9.90 -20.08 -19.40
C GLN A 311 -8.70 -21.01 -19.29
N SER A 312 -8.89 -22.20 -18.71
CA SER A 312 -7.83 -23.19 -18.75
C SER A 312 -7.50 -23.57 -20.18
N PHE A 313 -8.52 -23.79 -21.01
CA PHE A 313 -8.25 -24.25 -22.37
C PHE A 313 -7.58 -23.15 -23.20
N SER A 314 -8.10 -21.93 -23.14
CA SER A 314 -7.48 -20.87 -23.94
C SER A 314 -6.04 -20.63 -23.51
N GLY A 315 -5.75 -20.81 -22.22
CA GLY A 315 -4.38 -20.70 -21.75
C GLY A 315 -3.47 -21.78 -22.32
N ALA A 316 -4.03 -22.93 -22.71
CA ALA A 316 -3.21 -24.04 -23.20
C ALA A 316 -3.11 -24.09 -24.72
N LEU A 317 -3.99 -23.38 -25.43
CA LEU A 317 -3.99 -23.43 -26.89
C LEU A 317 -2.66 -22.96 -27.49
N LYS A 318 -2.20 -23.69 -28.49
CA LYS A 318 -1.20 -23.16 -29.39
C LYS A 318 -1.85 -22.13 -30.32
N ILE A 319 -1.02 -21.26 -30.87
CA ILE A 319 -1.45 -20.34 -31.92
C ILE A 319 -0.70 -20.71 -33.19
N MET A 320 -1.15 -20.14 -34.31
CA MET A 320 -0.70 -20.60 -35.63
C MET A 320 0.80 -20.40 -35.82
N THR A 321 1.39 -19.36 -35.23
CA THR A 321 2.82 -19.10 -35.36
C THR A 321 3.67 -20.09 -34.59
N GLU A 322 3.07 -20.88 -33.70
CA GLU A 322 3.80 -21.87 -32.93
C GLU A 322 3.66 -23.27 -33.47
N ASP A 323 2.64 -23.53 -34.28
CA ASP A 323 2.37 -24.87 -34.78
C ASP A 323 1.67 -24.71 -36.11
N SER A 324 2.34 -25.10 -37.19
CA SER A 324 1.86 -24.78 -38.52
C SER A 324 0.60 -25.56 -38.92
N THR A 325 0.19 -26.57 -38.14
CA THR A 325 -1.09 -27.20 -38.45
C THR A 325 -2.27 -26.45 -37.86
N SER A 326 -2.04 -25.58 -36.89
CA SER A 326 -3.10 -24.92 -36.16
C SER A 326 -3.74 -23.80 -36.99
N PHE A 327 -5.07 -23.72 -36.96
CA PHE A 327 -5.78 -22.58 -37.52
C PHE A 327 -6.03 -21.48 -36.50
N ASN A 328 -5.53 -21.64 -35.27
CA ASN A 328 -5.91 -20.78 -34.16
C ASN A 328 -5.02 -19.54 -34.05
N ALA A 329 -5.63 -18.35 -34.11
CA ALA A 329 -4.95 -17.12 -33.76
C ALA A 329 -5.47 -16.55 -32.45
N TYR A 330 -6.44 -17.22 -31.84
CA TYR A 330 -6.98 -16.84 -30.53
C TYR A 330 -5.86 -17.02 -29.51
N GLY A 331 -5.25 -15.92 -29.09
CA GLY A 331 -3.99 -15.92 -28.34
C GLY A 331 -2.86 -15.17 -29.03
N PHE A 332 -3.01 -14.86 -30.31
CA PHE A 332 -1.97 -14.10 -31.01
C PHE A 332 -1.87 -12.69 -30.43
N SER A 333 -0.65 -12.17 -30.37
CA SER A 333 -0.41 -10.82 -29.91
C SER A 333 0.77 -10.24 -30.70
N TRP A 334 0.77 -8.90 -30.85
CA TRP A 334 1.68 -8.22 -31.75
C TRP A 334 3.06 -7.91 -31.16
N THR A 335 3.18 -7.65 -29.85
CA THR A 335 4.47 -7.17 -29.36
C THR A 335 5.50 -8.30 -29.35
N ASN A 336 6.75 -7.92 -29.10
CA ASN A 336 7.84 -8.86 -28.87
C ASN A 336 7.98 -9.86 -30.03
N GLY A 337 7.96 -9.33 -31.25
CA GLY A 337 8.15 -10.12 -32.45
C GLY A 337 6.90 -10.72 -33.04
N GLY A 338 5.76 -10.61 -32.35
CA GLY A 338 4.54 -11.21 -32.86
C GLY A 338 4.22 -10.73 -34.26
N ALA A 339 4.25 -9.42 -34.46
CA ALA A 339 3.97 -8.86 -35.78
C ALA A 339 4.81 -9.53 -36.86
N GLU A 340 6.10 -9.70 -36.59
CA GLU A 340 6.92 -10.38 -37.57
C GLU A 340 6.62 -11.88 -37.62
N ASP A 341 6.27 -12.50 -36.49
CA ASP A 341 5.85 -13.90 -36.52
C ASP A 341 4.73 -14.11 -37.53
N LEU A 342 3.75 -13.20 -37.55
CA LEU A 342 2.66 -13.29 -38.51
C LEU A 342 3.20 -13.40 -39.94
N ALA A 343 4.15 -12.53 -40.29
CA ALA A 343 4.65 -12.49 -41.67
C ALA A 343 5.44 -13.75 -42.00
N ILE A 344 6.29 -14.22 -41.07
CA ILE A 344 7.06 -15.44 -41.31
C ILE A 344 6.11 -16.61 -41.54
N TRP A 345 5.09 -16.73 -40.70
CA TRP A 345 4.10 -17.79 -40.84
C TRP A 345 3.39 -17.71 -42.18
N ALA A 346 2.98 -16.50 -42.58
CA ALA A 346 2.19 -16.31 -43.81
C ALA A 346 2.98 -16.68 -45.05
N ARG A 347 4.29 -16.36 -45.08
CA ARG A 347 5.10 -16.62 -46.25
C ARG A 347 5.22 -18.11 -46.56
N GLN A 348 4.97 -18.97 -45.57
CA GLN A 348 4.95 -20.42 -45.81
C GLN A 348 3.75 -20.87 -46.65
N ALA A 349 2.77 -20.02 -46.94
CA ALA A 349 1.63 -20.47 -47.73
C ALA A 349 2.09 -21.01 -49.07
N GLY A 350 1.40 -22.03 -49.57
CA GLY A 350 1.78 -22.72 -50.78
C GLY A 350 0.88 -22.39 -51.94
N GLU A 351 1.26 -22.91 -53.11
CA GLU A 351 0.46 -22.77 -54.33
C GLU A 351 -0.91 -23.44 -54.14
N ALA A 352 -1.98 -22.67 -54.39
CA ALA A 352 -3.34 -23.18 -54.26
C ALA A 352 -3.55 -24.43 -55.11
N GLY A 353 -4.11 -25.47 -54.49
CA GLY A 353 -4.36 -26.73 -55.22
C GLY A 353 -3.12 -27.62 -55.28
N LYS A 354 -1.94 -27.15 -54.64
CA LYS A 354 -0.73 -28.01 -54.55
C LYS A 354 -0.35 -28.17 -53.08
N LYS A 355 -0.24 -27.08 -52.31
CA LYS A 355 0.31 -27.08 -50.96
C LYS A 355 -0.60 -26.25 -50.05
N PRO A 356 -0.47 -26.42 -48.74
CA PRO A 356 -1.45 -25.82 -47.81
C PRO A 356 -1.38 -24.31 -47.82
N PRO A 357 -2.53 -23.64 -47.74
CA PRO A 357 -2.53 -22.20 -47.51
C PRO A 357 -2.17 -21.93 -46.06
N ARG A 358 -2.19 -20.67 -45.65
CA ARG A 358 -2.04 -20.30 -44.25
C ARG A 358 -3.29 -19.57 -43.83
N ILE A 359 -4.00 -20.13 -42.86
CA ILE A 359 -5.30 -19.62 -42.42
C ILE A 359 -5.24 -19.39 -40.92
N ALA A 360 -5.55 -18.18 -40.48
CA ALA A 360 -5.56 -17.86 -39.06
C ALA A 360 -6.94 -17.33 -38.71
N CYS A 361 -7.54 -17.90 -37.65
CA CYS A 361 -8.89 -17.56 -37.23
C CYS A 361 -8.85 -17.01 -35.81
N TYR A 362 -9.50 -15.86 -35.59
CA TYR A 362 -9.63 -15.27 -34.25
C TYR A 362 -11.06 -14.76 -34.11
N GLY A 363 -11.90 -15.50 -33.39
CA GLY A 363 -13.30 -15.12 -33.32
C GLY A 363 -13.88 -15.13 -34.72
N ASP A 364 -14.46 -14.01 -35.15
CA ASP A 364 -15.00 -13.94 -36.50
C ASP A 364 -14.03 -13.28 -37.47
N ASP A 365 -12.77 -13.08 -37.04
CA ASP A 365 -11.75 -12.45 -37.88
C ASP A 365 -10.85 -13.53 -38.50
N THR A 366 -10.40 -13.29 -39.74
CA THR A 366 -9.59 -14.27 -40.44
C THR A 366 -8.49 -13.58 -41.24
N ASP A 367 -7.36 -14.28 -41.39
CA ASP A 367 -6.26 -13.86 -42.25
C ASP A 367 -5.89 -15.07 -43.09
N ILE A 368 -6.02 -14.95 -44.41
CA ILE A 368 -5.87 -16.06 -45.34
C ILE A 368 -4.78 -15.74 -46.34
N TYR A 369 -3.85 -16.66 -46.53
CA TYR A 369 -2.76 -16.51 -47.47
C TYR A 369 -2.70 -17.74 -48.35
N TYR A 370 -2.48 -17.51 -49.65
CA TYR A 370 -2.20 -18.59 -50.59
C TYR A 370 -1.32 -18.01 -51.68
N ARG A 371 -0.71 -18.90 -52.48
CA ARG A 371 0.08 -18.48 -53.62
C ARG A 371 -0.62 -18.89 -54.91
N LYS A 372 -0.53 -18.04 -55.92
CA LYS A 372 -1.00 -18.34 -57.25
C LYS A 372 0.11 -17.95 -58.21
N ASP A 373 0.56 -18.92 -59.02
CA ASP A 373 1.74 -18.73 -59.86
C ASP A 373 2.91 -18.24 -59.02
N GLY A 374 3.01 -18.75 -57.79
CA GLY A 374 4.10 -18.40 -56.89
C GLY A 374 3.93 -17.13 -56.11
N LYS A 375 3.00 -16.26 -56.49
CA LYS A 375 2.86 -14.97 -55.81
C LYS A 375 1.92 -15.11 -54.62
N LEU A 376 2.29 -14.45 -53.52
CA LEU A 376 1.52 -14.53 -52.28
C LEU A 376 0.36 -13.54 -52.31
N TYR A 377 -0.82 -14.03 -51.95
CA TYR A 377 -2.03 -13.24 -51.86
C TYR A 377 -2.61 -13.34 -50.45
N ARG A 378 -3.28 -12.27 -50.03
CA ARG A 378 -3.89 -12.20 -48.71
C ARG A 378 -5.37 -11.87 -48.88
N ILE A 379 -6.24 -12.64 -48.22
CA ILE A 379 -7.67 -12.36 -48.18
C ILE A 379 -8.03 -12.07 -46.74
N CYS A 380 -8.94 -11.10 -46.54
CA CYS A 380 -9.40 -10.71 -45.21
C CYS A 380 -10.92 -10.48 -45.24
N PRO A 381 -11.70 -11.54 -45.45
CA PRO A 381 -13.15 -11.37 -45.59
C PRO A 381 -13.83 -11.15 -44.23
N ASP A 382 -15.06 -10.66 -44.31
CA ASP A 382 -15.89 -10.43 -43.13
C ASP A 382 -17.08 -11.37 -43.17
N PHE A 383 -17.41 -11.93 -42.01
CA PHE A 383 -18.68 -12.63 -41.83
C PHE A 383 -19.76 -11.64 -41.40
N LYS A 384 -20.98 -11.84 -41.85
CA LYS A 384 -22.12 -11.01 -41.40
C LYS A 384 -22.82 -11.69 -40.21
N GLN A 385 -22.89 -11.01 -39.05
CA GLN A 385 -23.52 -11.55 -37.81
C GLN A 385 -23.18 -13.04 -37.65
N MET A 386 -21.90 -13.34 -37.54
CA MET A 386 -21.42 -14.75 -37.47
C MET A 386 -22.15 -15.57 -36.39
N ASP A 387 -22.47 -14.97 -35.24
CA ASP A 387 -23.07 -15.77 -34.17
C ASP A 387 -24.39 -16.40 -34.60
N GLY A 388 -25.14 -15.74 -35.48
CA GLY A 388 -26.33 -16.37 -35.99
C GLY A 388 -26.07 -17.61 -36.81
N SER A 389 -24.84 -17.76 -37.32
CA SER A 389 -24.48 -18.89 -38.15
C SER A 389 -23.84 -20.04 -37.39
N VAL A 390 -23.53 -19.87 -36.10
CA VAL A 390 -22.87 -20.91 -35.32
C VAL A 390 -23.89 -22.00 -35.00
N ASP A 391 -23.72 -23.19 -35.61
CA ASP A 391 -24.67 -24.28 -35.47
C ASP A 391 -24.50 -24.99 -34.14
N ALA A 392 -25.56 -25.66 -33.70
CA ALA A 392 -25.52 -26.36 -32.43
C ALA A 392 -24.50 -27.51 -32.43
N THR A 393 -24.29 -28.17 -33.57
CA THR A 393 -23.33 -29.27 -33.60
C THR A 393 -21.91 -28.78 -33.31
N THR A 394 -21.52 -27.64 -33.90
CA THR A 394 -20.23 -27.03 -33.58
C THR A 394 -20.14 -26.71 -32.10
N ILE A 395 -21.19 -26.11 -31.55
CA ILE A 395 -21.13 -25.72 -30.14
C ILE A 395 -20.92 -26.94 -29.26
N GLU A 396 -21.68 -28.00 -29.50
CA GLU A 396 -21.52 -29.21 -28.67
C GLU A 396 -20.15 -29.85 -28.87
N ALA A 397 -19.64 -29.81 -30.10
CA ALA A 397 -18.32 -30.41 -30.37
C ALA A 397 -17.21 -29.63 -29.66
N VAL A 398 -17.33 -28.30 -29.61
CA VAL A 398 -16.32 -27.51 -28.93
C VAL A 398 -16.34 -27.81 -27.44
N VAL A 399 -17.53 -27.87 -26.85
CA VAL A 399 -17.60 -28.18 -25.43
C VAL A 399 -17.01 -29.56 -25.16
N ASP A 400 -17.39 -30.54 -25.98
CA ASP A 400 -16.86 -31.90 -25.81
C ASP A 400 -15.34 -31.91 -25.96
N TYR A 401 -14.81 -31.13 -26.90
CA TYR A 401 -13.36 -31.10 -27.12
C TYR A 401 -12.64 -30.53 -25.89
N VAL A 402 -13.15 -29.42 -25.36
CA VAL A 402 -12.56 -28.78 -24.17
C VAL A 402 -12.69 -29.68 -22.94
N VAL A 403 -13.88 -30.24 -22.71
CA VAL A 403 -14.07 -31.14 -21.56
C VAL A 403 -13.16 -32.36 -21.70
N ASP A 404 -13.17 -32.99 -22.87
CA ASP A 404 -12.36 -34.19 -23.07
C ASP A 404 -10.88 -33.89 -22.89
N ALA A 405 -10.42 -32.71 -23.34
CA ALA A 405 -9.02 -32.37 -23.16
C ALA A 405 -8.63 -32.43 -21.69
N HIS A 406 -9.49 -31.89 -20.83
CA HIS A 406 -9.23 -31.89 -19.41
C HIS A 406 -9.34 -33.30 -18.82
N VAL A 407 -10.40 -34.03 -19.16
CA VAL A 407 -10.59 -35.33 -18.53
C VAL A 407 -9.62 -36.38 -19.05
N LYS A 408 -9.06 -36.21 -20.25
CA LYS A 408 -7.95 -37.06 -20.68
C LYS A 408 -6.74 -36.86 -19.78
N GLN A 409 -6.44 -35.60 -19.46
CA GLN A 409 -5.30 -35.30 -18.59
C GLN A 409 -5.59 -35.58 -17.12
N TYR A 410 -6.83 -35.40 -16.69
CA TYR A 410 -7.22 -35.53 -15.28
C TYR A 410 -8.50 -36.36 -15.21
N PRO A 411 -8.39 -37.68 -15.45
CA PRO A 411 -9.61 -38.50 -15.62
C PRO A 411 -10.43 -38.69 -14.35
N THR A 412 -9.88 -38.42 -13.15
CA THR A 412 -10.66 -38.68 -11.94
C THR A 412 -11.79 -37.66 -11.73
N ALA A 413 -11.87 -36.61 -12.54
CA ALA A 413 -12.93 -35.60 -12.45
C ALA A 413 -13.79 -35.56 -13.70
N ARG A 414 -13.81 -36.65 -14.47
CA ARG A 414 -14.55 -36.68 -15.73
C ARG A 414 -16.04 -36.37 -15.54
N GLN A 415 -16.69 -37.06 -14.59
CA GLN A 415 -18.15 -36.96 -14.54
C GLN A 415 -18.62 -35.58 -14.11
N PHE A 416 -17.94 -34.97 -13.14
CA PHE A 416 -18.33 -33.62 -12.74
C PHE A 416 -18.25 -32.66 -13.93
N TRP A 417 -17.12 -32.66 -14.64
CA TRP A 417 -16.95 -31.68 -15.70
C TRP A 417 -17.78 -32.00 -16.94
N GLU A 418 -18.19 -33.26 -17.14
CA GLU A 418 -19.16 -33.54 -18.19
C GLU A 418 -20.52 -32.94 -17.86
N GLU A 419 -20.91 -32.92 -16.57
CA GLU A 419 -22.13 -32.20 -16.20
C GLU A 419 -21.99 -30.70 -16.45
N VAL A 420 -20.81 -30.12 -16.16
CA VAL A 420 -20.62 -28.70 -16.42
C VAL A 420 -20.73 -28.41 -17.91
N GLY A 421 -20.15 -29.30 -18.74
CA GLY A 421 -20.25 -29.12 -20.17
C GLY A 421 -21.70 -29.08 -20.67
N LYS A 422 -22.58 -29.89 -20.05
CA LYS A 422 -23.99 -29.81 -20.44
C LYS A 422 -24.57 -28.44 -20.10
N LEU A 423 -24.21 -27.90 -18.93
CA LEU A 423 -24.64 -26.55 -18.57
C LEU A 423 -24.12 -25.53 -19.58
N TRP A 424 -22.86 -25.67 -19.97
CA TRP A 424 -22.25 -24.78 -20.96
C TRP A 424 -23.01 -24.81 -22.27
N VAL A 425 -23.34 -26.00 -22.78
CA VAL A 425 -24.04 -26.07 -24.05
C VAL A 425 -25.37 -25.35 -23.94
N GLU A 426 -26.09 -25.60 -22.83
CA GLU A 426 -27.37 -24.94 -22.58
C GLU A 426 -27.21 -23.42 -22.55
N MET A 427 -26.19 -22.93 -21.86
CA MET A 427 -25.97 -21.48 -21.78
C MET A 427 -25.70 -20.86 -23.14
N ALA A 428 -24.98 -21.58 -24.00
CA ALA A 428 -24.64 -21.08 -25.33
C ALA A 428 -25.80 -21.12 -26.32
N THR A 429 -26.86 -21.89 -26.06
CA THR A 429 -27.89 -22.14 -27.08
C THR A 429 -29.32 -21.85 -26.63
N GLN A 430 -29.65 -22.09 -25.35
CA GLN A 430 -31.05 -22.17 -24.97
C GLN A 430 -31.42 -21.50 -23.65
N SER A 431 -30.52 -20.76 -23.01
CA SER A 431 -30.88 -20.09 -21.77
C SER A 431 -32.13 -19.24 -21.98
N PRO A 432 -33.09 -19.28 -21.07
CA PRO A 432 -34.16 -18.28 -21.10
C PRO A 432 -33.59 -16.92 -20.73
N PHE A 433 -34.23 -15.84 -21.22
CA PHE A 433 -33.68 -14.51 -20.96
C PHE A 433 -34.76 -13.45 -20.96
N LEU A 434 -34.52 -12.39 -20.19
CA LEU A 434 -35.30 -11.17 -20.24
C LEU A 434 -34.71 -10.24 -21.30
N ILE A 435 -35.56 -9.36 -21.83
CA ILE A 435 -35.09 -8.28 -22.69
C ILE A 435 -35.46 -6.94 -22.05
N ASP A 436 -36.77 -6.75 -21.87
CA ASP A 436 -37.30 -5.50 -21.32
C ASP A 436 -38.66 -5.81 -20.73
N GLY A 437 -38.85 -5.49 -19.45
CA GLY A 437 -40.04 -5.92 -18.74
C GLY A 437 -39.86 -7.32 -18.16
N THR A 438 -41.00 -7.99 -17.91
CA THR A 438 -41.00 -9.30 -17.25
C THR A 438 -41.08 -10.48 -18.21
N LYS A 439 -41.33 -10.24 -19.50
CA LYS A 439 -41.48 -11.37 -20.42
C LYS A 439 -40.16 -12.14 -20.53
N VAL A 440 -40.23 -13.45 -20.34
CA VAL A 440 -39.06 -14.30 -20.48
C VAL A 440 -39.11 -14.92 -21.87
N TYR A 441 -37.97 -14.93 -22.55
CA TYR A 441 -37.89 -15.44 -23.90
C TYR A 441 -36.86 -16.56 -23.97
N ARG A 442 -36.91 -17.26 -25.10
CA ARG A 442 -35.95 -18.30 -25.45
C ARG A 442 -35.84 -18.34 -26.98
N LYS A 443 -34.62 -18.58 -27.49
CA LYS A 443 -34.42 -18.80 -28.91
C LYS A 443 -35.21 -20.03 -29.39
N MET A 444 -35.81 -19.92 -30.57
CA MET A 444 -36.65 -21.02 -31.06
C MET A 444 -35.85 -22.28 -31.31
N GLN A 445 -34.60 -22.14 -31.73
CA GLN A 445 -33.75 -23.31 -32.05
C GLN A 445 -32.43 -23.26 -31.28
N LYS A 446 -31.77 -24.42 -31.19
CA LYS A 446 -30.45 -24.49 -30.51
C LYS A 446 -29.40 -23.77 -31.37
N ASP A 447 -29.55 -23.85 -32.68
CA ASP A 447 -28.62 -23.17 -33.63
C ASP A 447 -28.56 -21.68 -33.31
N GLY A 448 -27.39 -21.09 -33.48
CA GLY A 448 -27.21 -19.69 -33.18
C GLY A 448 -26.59 -19.54 -31.81
N LEU A 449 -25.47 -18.83 -31.75
CA LEU A 449 -24.72 -18.70 -30.50
C LEU A 449 -25.26 -17.53 -29.70
N MET A 450 -25.47 -17.76 -28.41
CA MET A 450 -25.88 -16.67 -27.54
C MET A 450 -24.67 -15.84 -27.13
N THR A 451 -24.33 -14.88 -28.01
CA THR A 451 -23.22 -13.94 -27.86
C THR A 451 -23.08 -13.44 -26.43
N GLY A 452 -21.87 -13.58 -25.89
CA GLY A 452 -21.58 -13.17 -24.54
C GLY A 452 -21.43 -14.32 -23.59
N VAL A 453 -21.96 -15.48 -23.94
CA VAL A 453 -21.70 -16.67 -23.14
C VAL A 453 -20.19 -16.86 -23.01
N VAL A 454 -19.75 -17.33 -21.85
CA VAL A 454 -18.36 -17.73 -21.72
C VAL A 454 -17.98 -18.62 -22.88
N GLY A 455 -16.80 -18.39 -23.46
CA GLY A 455 -16.33 -19.16 -24.60
C GLY A 455 -16.79 -18.65 -25.95
N THR A 456 -17.51 -17.52 -26.01
CA THR A 456 -17.99 -17.00 -27.29
C THR A 456 -16.88 -16.96 -28.33
N THR A 457 -15.71 -16.41 -27.96
CA THR A 457 -14.65 -16.24 -28.95
C THR A 457 -14.20 -17.58 -29.50
N LEU A 458 -14.06 -18.58 -28.63
CA LEU A 458 -13.65 -19.91 -29.09
C LEU A 458 -14.71 -20.55 -29.99
N PHE A 459 -16.00 -20.43 -29.63
CA PHE A 459 -17.04 -20.99 -30.50
C PHE A 459 -16.96 -20.38 -31.90
N ASP A 460 -16.84 -19.05 -31.98
CA ASP A 460 -16.69 -18.38 -33.28
C ASP A 460 -15.46 -18.88 -34.02
N THR A 461 -14.33 -18.98 -33.31
CA THR A 461 -13.08 -19.37 -33.94
C THR A 461 -13.17 -20.76 -34.54
N VAL A 462 -13.83 -21.68 -33.83
CA VAL A 462 -13.90 -23.05 -34.33
C VAL A 462 -14.80 -23.12 -35.55
N LYS A 463 -15.97 -22.48 -35.49
CA LYS A 463 -16.89 -22.51 -36.62
C LYS A 463 -16.22 -21.97 -37.88
N SER A 464 -15.52 -20.85 -37.75
CA SER A 464 -14.78 -20.28 -38.86
C SER A 464 -13.71 -21.24 -39.37
N ALA A 465 -12.92 -21.79 -38.46
CA ALA A 465 -11.82 -22.68 -38.88
C ALA A 465 -12.37 -23.94 -39.56
N LEU A 466 -13.46 -24.51 -39.04
CA LEU A 466 -14.06 -25.65 -39.71
C LEU A 466 -14.46 -25.31 -41.13
N ALA A 467 -15.02 -24.12 -41.33
CA ALA A 467 -15.43 -23.70 -42.66
C ALA A 467 -14.22 -23.47 -43.56
N TYR A 468 -13.19 -22.80 -43.05
CA TYR A 468 -12.00 -22.54 -43.86
C TYR A 468 -11.17 -23.80 -44.08
N ASN A 469 -11.18 -24.73 -43.10
CA ASN A 469 -10.53 -26.01 -43.32
C ASN A 469 -11.17 -26.76 -44.49
N ASP A 470 -12.50 -26.75 -44.56
CA ASP A 470 -13.19 -27.41 -45.67
C ASP A 470 -12.89 -26.69 -46.98
N TRP A 471 -12.83 -25.36 -46.94
CA TRP A 471 -12.45 -24.57 -48.12
C TRP A 471 -11.09 -25.00 -48.63
N ALA A 472 -10.11 -25.11 -47.73
CA ALA A 472 -8.78 -25.52 -48.12
C ALA A 472 -8.78 -26.94 -48.69
N ASP A 473 -9.58 -27.85 -48.09
CA ASP A 473 -9.72 -29.18 -48.66
C ASP A 473 -10.21 -29.10 -50.10
N GLN A 474 -11.18 -28.22 -50.37
CA GLN A 474 -11.73 -28.13 -51.71
C GLN A 474 -10.70 -27.60 -52.69
N LEU A 475 -9.81 -26.70 -52.24
CA LEU A 475 -8.72 -26.28 -53.12
C LEU A 475 -7.87 -27.47 -53.51
N MET A 476 -7.51 -28.31 -52.52
CA MET A 476 -6.70 -29.50 -52.81
C MET A 476 -7.45 -30.47 -53.69
N PHE A 477 -8.79 -30.48 -53.59
CA PHE A 477 -9.60 -31.30 -54.50
C PHE A 477 -9.62 -30.75 -55.92
N GLY A 478 -9.11 -29.54 -56.12
CA GLY A 478 -9.01 -28.93 -57.44
C GLY A 478 -10.00 -27.81 -57.74
N SER A 479 -10.86 -27.45 -56.79
CA SER A 479 -11.90 -26.45 -57.06
C SER A 479 -11.30 -25.05 -56.86
N LEU A 480 -10.39 -24.70 -57.76
CA LEU A 480 -9.64 -23.46 -57.59
C LEU A 480 -10.49 -22.22 -57.81
N ASN A 481 -11.71 -22.34 -58.32
CA ASN A 481 -12.57 -21.17 -58.40
C ASN A 481 -13.05 -20.70 -57.04
N LEU A 482 -12.86 -21.50 -55.98
CA LEU A 482 -13.13 -21.02 -54.63
C LEU A 482 -12.16 -19.92 -54.19
N LEU A 483 -11.14 -19.60 -54.99
CA LEU A 483 -10.31 -18.42 -54.77
C LEU A 483 -11.03 -17.12 -55.11
N GLU A 484 -12.15 -17.22 -55.83
CA GLU A 484 -12.88 -16.08 -56.37
C GLU A 484 -14.09 -15.78 -55.49
N GLU A 485 -14.34 -14.49 -55.28
CA GLU A 485 -15.39 -14.06 -54.35
C GLU A 485 -16.71 -14.73 -54.65
N LYS A 486 -17.16 -14.67 -55.90
CA LYS A 486 -18.47 -15.18 -56.27
C LYS A 486 -18.68 -16.61 -55.80
N TYR A 487 -17.70 -17.49 -56.05
CA TYR A 487 -17.83 -18.89 -55.67
C TYR A 487 -17.54 -19.11 -54.19
N ALA A 488 -16.61 -18.34 -53.61
CA ALA A 488 -16.34 -18.47 -52.18
C ALA A 488 -17.59 -18.13 -51.38
N ILE A 489 -18.26 -17.03 -51.73
CA ILE A 489 -19.45 -16.62 -50.98
C ILE A 489 -20.51 -17.71 -51.06
N GLU A 490 -20.71 -18.26 -52.25
CA GLU A 490 -21.69 -19.34 -52.41
C GLU A 490 -21.30 -20.56 -51.61
N PHE A 491 -20.00 -20.90 -51.62
CA PHE A 491 -19.55 -22.07 -50.87
C PHE A 491 -19.80 -21.91 -49.38
N PHE A 492 -19.41 -20.76 -48.79
CA PHE A 492 -19.56 -20.61 -47.34
C PHE A 492 -21.03 -20.60 -46.94
N LYS A 493 -21.89 -20.03 -47.78
CA LYS A 493 -23.33 -20.03 -47.49
C LYS A 493 -23.93 -21.43 -47.57
N ASN A 494 -23.73 -22.12 -48.69
CA ASN A 494 -24.40 -23.39 -48.93
C ASN A 494 -23.79 -24.51 -48.09
N LYS A 495 -22.48 -24.51 -47.95
CA LYS A 495 -21.83 -25.62 -47.26
C LYS A 495 -21.63 -25.36 -45.77
N HIS A 496 -21.73 -24.10 -45.31
CA HIS A 496 -21.47 -23.82 -43.90
C HIS A 496 -22.43 -22.82 -43.27
N GLY A 497 -23.43 -22.33 -44.00
CA GLY A 497 -24.38 -21.40 -43.40
C GLY A 497 -23.75 -20.09 -42.98
N LEU A 498 -22.60 -19.74 -43.53
CA LEU A 498 -21.90 -18.51 -43.19
C LEU A 498 -22.09 -17.48 -44.28
N VAL A 499 -22.35 -16.23 -43.89
CA VAL A 499 -22.53 -15.15 -44.85
C VAL A 499 -21.23 -14.33 -44.90
N ILE A 500 -20.56 -14.40 -46.05
CA ILE A 500 -19.37 -13.54 -46.26
C ILE A 500 -19.89 -12.24 -46.90
N LYS A 501 -19.62 -11.12 -46.27
CA LYS A 501 -20.09 -9.80 -46.76
C LYS A 501 -19.55 -9.56 -48.18
N GLU A 502 -20.44 -9.20 -49.08
CA GLU A 502 -20.04 -8.91 -50.47
C GLU A 502 -19.03 -7.76 -50.51
N GLY A 503 -17.97 -7.91 -51.28
CA GLY A 503 -16.91 -6.90 -51.36
C GLY A 503 -15.76 -7.11 -50.39
N THR A 504 -15.85 -8.10 -49.50
CA THR A 504 -14.81 -8.31 -48.46
C THR A 504 -13.85 -9.44 -48.86
N TRP A 505 -14.13 -10.16 -49.94
CA TRP A 505 -13.28 -11.23 -50.43
C TRP A 505 -12.51 -10.67 -51.62
N LYS A 506 -11.37 -10.06 -51.32
CA LYS A 506 -10.59 -9.30 -52.30
C LYS A 506 -9.13 -9.65 -52.10
N PRO A 507 -8.66 -10.75 -52.69
CA PRO A 507 -7.27 -11.14 -52.50
C PRO A 507 -6.31 -10.03 -52.91
N ALA A 508 -5.31 -9.77 -52.08
CA ALA A 508 -4.38 -8.68 -52.32
C ALA A 508 -2.96 -9.23 -52.43
N LEU A 509 -2.24 -8.72 -53.42
CA LEU A 509 -0.83 -9.04 -53.58
C LEU A 509 -0.06 -8.61 -52.33
N VAL A 510 0.60 -9.57 -51.69
CA VAL A 510 1.37 -9.25 -50.48
C VAL A 510 2.72 -8.69 -50.88
N ASN A 511 3.14 -7.63 -50.19
CA ASN A 511 4.52 -7.15 -50.26
C ASN A 511 5.32 -8.01 -49.27
N GLU A 512 5.97 -9.07 -49.78
CA GLU A 512 6.47 -10.12 -48.88
C GLU A 512 7.63 -9.66 -48.02
N ASP A 513 8.40 -8.69 -48.48
CA ASP A 513 9.57 -8.18 -47.75
C ASP A 513 9.53 -6.67 -47.84
N PRO A 514 8.68 -6.03 -47.06
CA PRO A 514 8.44 -4.60 -47.27
C PRO A 514 9.67 -3.78 -46.94
N GLY A 515 9.84 -2.69 -47.67
CA GLY A 515 10.89 -1.74 -47.34
C GLY A 515 10.48 -0.86 -46.18
N PHE A 516 11.45 -0.08 -45.68
CA PHE A 516 11.18 0.83 -44.58
C PHE A 516 10.00 1.74 -44.91
N GLY A 517 9.06 1.82 -43.98
CA GLY A 517 7.86 2.60 -44.17
C GLY A 517 6.79 1.98 -45.05
N GLU A 518 7.00 0.77 -45.56
CA GLU A 518 6.03 0.14 -46.46
C GLU A 518 5.10 -0.82 -45.73
N LEU A 519 3.92 -1.00 -46.30
CA LEU A 519 2.91 -1.91 -45.75
C LEU A 519 3.07 -3.32 -46.30
N TRP A 520 2.65 -4.30 -45.49
CA TRP A 520 2.49 -5.68 -45.93
C TRP A 520 1.39 -5.80 -47.00
N THR A 521 0.16 -5.45 -46.61
CA THR A 521 -0.89 -5.02 -47.54
C THR A 521 -1.62 -3.89 -46.83
N GLU A 522 -2.65 -3.36 -47.49
CA GLU A 522 -3.50 -2.34 -46.88
C GLU A 522 -4.58 -2.94 -46.01
N GLN A 523 -4.72 -4.27 -45.97
CA GLN A 523 -5.79 -4.87 -45.21
C GLN A 523 -5.47 -4.87 -43.72
N LYS A 524 -6.51 -5.10 -42.93
CA LYS A 524 -6.40 -5.14 -41.49
C LYS A 524 -6.69 -6.56 -41.00
N PHE A 525 -6.03 -6.94 -39.92
CA PHE A 525 -6.32 -8.16 -39.17
C PHE A 525 -6.29 -7.77 -37.69
N LEU A 526 -7.28 -8.21 -36.95
CA LEU A 526 -7.41 -7.80 -35.54
C LEU A 526 -7.38 -6.27 -35.42
N GLY A 527 -7.94 -5.57 -36.41
CA GLY A 527 -8.09 -4.14 -36.34
C GLY A 527 -6.88 -3.32 -36.77
N LEU A 528 -5.79 -3.96 -37.19
CA LEU A 528 -4.55 -3.23 -37.48
C LEU A 528 -3.93 -3.70 -38.79
N GLN A 529 -3.25 -2.76 -39.46
CA GLN A 529 -2.38 -3.09 -40.57
C GLN A 529 -1.01 -3.54 -40.07
N LEU A 530 -0.25 -4.17 -40.95
CA LEU A 530 1.10 -4.61 -40.68
C LEU A 530 2.06 -3.78 -41.52
N LYS A 531 3.07 -3.20 -40.87
CA LYS A 531 4.01 -2.27 -41.48
C LYS A 531 5.42 -2.64 -41.07
N VAL A 532 6.38 -2.26 -41.90
CA VAL A 532 7.80 -2.36 -41.56
C VAL A 532 8.35 -0.96 -41.35
N VAL A 533 9.04 -0.76 -40.23
CA VAL A 533 9.73 0.51 -39.97
C VAL A 533 11.16 0.20 -39.58
N ARG A 534 11.95 1.25 -39.49
CA ARG A 534 13.39 1.13 -39.25
C ARG A 534 13.74 1.33 -37.79
N ARG A 535 14.62 0.46 -37.29
CA ARG A 535 15.32 0.67 -36.02
C ARG A 535 16.79 0.40 -36.28
N GLU A 536 17.61 1.43 -36.11
CA GLU A 536 19.02 1.32 -36.52
C GLU A 536 19.05 1.11 -38.02
N ASN A 537 19.45 -0.09 -38.42
CA ASN A 537 19.36 -0.47 -39.82
C ASN A 537 18.57 -1.76 -39.97
N GLU A 538 17.76 -2.09 -38.99
CA GLU A 538 16.99 -3.32 -39.00
C GLU A 538 15.54 -3.00 -39.34
N LYS A 539 14.89 -3.94 -40.00
CA LYS A 539 13.46 -3.88 -40.23
C LYS A 539 12.73 -4.36 -38.98
N VAL A 540 11.71 -3.61 -38.55
CA VAL A 540 10.85 -4.02 -37.45
C VAL A 540 9.42 -4.01 -37.96
N TYR A 541 8.72 -5.13 -37.77
CA TYR A 541 7.31 -5.25 -38.14
C TYR A 541 6.45 -4.72 -36.99
N VAL A 542 5.53 -3.81 -37.32
CA VAL A 542 4.73 -3.10 -36.32
C VAL A 542 3.32 -2.93 -36.86
N PRO A 543 2.35 -2.73 -35.94
CA PRO A 543 0.99 -2.41 -36.37
C PRO A 543 0.89 -0.97 -36.86
N ASN A 544 -0.14 -0.72 -37.68
CA ASN A 544 -0.30 0.58 -38.29
C ASN A 544 -1.77 0.79 -38.64
N LEU A 545 -2.17 2.06 -38.77
CA LEU A 545 -3.48 2.42 -39.29
C LEU A 545 -3.37 3.73 -40.03
N PRO A 546 -4.24 3.98 -41.01
CA PRO A 546 -4.33 5.33 -41.58
C PRO A 546 -4.74 6.33 -40.48
N PHE A 547 -4.39 7.60 -40.70
CA PHE A 547 -4.73 8.64 -39.75
C PHE A 547 -6.21 8.63 -39.40
N GLU A 548 -7.08 8.51 -40.41
CA GLU A 548 -8.53 8.60 -40.18
C GLU A 548 -9.00 7.55 -39.19
N ASP A 549 -8.38 6.36 -39.20
CA ASP A 549 -8.83 5.33 -38.28
C ASP A 549 -8.37 5.61 -36.86
N TRP A 550 -7.13 6.08 -36.67
CA TRP A 550 -6.71 6.53 -35.33
C TRP A 550 -7.62 7.65 -34.84
N LEU A 551 -7.98 8.58 -35.73
CA LEU A 551 -8.80 9.73 -35.36
C LEU A 551 -10.18 9.29 -34.89
N THR A 552 -10.80 8.31 -35.60
CA THR A 552 -12.09 7.79 -35.19
C THR A 552 -12.04 7.26 -33.76
N MET A 553 -11.05 6.41 -33.45
CA MET A 553 -10.92 5.92 -32.09
C MET A 553 -10.69 7.05 -31.09
N TRP A 554 -9.78 7.97 -31.43
CA TRP A 554 -9.47 9.09 -30.54
C TRP A 554 -10.73 9.87 -30.16
N VAL A 555 -11.55 10.23 -31.14
CA VAL A 555 -12.66 11.15 -30.87
C VAL A 555 -13.90 10.46 -30.34
N THR A 556 -13.92 9.13 -30.23
CA THR A 556 -15.07 8.43 -29.68
C THR A 556 -14.63 7.60 -28.49
N PRO A 557 -14.21 8.24 -27.40
CA PRO A 557 -13.87 7.49 -26.18
C PRO A 557 -15.09 6.74 -25.67
N ARG A 558 -14.80 5.54 -25.16
CA ARG A 558 -15.86 4.67 -24.62
C ARG A 558 -16.19 5.09 -23.19
N SER A 559 -16.69 6.31 -23.03
CA SER A 559 -17.07 6.85 -21.70
C SER A 559 -18.16 7.89 -21.93
N LYS A 560 -19.15 7.95 -21.05
CA LYS A 560 -20.24 8.97 -21.17
C LYS A 560 -19.97 10.17 -20.25
N TYR A 561 -20.68 11.28 -20.45
CA TYR A 561 -20.58 12.46 -19.55
C TYR A 561 -20.61 12.00 -18.10
N ARG A 562 -19.53 12.26 -17.36
CA ARG A 562 -19.53 11.91 -15.91
C ARG A 562 -19.24 13.19 -15.12
N SER A 563 -20.26 13.73 -14.45
CA SER A 563 -20.10 14.97 -13.66
C SER A 563 -19.04 14.76 -12.57
N LYS A 564 -18.91 13.52 -12.07
CA LYS A 564 -17.85 13.20 -11.07
C LYS A 564 -16.48 13.50 -11.65
N GLU A 565 -16.24 13.09 -12.90
CA GLU A 565 -14.90 13.28 -13.52
C GLU A 565 -14.48 14.73 -13.31
N THR A 566 -13.38 14.94 -12.58
CA THR A 566 -12.87 16.30 -12.30
C THR A 566 -12.04 16.77 -13.50
N GLU A 567 -11.80 18.07 -13.59
CA GLU A 567 -10.95 18.60 -14.67
C GLU A 567 -9.63 17.83 -14.69
N THR A 568 -9.08 17.54 -13.51
CA THR A 568 -7.79 16.84 -13.44
C THR A 568 -7.90 15.44 -14.03
N MET A 569 -8.97 14.71 -13.66
CA MET A 569 -9.17 13.37 -14.20
C MET A 569 -9.36 13.39 -15.71
N ARG A 570 -10.10 14.38 -16.22
CA ARG A 570 -10.34 14.43 -17.66
C ARG A 570 -9.05 14.74 -18.39
N GLU A 571 -8.25 15.64 -17.82
CA GLU A 571 -6.93 15.95 -18.35
C GLU A 571 -6.04 14.72 -18.35
N ARG A 572 -6.05 13.96 -17.25
CA ARG A 572 -5.21 12.77 -17.18
C ARG A 572 -5.69 11.70 -18.16
N THR A 573 -7.01 11.60 -18.35
CA THR A 573 -7.57 10.62 -19.29
C THR A 573 -7.03 10.84 -20.70
N LEU A 574 -7.03 12.09 -21.16
CA LEU A 574 -6.50 12.39 -22.49
C LEU A 574 -5.04 11.97 -22.60
N PHE A 575 -4.23 12.29 -21.59
CA PHE A 575 -2.85 11.86 -21.58
C PHE A 575 -2.73 10.33 -21.69
N ASP A 576 -3.52 9.60 -20.89
CA ASP A 576 -3.41 8.14 -20.89
C ASP A 576 -3.87 7.56 -22.22
N ARG A 577 -4.97 8.08 -22.77
CA ARG A 577 -5.46 7.57 -24.06
C ARG A 577 -4.47 7.88 -25.18
N ALA A 578 -3.83 9.05 -25.12
CA ALA A 578 -2.80 9.36 -26.10
C ALA A 578 -1.64 8.37 -26.02
N ARG A 579 -1.18 8.08 -24.80
CA ARG A 579 -0.14 7.06 -24.65
C ARG A 579 -0.60 5.73 -25.22
N GLY A 580 -1.86 5.35 -24.94
CA GLY A 580 -2.37 4.07 -25.38
C GLY A 580 -2.38 3.93 -26.89
N LEU A 581 -2.85 4.98 -27.59
CA LEU A 581 -2.88 4.92 -29.05
C LEU A 581 -1.46 4.93 -29.62
N LEU A 582 -0.56 5.72 -29.06
CA LEU A 582 0.81 5.69 -29.55
C LEU A 582 1.40 4.28 -29.47
N VAL A 583 1.20 3.60 -28.34
CA VAL A 583 1.77 2.26 -28.18
C VAL A 583 1.09 1.28 -29.13
N THR A 584 -0.18 1.49 -29.42
CA THR A 584 -0.88 0.59 -30.33
C THR A 584 -0.43 0.75 -31.78
N GLY A 585 0.25 1.83 -32.11
CA GLY A 585 0.79 1.98 -33.44
C GLY A 585 0.64 3.38 -33.99
N ALA A 586 -0.08 4.25 -33.27
CA ALA A 586 -0.26 5.61 -33.76
C ALA A 586 1.06 6.35 -33.88
N VAL A 587 2.09 5.94 -33.13
CA VAL A 587 3.39 6.58 -33.27
C VAL A 587 4.00 6.34 -34.65
N PHE A 588 3.46 5.40 -35.43
CA PHE A 588 4.01 5.10 -36.73
C PHE A 588 3.27 5.80 -37.86
N ASP A 589 2.27 6.62 -37.55
CA ASP A 589 1.61 7.48 -38.53
C ASP A 589 1.88 8.94 -38.20
N GLU A 590 2.35 9.69 -39.20
CA GLU A 590 2.83 11.04 -38.94
C GLU A 590 1.78 11.89 -38.26
N ARG A 591 0.57 11.92 -38.83
CA ARG A 591 -0.46 12.78 -38.27
C ARG A 591 -0.94 12.25 -36.92
N ALA A 592 -1.22 10.94 -36.84
CA ALA A 592 -1.66 10.39 -35.56
C ALA A 592 -0.61 10.61 -34.49
N ARG A 593 0.66 10.36 -34.83
CA ARG A 593 1.74 10.63 -33.89
C ARG A 593 1.74 12.10 -33.46
N GLY A 594 1.53 13.01 -34.41
CA GLY A 594 1.58 14.43 -34.08
C GLY A 594 0.41 14.88 -33.24
N LEU A 595 -0.75 14.25 -33.41
CA LEU A 595 -1.91 14.61 -32.61
C LEU A 595 -1.73 14.13 -31.17
N MET A 596 -1.35 12.86 -31.00
CA MET A 596 -1.14 12.33 -29.66
C MET A 596 -0.05 13.11 -28.95
N GLY A 597 1.02 13.46 -29.67
CA GLY A 597 2.08 14.26 -29.08
C GLY A 597 1.62 15.63 -28.63
N ALA A 598 0.77 16.28 -29.43
CA ALA A 598 0.21 17.55 -28.99
C ALA A 598 -0.60 17.38 -27.71
N VAL A 599 -1.34 16.28 -27.60
CA VAL A 599 -2.12 16.05 -26.39
C VAL A 599 -1.18 15.89 -25.21
N ILE A 600 -0.13 15.08 -25.39
CA ILE A 600 0.82 14.85 -24.32
C ILE A 600 1.55 16.14 -23.94
N ASN A 601 1.98 16.92 -24.93
CA ASN A 601 2.71 18.14 -24.62
C ASN A 601 1.81 19.17 -23.94
N SER A 602 0.52 19.14 -24.21
CA SER A 602 -0.35 20.12 -23.58
C SER A 602 -0.86 19.65 -22.22
N THR A 603 -0.46 18.47 -21.77
CA THR A 603 -0.84 18.01 -20.44
C THR A 603 0.02 18.71 -19.39
N ALA A 604 -0.63 19.20 -18.34
CA ALA A 604 0.04 19.97 -17.31
C ALA A 604 1.10 19.13 -16.59
N PRO A 605 2.24 19.73 -16.21
CA PRO A 605 3.28 18.94 -15.52
C PRO A 605 2.75 18.12 -14.36
N GLU A 606 1.89 18.73 -13.52
CA GLU A 606 1.41 18.02 -12.35
C GLU A 606 0.48 16.86 -12.72
N VAL A 607 -0.20 16.94 -13.86
CA VAL A 607 -1.04 15.83 -14.30
C VAL A 607 -0.17 14.69 -14.86
N VAL A 608 0.94 15.01 -15.51
CA VAL A 608 1.87 13.98 -15.98
C VAL A 608 2.46 13.21 -14.80
N CYS A 609 2.77 13.91 -13.71
CA CYS A 609 3.57 13.33 -12.63
C CYS A 609 2.75 12.92 -11.42
N MET A 610 1.46 13.20 -11.39
CA MET A 610 0.64 12.84 -10.24
C MET A 610 0.61 11.32 -10.06
N ARG A 611 0.31 10.89 -8.85
CA ARG A 611 0.03 9.49 -8.61
C ARG A 611 -1.29 9.11 -9.26
N VAL A 612 -1.30 7.95 -9.92
CA VAL A 612 -2.49 7.45 -10.58
C VAL A 612 -2.77 6.04 -10.08
N GLN A 613 -4.05 5.67 -10.08
CA GLN A 613 -4.48 4.34 -9.64
C GLN A 613 -4.29 3.30 -10.73
N GLU A 614 -4.70 3.63 -11.95
CA GLU A 614 -4.81 2.63 -13.01
C GLU A 614 -3.46 2.00 -13.30
N GLY A 615 -3.50 0.77 -13.83
CA GLY A 615 -2.27 0.05 -14.15
C GLY A 615 -1.40 -0.22 -12.95
N GLY A 616 -1.99 -0.30 -11.75
CA GLY A 616 -1.19 -0.47 -10.55
C GLY A 616 -0.27 0.70 -10.32
N GLY A 617 -0.76 1.92 -10.60
CA GLY A 617 0.05 3.10 -10.47
C GLY A 617 0.96 3.40 -11.65
N ARG A 618 0.96 2.58 -12.70
CA ARG A 618 1.77 2.82 -13.88
C ARG A 618 1.02 3.61 -14.96
N GLY A 619 -0.25 3.88 -14.76
CA GLY A 619 -1.07 4.52 -15.77
C GLY A 619 -1.92 3.51 -16.53
N ALA A 620 -3.12 3.93 -16.90
CA ALA A 620 -4.06 3.04 -17.56
C ALA A 620 -3.44 2.37 -18.78
N PRO A 621 -3.56 1.05 -18.93
CA PRO A 621 -2.99 0.38 -20.09
C PRO A 621 -3.78 0.68 -21.35
N PRO A 622 -3.20 0.39 -22.51
CA PRO A 622 -3.91 0.65 -23.77
C PRO A 622 -5.19 -0.17 -23.85
N ALA A 623 -6.18 0.40 -24.52
CA ALA A 623 -7.46 -0.30 -24.69
C ALA A 623 -7.32 -1.52 -25.60
N TYR A 624 -6.44 -1.46 -26.59
CA TYR A 624 -6.31 -2.56 -27.55
C TYR A 624 -5.91 -3.84 -26.84
N ALA A 625 -6.63 -4.93 -27.13
CA ALA A 625 -6.59 -6.14 -26.32
C ALA A 625 -5.50 -7.12 -26.70
N PHE A 626 -4.85 -6.97 -27.85
CA PHE A 626 -3.96 -8.01 -28.37
C PHE A 626 -2.51 -7.58 -28.43
N LEU A 627 -2.07 -6.75 -27.48
CA LEU A 627 -0.65 -6.39 -27.45
C LEU A 627 0.18 -7.53 -26.91
N THR A 628 -0.34 -8.23 -25.91
CA THR A 628 0.31 -9.38 -25.30
C THR A 628 -0.72 -10.49 -25.17
N ARG A 629 -0.27 -11.72 -24.94
CA ARG A 629 -1.22 -12.83 -24.91
C ARG A 629 -2.13 -12.76 -23.68
N ASP A 630 -1.54 -12.53 -22.51
CA ASP A 630 -2.34 -12.36 -21.30
C ASP A 630 -3.32 -11.20 -21.40
N GLY A 631 -3.14 -10.29 -22.34
CA GLY A 631 -3.95 -9.10 -22.44
C GLY A 631 -3.53 -7.95 -21.52
N VAL A 632 -2.78 -8.24 -20.46
CA VAL A 632 -2.35 -7.21 -19.51
C VAL A 632 -1.04 -6.61 -20.02
N PHE A 633 -1.09 -5.34 -20.37
CA PHE A 633 0.07 -4.54 -20.72
C PHE A 633 0.34 -3.54 -19.60
N GLU A 634 1.60 -3.37 -19.25
CA GLU A 634 1.96 -2.42 -18.19
C GLU A 634 2.96 -1.40 -18.73
N PHE A 635 2.61 -0.12 -18.64
CA PHE A 635 3.60 0.91 -18.86
C PHE A 635 4.66 0.84 -17.79
N PRO A 636 5.93 1.06 -18.12
CA PRO A 636 6.97 1.07 -17.08
C PRO A 636 6.76 2.17 -16.06
N ILE A 637 6.35 3.37 -16.48
CA ILE A 637 6.21 4.49 -15.55
C ILE A 637 4.99 5.32 -15.96
N SER A 638 4.32 5.91 -14.96
CA SER A 638 3.14 6.71 -15.27
C SER A 638 3.49 8.09 -15.78
N ASP A 639 4.75 8.52 -15.69
CA ASP A 639 5.10 9.85 -16.16
C ASP A 639 6.03 9.80 -17.37
N GLY A 640 6.10 8.64 -18.06
CA GLY A 640 6.82 8.57 -19.32
C GLY A 640 5.87 8.80 -20.51
N TYR A 641 6.47 8.98 -21.69
CA TYR A 641 5.66 9.09 -22.90
C TYR A 641 6.21 8.13 -23.94
N PRO A 642 5.36 7.70 -24.89
CA PRO A 642 5.82 6.74 -25.91
C PRO A 642 6.51 7.42 -27.08
N SER A 643 7.83 7.45 -27.03
CA SER A 643 8.60 7.88 -28.17
C SER A 643 8.60 6.78 -29.23
N TYR A 644 8.92 7.18 -30.46
CA TYR A 644 9.12 6.22 -31.53
C TYR A 644 10.10 5.12 -31.12
N ASP A 645 11.27 5.49 -30.61
CA ASP A 645 12.27 4.47 -30.25
C ASP A 645 11.73 3.48 -29.23
N TRP A 646 11.03 3.97 -28.22
CA TRP A 646 10.54 3.06 -27.19
C TRP A 646 9.47 2.12 -27.75
N VAL A 647 8.50 2.65 -28.52
CA VAL A 647 7.43 1.80 -29.04
C VAL A 647 8.01 0.76 -29.99
N VAL A 648 8.93 1.17 -30.87
CA VAL A 648 9.54 0.21 -31.77
C VAL A 648 10.21 -0.91 -30.98
N SER A 649 10.84 -0.56 -29.84
CA SER A 649 11.50 -1.58 -29.03
C SER A 649 10.50 -2.59 -28.48
N LEU A 650 9.25 -2.16 -28.26
CA LEU A 650 8.22 -3.08 -27.79
C LEU A 650 7.88 -4.15 -28.84
N TYR A 651 8.00 -3.81 -30.11
CA TYR A 651 7.63 -4.73 -31.19
C TYR A 651 8.79 -5.57 -31.70
N SER A 652 9.99 -5.10 -31.39
CA SER A 652 11.22 -5.87 -31.69
C SER A 652 11.34 -7.00 -30.68
N ARG A 653 11.99 -8.08 -31.07
CA ARG A 653 12.22 -9.21 -30.14
C ARG A 653 13.47 -8.93 -29.32
N ASP A 654 13.40 -9.16 -28.02
CA ASP A 654 14.57 -8.99 -27.11
C ASP A 654 15.46 -7.82 -27.56
N HIS A 655 14.91 -6.61 -27.64
CA HIS A 655 15.74 -5.41 -27.94
C HIS A 655 15.17 -4.29 -27.06
N PRO A 656 15.48 -4.23 -25.75
CA PRO A 656 14.84 -3.29 -24.83
C PRO A 656 15.27 -1.82 -24.84
N CYS A 657 14.32 -0.92 -24.53
CA CYS A 657 14.60 0.53 -24.44
C CYS A 657 13.82 1.10 -23.25
N ASP A 658 14.43 2.00 -22.50
CA ASP A 658 13.72 2.68 -21.41
C ASP A 658 12.62 3.55 -21.98
N MET A 659 11.50 3.61 -21.28
CA MET A 659 10.47 4.59 -21.63
C MET A 659 10.96 5.98 -21.20
N PRO A 660 11.01 6.95 -22.10
CA PRO A 660 11.53 8.27 -21.72
C PRO A 660 10.59 9.01 -20.78
N ARG A 661 11.17 9.66 -19.77
CA ARG A 661 10.42 10.50 -18.85
C ARG A 661 10.09 11.83 -19.51
N VAL A 662 8.89 12.34 -19.24
CA VAL A 662 8.55 13.68 -19.70
C VAL A 662 9.38 14.72 -18.95
N PHE A 663 9.61 14.50 -17.65
CA PHE A 663 10.44 15.39 -16.82
C PHE A 663 11.58 14.58 -16.24
N PRO A 664 12.74 14.55 -16.89
CA PRO A 664 13.84 13.69 -16.39
C PRO A 664 14.18 13.90 -14.92
N GLU A 665 14.05 15.12 -14.42
CA GLU A 665 14.43 15.50 -13.06
C GLU A 665 13.25 15.43 -12.08
N ALA A 666 12.12 14.86 -12.49
CA ALA A 666 10.91 14.94 -11.67
C ALA A 666 11.13 14.37 -10.27
N ALA A 667 11.77 13.19 -10.19
CA ALA A 667 11.97 12.54 -8.90
C ALA A 667 12.66 13.48 -7.91
N THR A 668 13.80 14.07 -8.32
CA THR A 668 14.53 14.92 -7.39
C THR A 668 13.83 16.25 -7.16
N LEU A 669 13.17 16.80 -8.19
CA LEU A 669 12.41 18.04 -7.99
C LEU A 669 11.29 17.84 -6.99
N ILE A 670 10.58 16.72 -7.10
CA ILE A 670 9.48 16.44 -6.18
C ILE A 670 9.99 16.22 -4.76
N ALA A 671 11.11 15.51 -4.62
CA ALA A 671 11.70 15.27 -3.31
C ALA A 671 12.42 16.48 -2.75
N SER A 672 12.64 17.51 -3.56
CA SER A 672 13.39 18.71 -3.16
C SER A 672 14.76 18.33 -2.60
N TYR A 673 15.35 17.27 -3.17
CA TYR A 673 16.65 16.80 -2.72
C TYR A 673 17.32 16.05 -3.87
N ARG A 674 18.54 16.46 -4.22
CA ARG A 674 19.39 15.73 -5.14
C ARG A 674 20.69 15.39 -4.41
N LYS A 675 20.99 14.11 -4.32
CA LYS A 675 22.16 13.65 -3.59
C LYS A 675 23.43 14.30 -4.10
N GLN A 676 24.28 14.73 -3.17
CA GLN A 676 25.62 15.21 -3.44
C GLN A 676 26.60 14.29 -2.74
N VAL A 677 27.62 13.83 -3.46
CA VAL A 677 28.63 12.96 -2.86
C VAL A 677 29.48 13.78 -1.90
N MET A 678 29.49 13.40 -0.63
CA MET A 678 30.30 14.07 0.39
C MET A 678 31.25 13.05 0.99
N ASP A 679 32.53 13.22 0.73
CA ASP A 679 33.54 12.23 1.06
C ASP A 679 34.02 12.42 2.50
N THR A 680 33.92 11.39 3.32
CA THR A 680 34.43 11.46 4.68
C THR A 680 35.93 11.23 4.76
N ARG A 681 36.58 10.76 3.69
CA ARG A 681 37.99 10.43 3.78
C ARG A 681 38.91 11.59 3.43
N VAL A 682 38.37 12.80 3.28
CA VAL A 682 39.21 13.92 2.84
C VAL A 682 40.23 14.29 3.90
N VAL A 683 41.32 14.88 3.44
CA VAL A 683 42.32 15.47 4.31
C VAL A 683 41.84 16.86 4.69
N ILE A 684 42.08 17.26 5.93
CA ILE A 684 41.51 18.49 6.44
C ILE A 684 42.59 19.39 7.02
N THR B 24 -8.92 -4.06 -13.14
CA THR B 24 -10.13 -4.26 -13.99
C THR B 24 -10.42 -5.76 -14.11
N ARG B 25 -9.59 -6.51 -14.86
CA ARG B 25 -9.75 -7.98 -14.95
C ARG B 25 -8.90 -8.64 -13.87
N LEU B 26 -9.54 -9.31 -12.92
CA LEU B 26 -8.83 -9.88 -11.76
C LEU B 26 -9.36 -11.28 -11.44
N SER B 27 -8.53 -12.10 -10.80
CA SER B 27 -9.05 -13.35 -10.27
C SER B 27 -10.06 -13.08 -9.17
N LEU B 28 -11.03 -13.97 -9.03
CA LEU B 28 -11.98 -13.87 -7.93
C LEU B 28 -11.26 -13.87 -6.60
N GLU B 29 -10.16 -14.62 -6.52
CA GLU B 29 -9.31 -14.61 -5.33
C GLU B 29 -8.80 -13.19 -5.03
N ALA B 30 -8.26 -12.51 -6.05
CA ALA B 30 -7.81 -11.12 -5.86
C ALA B 30 -9.00 -10.21 -5.58
N MET B 31 -10.14 -10.49 -6.22
CA MET B 31 -11.34 -9.71 -6.00
C MET B 31 -11.78 -9.79 -4.52
N LEU B 32 -11.76 -11.00 -3.95
CA LEU B 32 -12.06 -11.16 -2.53
C LEU B 32 -11.07 -10.37 -1.67
N ALA B 33 -9.77 -10.53 -1.95
CA ALA B 33 -8.78 -9.82 -1.15
C ALA B 33 -9.06 -8.33 -1.16
N GLU B 34 -9.37 -7.78 -2.33
CA GLU B 34 -9.66 -6.35 -2.43
C GLU B 34 -10.92 -5.99 -1.65
N ARG B 35 -11.96 -6.84 -1.74
CA ARG B 35 -13.17 -6.63 -0.95
C ARG B 35 -12.87 -6.60 0.55
N ALA B 36 -12.01 -7.50 1.02
CA ALA B 36 -11.66 -7.53 2.44
C ALA B 36 -11.03 -6.21 2.85
N MET B 37 -10.14 -5.68 2.01
CA MET B 37 -9.50 -4.41 2.32
C MET B 37 -10.53 -3.30 2.49
N VAL B 38 -11.43 -3.16 1.53
CA VAL B 38 -12.50 -2.16 1.65
C VAL B 38 -13.30 -2.41 2.91
N ALA B 39 -13.62 -3.67 3.18
CA ALA B 39 -14.56 -4.01 4.24
C ALA B 39 -14.08 -3.52 5.61
N ARG B 40 -12.78 -3.58 5.85
CA ARG B 40 -12.22 -3.18 7.13
C ARG B 40 -12.11 -1.68 7.31
N GLN B 41 -12.56 -0.90 6.32
CA GLN B 41 -12.59 0.55 6.43
C GLN B 41 -14.01 1.06 6.60
N ASP B 42 -14.99 0.17 6.54
CA ASP B 42 -16.40 0.52 6.63
C ASP B 42 -16.88 0.12 8.02
N LEU B 43 -16.84 1.08 8.94
CA LEU B 43 -17.22 0.80 10.32
C LEU B 43 -18.67 0.36 10.41
N ALA B 44 -19.55 1.01 9.65
CA ALA B 44 -20.95 0.60 9.66
C ALA B 44 -21.11 -0.84 9.20
N GLY B 45 -20.38 -1.24 8.16
CA GLY B 45 -20.47 -2.61 7.70
C GLY B 45 -19.88 -3.60 8.69
N LEU B 46 -18.75 -3.25 9.31
CA LEU B 46 -18.15 -4.13 10.30
C LEU B 46 -19.08 -4.35 11.48
N LYS B 47 -19.68 -3.26 11.96
CA LYS B 47 -20.65 -3.38 13.06
C LYS B 47 -21.75 -4.39 12.71
N ARG B 48 -22.26 -4.33 11.48
CA ARG B 48 -23.36 -5.21 11.11
C ARG B 48 -22.89 -6.65 11.00
N LYS B 49 -21.72 -6.89 10.42
CA LYS B 49 -21.28 -8.25 10.17
C LYS B 49 -20.74 -8.94 11.42
N LEU B 50 -20.29 -8.18 12.41
CA LEU B 50 -19.80 -8.74 13.66
C LEU B 50 -20.89 -8.86 14.72
N ALA B 51 -22.13 -8.47 14.40
CA ALA B 51 -23.18 -8.31 15.41
C ALA B 51 -23.37 -9.55 16.27
N GLY B 52 -23.65 -10.67 15.65
CA GLY B 52 -23.80 -11.85 16.48
C GLY B 52 -22.51 -12.61 16.74
N ALA B 53 -21.34 -12.01 16.42
CA ALA B 53 -20.10 -12.76 16.44
C ALA B 53 -19.72 -13.23 17.84
N ASP B 54 -19.04 -14.35 17.88
CA ASP B 54 -18.71 -15.04 19.10
C ASP B 54 -17.44 -14.34 19.60
N ARG B 55 -17.47 -13.80 20.81
CA ARG B 55 -16.40 -12.93 21.29
C ARG B 55 -15.58 -13.63 22.37
N VAL B 56 -14.26 -13.53 22.28
CA VAL B 56 -13.36 -14.05 23.30
C VAL B 56 -13.06 -12.93 24.28
N LEU B 57 -13.38 -13.16 25.56
CA LEU B 57 -13.25 -12.13 26.59
C LEU B 57 -11.94 -12.30 27.33
N ALA B 58 -11.24 -11.19 27.53
CA ALA B 58 -10.10 -11.16 28.42
C ALA B 58 -10.61 -11.18 29.87
N PRO B 59 -9.80 -11.64 30.82
CA PRO B 59 -10.19 -11.50 32.24
C PRO B 59 -10.45 -10.04 32.55
N GLN B 60 -11.49 -9.78 33.34
CA GLN B 60 -11.85 -8.39 33.57
C GLN B 60 -12.41 -8.15 34.96
N SER B 61 -12.32 -6.90 35.39
CA SER B 61 -13.01 -6.51 36.60
C SER B 61 -14.45 -6.14 36.25
N PRO B 62 -15.37 -6.34 37.19
CA PRO B 62 -16.77 -6.00 36.91
C PRO B 62 -17.00 -4.50 36.96
N GLU B 63 -18.04 -4.07 36.26
CA GLU B 63 -18.43 -2.66 36.32
C GLU B 63 -18.78 -2.27 37.76
N GLN B 64 -18.32 -1.09 38.16
CA GLN B 64 -18.51 -0.54 39.50
C GLN B 64 -19.58 0.55 39.58
N CYS B 65 -19.76 1.33 38.53
CA CYS B 65 -20.84 2.31 38.46
C CYS B 65 -21.17 2.55 36.99
N GLY B 66 -22.30 3.22 36.76
CA GLY B 66 -22.73 3.47 35.40
C GLY B 66 -21.94 4.57 34.73
N ARG B 67 -22.22 4.75 33.43
CA ARG B 67 -21.51 5.74 32.64
C ARG B 67 -21.69 7.14 33.22
N GLU B 68 -22.92 7.49 33.58
CA GLU B 68 -23.19 8.82 34.11
C GLU B 68 -22.31 9.12 35.33
N SER B 69 -22.28 8.20 36.29
CA SER B 69 -21.51 8.44 37.51
C SER B 69 -20.00 8.43 37.21
N ALA B 70 -19.56 7.57 36.29
CA ALA B 70 -18.14 7.52 35.96
C ALA B 70 -17.68 8.82 35.32
N GLN B 71 -18.47 9.38 34.41
CA GLN B 71 -18.11 10.63 33.76
C GLN B 71 -18.08 11.80 34.74
N ALA B 72 -19.09 11.89 35.62
CA ALA B 72 -19.11 12.98 36.59
C ALA B 72 -17.90 12.92 37.51
N GLN B 73 -17.57 11.73 38.01
CA GLN B 73 -16.41 11.61 38.88
C GLN B 73 -15.14 12.00 38.14
N ALA B 74 -15.03 11.61 36.87
CA ALA B 74 -13.89 12.01 36.06
C ALA B 74 -13.85 13.52 35.86
N ARG B 75 -15.02 14.12 35.62
CA ARG B 75 -15.06 15.57 35.43
C ARG B 75 -14.59 16.30 36.67
N SER B 76 -15.00 15.84 37.85
CA SER B 76 -14.57 16.47 39.09
C SER B 76 -13.05 16.42 39.22
N VAL B 77 -12.44 15.27 38.90
CA VAL B 77 -10.99 15.17 39.04
C VAL B 77 -10.30 16.13 38.07
N THR B 78 -10.65 16.06 36.79
CA THR B 78 -9.97 16.94 35.83
C THR B 78 -10.15 18.40 36.22
N SER B 79 -11.35 18.77 36.67
CA SER B 79 -11.60 20.14 37.06
C SER B 79 -10.67 20.56 38.20
N GLU B 80 -10.50 19.70 39.20
CA GLU B 80 -9.59 20.05 40.29
C GLU B 80 -8.13 20.12 39.81
N LEU B 81 -7.73 19.20 38.93
CA LEU B 81 -6.36 19.24 38.42
C LEU B 81 -6.12 20.49 37.58
N LYS B 82 -7.07 20.83 36.71
CA LYS B 82 -6.94 22.05 35.92
C LYS B 82 -6.72 23.25 36.83
N SER B 83 -7.40 23.27 37.97
CA SER B 83 -7.26 24.36 38.91
C SER B 83 -5.87 24.37 39.55
N ALA B 84 -5.36 23.19 39.93
CA ALA B 84 -4.03 23.13 40.52
C ALA B 84 -2.98 23.61 39.54
N VAL B 85 -3.12 23.23 38.27
CA VAL B 85 -2.13 23.60 37.26
C VAL B 85 -2.14 25.10 37.01
N LYS B 86 -3.34 25.67 36.81
CA LYS B 86 -3.44 27.10 36.55
C LYS B 86 -2.82 27.91 37.68
N GLU B 87 -3.06 27.50 38.93
CA GLU B 87 -2.47 28.22 40.05
C GLU B 87 -0.95 28.09 40.04
N ALA B 88 -0.43 26.87 39.85
CA ALA B 88 1.02 26.71 39.81
C ALA B 88 1.63 27.48 38.64
N GLN B 89 0.93 27.54 37.51
CA GLN B 89 1.45 28.26 36.36
C GLN B 89 1.49 29.77 36.61
N GLY B 90 0.76 30.25 37.62
CA GLY B 90 0.72 31.68 37.94
C GLY B 90 1.87 32.08 38.85
N LEU B 91 2.51 31.11 39.49
CA LEU B 91 3.65 31.39 40.39
C LEU B 91 4.72 32.14 39.61
N GLU B 92 5.28 33.18 40.24
CA GLU B 92 6.34 33.97 39.60
C GLU B 92 7.60 33.12 39.46
N HIS B 93 8.37 33.37 38.42
CA HIS B 93 9.63 32.62 38.24
C HIS B 93 10.85 33.47 38.58
N GLN B 94 11.93 32.82 39.00
CA GLN B 94 13.19 33.53 39.27
C GLN B 94 13.82 34.06 37.99
N THR B 95 14.77 34.98 38.13
CA THR B 95 15.45 35.53 36.97
C THR B 95 16.42 34.51 36.36
N LEU B 96 16.76 34.76 35.09
CA LEU B 96 17.68 33.94 34.32
C LEU B 96 19.11 34.48 34.36
N ASP B 97 19.46 35.28 35.38
CA ASP B 97 20.78 35.90 35.49
C ASP B 97 21.90 34.88 35.69
N PHE B 98 21.59 33.64 36.08
CA PHE B 98 22.62 32.63 36.29
C PHE B 98 23.24 32.13 34.98
N LEU B 99 22.73 32.56 33.83
CA LEU B 99 23.27 32.22 32.52
C LEU B 99 24.05 33.39 31.94
N GLU B 100 24.97 33.06 31.04
CA GLU B 100 25.58 34.12 30.23
C GLU B 100 24.58 34.58 29.18
N GLN B 101 24.53 35.88 28.94
CA GLN B 101 23.65 36.45 27.93
C GLN B 101 24.49 36.92 26.74
N LEU B 102 24.05 36.57 25.53
CA LEU B 102 24.84 36.77 24.31
C LEU B 102 24.20 37.75 23.34
N GLY B 103 23.19 38.49 23.75
CA GLY B 103 22.51 39.37 22.82
C GLY B 103 21.48 38.63 21.99
N GLU B 104 21.22 39.14 20.80
CA GLU B 104 20.21 38.60 19.90
C GLU B 104 20.86 38.09 18.61
N TYR B 105 20.20 37.11 17.98
CA TYR B 105 20.72 36.58 16.73
C TYR B 105 19.87 37.03 15.54
N PRO B 106 20.48 37.27 14.39
CA PRO B 106 19.70 37.54 13.19
C PRO B 106 19.05 36.26 12.66
N VAL B 107 17.82 36.41 12.18
CA VAL B 107 17.14 35.34 11.48
C VAL B 107 18.00 34.88 10.31
N CYS B 108 18.15 33.57 10.17
CA CYS B 108 18.96 33.03 9.09
C CYS B 108 18.33 33.36 7.74
N GLY B 109 19.15 33.80 6.80
CA GLY B 109 18.68 34.17 5.48
C GLY B 109 18.93 33.15 4.39
N ILE B 110 19.41 31.95 4.72
CA ILE B 110 19.74 30.97 3.68
C ILE B 110 18.48 30.54 2.95
N LEU B 111 18.55 30.54 1.62
CA LEU B 111 17.45 30.09 0.78
C LEU B 111 17.72 28.70 0.28
N HIS B 112 16.64 27.91 0.16
CA HIS B 112 16.68 26.61 -0.51
C HIS B 112 15.66 26.68 -1.65
N GLY B 113 16.14 26.90 -2.86
CA GLY B 113 15.23 27.01 -3.97
C GLY B 113 14.32 28.22 -3.79
N ASP B 114 13.02 27.96 -3.68
CA ASP B 114 11.99 29.00 -3.71
C ASP B 114 11.62 29.54 -2.33
N HIS B 115 12.31 29.14 -1.26
CA HIS B 115 11.85 29.51 0.07
C HIS B 115 13.03 29.63 1.03
N PRO B 116 12.92 30.45 2.07
CA PRO B 116 13.95 30.49 3.11
C PRO B 116 13.88 29.26 4.01
N VAL B 117 15.04 28.83 4.48
CA VAL B 117 15.05 27.68 5.38
C VAL B 117 14.38 28.02 6.71
N HIS B 118 14.47 29.29 7.12
CA HIS B 118 13.75 29.81 8.29
C HIS B 118 12.43 30.40 7.80
N PRO B 119 11.29 29.79 8.07
CA PRO B 119 10.05 30.22 7.41
C PRO B 119 9.72 31.68 7.69
N SER B 120 9.25 32.37 6.64
CA SER B 120 8.83 33.77 6.78
C SER B 120 7.74 33.90 7.84
N GLY B 121 7.78 35.00 8.59
CA GLY B 121 6.72 35.27 9.55
C GLY B 121 6.60 34.27 10.67
N THR B 122 7.70 33.58 11.03
CA THR B 122 7.72 32.76 12.21
C THR B 122 9.05 32.96 12.93
N HIS B 123 9.03 32.83 14.26
CA HIS B 123 10.23 32.90 15.09
C HIS B 123 11.12 34.05 14.65
N ASN B 124 10.48 35.22 14.53
CA ASN B 124 11.11 36.39 13.95
C ASN B 124 10.50 37.61 14.64
N ASN B 125 11.30 38.31 15.42
CA ASN B 125 10.86 39.53 16.08
C ASN B 125 11.75 40.63 15.54
N ASN B 126 11.24 41.38 14.56
CA ASN B 126 11.98 42.49 13.97
C ASN B 126 13.36 42.04 13.48
N GLY B 127 13.38 40.90 12.79
CA GLY B 127 14.61 40.38 12.23
C GLY B 127 15.48 39.55 13.16
N LYS B 128 15.12 39.40 14.43
CA LYS B 128 15.85 38.57 15.39
C LYS B 128 15.10 37.27 15.65
N VAL B 129 15.83 36.17 15.82
CA VAL B 129 15.20 34.89 16.14
C VAL B 129 14.49 34.98 17.47
N SER B 130 13.31 34.39 17.55
CA SER B 130 12.48 34.48 18.75
C SER B 130 11.73 33.18 18.97
N VAL B 131 11.46 32.86 20.24
CA VAL B 131 10.59 31.75 20.59
C VAL B 131 9.64 32.18 21.71
N LYS B 132 8.61 31.35 21.92
CA LYS B 132 7.68 31.57 23.01
C LYS B 132 7.42 30.24 23.72
N ARG B 133 7.74 30.16 25.01
CA ARG B 133 7.47 28.95 25.76
C ARG B 133 5.96 28.76 25.94
N GLN B 134 5.47 27.54 25.72
CA GLN B 134 4.07 27.21 25.96
C GLN B 134 3.90 26.57 27.34
N PHE B 135 3.15 27.24 28.21
CA PHE B 135 2.72 26.67 29.49
C PHE B 135 1.20 26.76 29.50
N ALA B 136 0.55 25.81 28.86
CA ALA B 136 -0.90 25.80 28.71
C ALA B 136 -1.56 25.10 29.89
N ALA B 137 -2.82 25.45 30.13
CA ALA B 137 -3.53 24.92 31.29
C ALA B 137 -4.36 23.69 30.97
N GLY B 138 -4.22 23.14 29.77
CA GLY B 138 -4.94 21.92 29.42
C GLY B 138 -4.18 20.69 29.86
N VAL B 139 -4.88 19.79 30.56
CA VAL B 139 -4.31 18.52 31.01
C VAL B 139 -4.54 17.43 29.97
N ASN B 140 -4.36 16.18 30.36
CA ASN B 140 -4.65 15.09 29.44
C ASN B 140 -6.17 14.96 29.27
N THR B 141 -6.59 13.91 28.58
CA THR B 141 -8.00 13.63 28.32
C THR B 141 -8.61 12.94 29.53
N SER B 142 -9.95 12.82 29.54
CA SER B 142 -10.63 12.14 30.63
C SER B 142 -11.20 10.77 30.26
N ASP B 143 -10.97 10.29 29.04
CA ASP B 143 -11.58 9.01 28.63
C ASP B 143 -11.06 7.86 29.47
N ALA B 144 -9.74 7.76 29.61
CA ALA B 144 -9.15 6.66 30.37
C ALA B 144 -9.57 6.75 31.83
N LEU B 145 -9.60 7.97 32.39
CA LEU B 145 -10.02 8.15 33.76
C LEU B 145 -11.47 7.69 33.96
N THR B 146 -12.32 7.97 32.97
CA THR B 146 -13.70 7.51 33.04
C THR B 146 -13.78 5.99 33.09
N CYS B 147 -12.96 5.29 32.29
CA CYS B 147 -12.93 3.84 32.33
C CYS B 147 -12.56 3.34 33.72
N ALA B 148 -11.55 3.98 34.34
CA ALA B 148 -11.08 3.57 35.65
C ALA B 148 -12.19 3.73 36.69
N PHE B 149 -12.94 4.83 36.63
CA PHE B 149 -14.10 4.98 37.52
C PHE B 149 -15.16 3.94 37.21
N ARG B 150 -15.31 3.57 35.93
CA ARG B 150 -16.33 2.62 35.56
C ARG B 150 -16.09 1.24 36.18
N PHE B 151 -14.82 0.82 36.26
CA PHE B 151 -14.47 -0.55 36.56
C PHE B 151 -13.62 -0.71 37.82
N GLU B 152 -13.38 0.35 38.58
CA GLU B 152 -12.48 0.23 39.71
C GLU B 152 -12.98 1.06 40.88
N ASP B 153 -12.29 0.90 42.01
CA ASP B 153 -12.75 1.50 43.26
C ASP B 153 -12.66 3.01 43.19
N SER B 154 -13.75 3.68 43.57
CA SER B 154 -13.86 5.12 43.41
C SER B 154 -12.78 5.89 44.18
N ASP B 155 -12.62 5.59 45.48
CA ASP B 155 -11.64 6.32 46.28
C ASP B 155 -10.24 6.19 45.69
N LEU B 156 -9.85 4.95 45.35
CA LEU B 156 -8.50 4.72 44.84
C LEU B 156 -8.28 5.43 43.50
N VAL B 157 -9.27 5.39 42.60
CA VAL B 157 -9.09 6.05 41.29
C VAL B 157 -8.92 7.54 41.49
N ARG B 158 -9.77 8.12 42.33
N ARG B 158 -9.75 8.05 42.27
CA ARG B 158 -9.72 9.58 42.61
CA ARG B 158 -9.67 9.50 42.57
C ARG B 158 -8.38 9.94 43.26
C ARG B 158 -8.34 9.82 43.26
N GLU B 159 -7.98 9.20 44.30
CA GLU B 159 -6.75 9.54 44.98
C GLU B 159 -5.56 9.41 44.03
N THR B 160 -5.56 8.35 43.21
CA THR B 160 -4.48 8.16 42.26
C THR B 160 -4.49 9.27 41.21
N ALA B 161 -5.68 9.60 40.67
CA ALA B 161 -5.72 10.58 39.60
C ALA B 161 -5.33 11.98 40.09
N LEU B 162 -5.57 12.31 41.36
CA LEU B 162 -5.25 13.66 41.85
C LEU B 162 -3.77 13.86 42.07
N LYS B 163 -2.97 12.79 42.07
CA LYS B 163 -1.55 12.92 42.40
C LYS B 163 -0.70 13.34 41.21
N THR B 164 -1.09 12.97 40.00
CA THR B 164 -0.24 13.09 38.82
C THR B 164 -1.04 13.65 37.67
N THR B 165 -0.39 14.47 36.84
CA THR B 165 -1.08 14.99 35.67
C THR B 165 -0.08 15.21 34.54
N TYR B 166 -0.56 15.09 33.32
CA TYR B 166 0.25 15.32 32.12
C TYR B 166 0.14 16.80 31.78
N THR B 167 1.26 17.51 31.85
CA THR B 167 1.18 18.97 31.80
C THR B 167 2.46 19.56 31.18
N ASP B 168 2.30 20.77 30.62
CA ASP B 168 3.45 21.57 30.20
C ASP B 168 4.34 21.96 31.38
N GLY B 169 3.85 21.86 32.62
CA GLY B 169 4.62 22.30 33.77
C GLY B 169 4.42 23.78 34.06
N THR B 170 5.40 24.44 34.67
CA THR B 170 5.24 25.83 35.05
C THR B 170 6.54 26.60 34.81
N TRP B 171 6.40 27.91 34.59
CA TRP B 171 7.58 28.76 34.50
C TRP B 171 8.46 28.63 35.73
N ALA B 172 7.85 28.62 36.93
CA ALA B 172 8.62 28.61 38.15
C ALA B 172 9.46 27.34 38.27
N GLY B 173 8.85 26.18 38.01
CA GLY B 173 9.60 24.94 38.10
C GLY B 173 10.62 24.77 36.99
N PHE B 174 10.30 25.26 35.80
CA PHE B 174 11.22 25.22 34.66
C PHE B 174 12.51 25.96 34.96
N VAL B 175 12.39 27.22 35.37
CA VAL B 175 13.59 28.01 35.65
C VAL B 175 14.31 27.44 36.87
N GLN B 176 13.56 27.03 37.90
CA GLN B 176 14.20 26.40 39.04
C GLN B 176 15.06 25.22 38.60
N ARG B 177 14.49 24.34 37.75
CA ARG B 177 15.25 23.17 37.31
C ARG B 177 16.38 23.54 36.37
N LEU B 178 16.18 24.57 35.53
CA LEU B 178 17.26 25.00 34.64
C LEU B 178 18.45 25.51 35.44
N LYS B 179 18.19 26.35 36.43
CA LYS B 179 19.26 26.83 37.31
C LYS B 179 19.99 25.66 37.96
N MET B 180 19.26 24.65 38.44
CA MET B 180 19.88 23.56 39.17
C MET B 180 20.87 22.80 38.30
N GLN B 181 20.60 22.66 37.00
CA GLN B 181 21.50 21.87 36.17
C GLN B 181 22.49 22.70 35.36
N THR B 182 22.51 24.03 35.54
CA THR B 182 23.51 24.86 34.87
C THR B 182 24.44 25.54 35.86
N THR B 183 24.34 25.25 37.15
CA THR B 183 25.13 25.97 38.13
C THR B 183 25.76 25.06 39.18
N ARG B 184 25.70 23.74 39.00
CA ARG B 184 26.21 22.83 40.00
C ARG B 184 27.73 22.74 39.91
N LYS B 185 28.37 22.63 41.07
CA LYS B 185 29.80 22.38 41.14
C LYS B 185 30.07 20.92 40.79
N CYS B 186 30.78 20.68 39.69
CA CYS B 186 31.09 19.32 39.25
C CYS B 186 32.51 18.91 39.65
N VAL B 187 32.73 17.60 39.65
CA VAL B 187 34.06 17.02 39.87
C VAL B 187 34.51 16.39 38.55
N GLN B 188 35.68 16.81 38.07
CA GLN B 188 36.20 16.20 36.85
C GLN B 188 36.58 14.75 37.11
N GLU B 189 36.08 13.84 36.29
CA GLU B 189 36.41 12.43 36.45
C GLU B 189 37.83 12.14 35.94
N LYS B 190 38.48 11.16 36.57
CA LYS B 190 39.71 10.60 36.06
C LYS B 190 39.34 9.41 35.18
N VAL B 191 39.53 9.55 33.89
CA VAL B 191 39.00 8.56 32.94
C VAL B 191 39.95 8.49 31.77
N SER B 192 40.13 7.28 31.24
CA SER B 192 41.01 7.04 30.13
C SER B 192 40.28 6.15 29.13
N ARG B 193 40.82 6.06 27.91
CA ARG B 193 40.29 5.09 26.97
C ARG B 193 40.37 3.69 27.56
N LYS B 194 41.46 3.40 28.28
CA LYS B 194 41.61 2.07 28.85
C LYS B 194 40.49 1.74 29.83
N LEU B 195 40.11 2.71 30.67
CA LEU B 195 39.03 2.47 31.63
C LEU B 195 37.70 2.32 30.90
N LEU B 196 37.46 3.15 29.89
CA LEU B 196 36.20 3.08 29.16
C LEU B 196 36.07 1.78 28.40
N LYS B 197 37.19 1.28 27.85
CA LYS B 197 37.19 -0.04 27.25
C LYS B 197 36.79 -1.09 28.28
N GLN B 198 37.19 -0.89 29.53
CA GLN B 198 36.87 -1.87 30.55
C GLN B 198 35.39 -1.80 30.94
N LEU B 199 34.86 -0.59 31.11
CA LEU B 199 33.49 -0.46 31.59
C LEU B 199 32.47 -0.53 30.45
N PHE B 200 32.86 -0.17 29.23
CA PHE B 200 31.93 -0.10 28.11
C PHE B 200 32.50 -0.83 26.90
N PRO B 201 32.71 -2.15 27.01
CA PRO B 201 33.15 -2.92 25.83
C PRO B 201 32.10 -2.87 24.73
N TYR B 202 32.57 -2.99 23.50
CA TYR B 202 31.71 -2.94 22.32
C TYR B 202 32.29 -3.90 21.29
N ASP B 203 31.49 -4.23 20.28
CA ASP B 203 31.94 -5.07 19.19
C ASP B 203 32.36 -4.20 18.01
N PRO B 204 33.64 -4.09 17.69
CA PRO B 204 34.05 -3.20 16.59
C PRO B 204 33.44 -3.57 15.24
N GLN B 205 33.13 -4.85 14.99
CA GLN B 205 32.53 -5.22 13.71
C GLN B 205 31.10 -4.72 13.59
N LYS B 206 30.49 -4.29 14.69
CA LYS B 206 29.13 -3.78 14.62
C LYS B 206 29.08 -2.28 14.39
N LEU B 207 30.22 -1.60 14.47
CA LEU B 207 30.28 -0.19 14.17
C LEU B 207 29.97 0.06 12.71
N VAL B 208 29.19 1.11 12.46
CA VAL B 208 28.94 1.52 11.08
C VAL B 208 30.25 1.91 10.43
N ASP B 209 30.38 1.62 9.13
CA ASP B 209 31.59 2.04 8.42
C ASP B 209 31.46 3.52 8.08
N VAL B 210 31.99 4.37 8.97
CA VAL B 210 31.84 5.81 8.78
C VAL B 210 32.83 6.38 7.78
N SER B 211 33.67 5.54 7.16
CA SER B 211 34.44 5.98 6.00
C SER B 211 33.63 5.89 4.70
N GLY B 212 32.36 5.52 4.79
CA GLY B 212 31.49 5.60 3.63
C GLY B 212 31.15 7.05 3.31
N GLU B 213 30.43 7.21 2.20
CA GLU B 213 29.97 8.53 1.78
C GLU B 213 28.95 9.08 2.77
N LEU B 214 29.07 10.38 3.08
CA LEU B 214 28.35 10.94 4.23
C LEU B 214 26.84 10.90 4.03
N SER B 215 26.36 11.23 2.83
CA SER B 215 24.91 11.24 2.60
C SER B 215 24.27 9.93 3.02
N GLU B 216 24.83 8.81 2.57
CA GLU B 216 24.28 7.50 2.88
C GLU B 216 24.33 7.21 4.37
N LEU B 217 25.38 7.68 5.06
CA LEU B 217 25.45 7.54 6.51
C LEU B 217 24.34 8.32 7.20
N VAL B 218 24.12 9.58 6.79
CA VAL B 218 23.10 10.39 7.46
C VAL B 218 21.70 9.85 7.18
N LEU B 219 21.45 9.37 5.95
CA LEU B 219 20.14 8.82 5.67
C LEU B 219 19.86 7.57 6.50
N GLY B 220 20.91 6.98 7.11
CA GLY B 220 20.71 5.80 7.94
C GLY B 220 20.29 6.08 9.37
N ILE B 221 20.46 7.31 9.88
CA ILE B 221 20.13 7.54 11.29
C ILE B 221 18.62 7.59 11.47
N LYS B 222 18.15 7.22 12.66
CA LYS B 222 16.73 7.19 12.97
C LYS B 222 16.37 8.32 13.92
N THR B 223 15.22 8.95 13.68
CA THR B 223 14.77 10.02 14.58
C THR B 223 13.25 10.12 14.50
N ASN B 224 12.69 11.04 15.30
CA ASN B 224 11.25 11.21 15.41
C ASN B 224 10.79 12.19 14.33
N ALA B 225 9.97 11.71 13.40
CA ALA B 225 9.56 12.52 12.26
C ALA B 225 8.87 13.81 12.69
N ILE B 226 8.18 13.81 13.83
CA ILE B 226 7.44 15.00 14.23
C ILE B 226 8.14 15.81 15.32
N ALA B 227 9.34 15.41 15.75
CA ALA B 227 10.08 16.28 16.65
C ALA B 227 10.47 17.57 15.95
N SER B 228 10.79 18.58 16.73
CA SER B 228 11.24 19.85 16.16
C SER B 228 12.60 19.65 15.49
N ALA B 229 12.73 20.21 14.28
CA ALA B 229 14.02 20.22 13.59
C ALA B 229 14.97 21.28 14.14
N GLY B 230 14.51 22.06 15.12
CA GLY B 230 15.32 23.09 15.72
C GLY B 230 15.52 24.30 14.83
N PRO B 231 16.27 25.28 15.33
CA PRO B 231 16.66 26.40 14.48
C PRO B 231 17.58 25.92 13.39
N PRO B 232 17.55 26.56 12.21
CA PRO B 232 16.66 27.65 11.83
C PRO B 232 15.38 27.16 11.13
N TYR B 233 15.12 25.85 11.18
CA TYR B 233 14.01 25.28 10.40
C TYR B 233 12.66 25.60 11.02
N TRP B 234 12.53 25.47 12.34
CA TRP B 234 11.29 25.78 13.06
C TRP B 234 10.11 25.01 12.48
N ARG B 235 10.35 23.73 12.20
CA ARG B 235 9.38 22.82 11.61
C ARG B 235 9.68 21.42 12.13
N THR B 236 8.76 20.49 11.90
CA THR B 236 9.07 19.11 12.24
C THR B 236 10.22 18.62 11.39
N LYS B 237 10.93 17.62 11.91
CA LYS B 237 12.00 17.02 11.14
C LYS B 237 11.51 16.51 9.80
N ARG B 238 10.31 15.93 9.77
CA ARG B 238 9.77 15.45 8.48
C ARG B 238 9.65 16.59 7.48
N ASP B 239 9.08 17.73 7.92
CA ASP B 239 8.91 18.85 7.00
C ASP B 239 10.24 19.49 6.62
N ALA B 240 11.20 19.54 7.55
CA ALA B 240 12.45 20.24 7.27
C ALA B 240 13.48 19.37 6.57
N LEU B 241 13.20 18.07 6.42
CA LEU B 241 14.24 17.13 5.99
C LEU B 241 14.88 17.52 4.66
N PRO B 242 14.13 17.85 3.61
CA PRO B 242 14.80 18.25 2.36
C PRO B 242 15.65 19.49 2.52
N ASP B 243 15.19 20.48 3.29
CA ASP B 243 16.03 21.65 3.54
C ASP B 243 17.32 21.26 4.24
N MET B 244 17.24 20.38 5.24
CA MET B 244 18.45 19.97 5.95
C MET B 244 19.38 19.19 5.02
N LEU B 245 18.85 18.23 4.27
CA LEU B 245 19.69 17.30 3.49
C LEU B 245 20.29 17.97 2.27
N ASP B 246 19.48 18.73 1.55
CA ASP B 246 19.85 19.25 0.24
C ASP B 246 20.58 20.58 0.34
N CYS B 247 20.40 21.30 1.43
CA CYS B 247 20.87 22.67 1.53
C CYS B 247 21.86 22.88 2.66
N VAL B 248 21.46 22.65 3.92
CA VAL B 248 22.32 23.04 5.04
C VAL B 248 23.44 22.03 5.25
N LEU B 249 23.14 20.74 5.18
CA LEU B 249 24.16 19.74 5.46
C LEU B 249 25.36 19.86 4.55
N PRO B 250 25.22 19.99 3.23
CA PRO B 250 26.41 20.17 2.38
C PRO B 250 27.14 21.46 2.66
N LEU B 251 26.41 22.52 3.01
CA LEU B 251 27.04 23.76 3.45
C LEU B 251 27.87 23.52 4.72
N LEU B 252 27.29 22.80 5.68
CA LEU B 252 28.01 22.44 6.89
C LEU B 252 29.23 21.60 6.56
N TYR B 253 29.04 20.58 5.70
CA TYR B 253 30.15 19.70 5.32
C TYR B 253 31.29 20.49 4.70
N ASP B 254 30.95 21.39 3.77
CA ASP B 254 31.97 22.17 3.09
C ASP B 254 32.80 22.96 4.08
N HIS B 255 32.15 23.53 5.10
CA HIS B 255 32.92 24.31 6.06
C HIS B 255 33.71 23.44 7.03
N ILE B 256 33.22 22.25 7.37
CA ILE B 256 34.01 21.36 8.21
C ILE B 256 35.32 21.02 7.51
N VAL B 257 35.24 20.57 6.25
CA VAL B 257 36.43 20.03 5.58
C VAL B 257 37.40 21.12 5.17
N ARG B 258 36.94 22.38 5.06
CA ARG B 258 37.85 23.50 4.87
C ARG B 258 38.27 24.14 6.17
N LYS B 259 38.00 23.50 7.32
CA LYS B 259 38.33 24.05 8.64
C LYS B 259 37.81 25.47 8.80
N ASP B 260 36.61 25.72 8.27
CA ASP B 260 36.08 27.06 8.11
C ASP B 260 34.76 27.26 8.87
N LEU B 261 34.59 26.55 9.99
CA LEU B 261 33.31 26.64 10.70
C LEU B 261 33.10 28.03 11.29
N THR B 262 34.19 28.72 11.66
CA THR B 262 34.09 30.05 12.24
C THR B 262 33.39 31.01 11.29
N THR B 263 33.73 30.95 9.99
CA THR B 263 33.05 31.79 9.02
C THR B 263 31.55 31.52 8.99
N LEU B 264 31.16 30.24 9.00
CA LEU B 264 29.74 29.88 8.97
C LEU B 264 29.02 30.36 10.22
N ARG B 265 29.62 30.15 11.40
CA ARG B 265 28.98 30.54 12.65
C ARG B 265 28.79 32.04 12.73
N ASN B 266 29.83 32.80 12.37
CA ASN B 266 29.78 34.26 12.49
C ASN B 266 28.78 34.86 11.53
N LYS B 267 28.60 34.26 10.35
CA LYS B 267 27.67 34.77 9.36
C LYS B 267 26.25 34.25 9.55
N HIS B 268 26.07 33.00 10.01
CA HIS B 268 24.76 32.38 10.16
C HIS B 268 24.64 31.77 11.54
N PRO B 269 24.65 32.60 12.59
CA PRO B 269 24.68 32.02 13.94
C PRO B 269 23.48 31.15 14.24
N GLU B 270 22.34 31.38 13.58
CA GLU B 270 21.18 30.53 13.86
C GLU B 270 21.46 29.07 13.52
N LEU B 271 22.43 28.79 12.65
CA LEU B 271 22.76 27.41 12.31
C LEU B 271 23.34 26.63 13.47
N PHE B 272 23.73 27.31 14.56
CA PHE B 272 24.30 26.66 15.73
C PHE B 272 23.49 26.94 16.99
N LEU B 273 22.29 27.48 16.84
CA LEU B 273 21.47 27.88 17.95
C LEU B 273 20.59 26.73 18.41
N ALA B 274 20.48 26.55 19.72
CA ALA B 274 19.55 25.59 20.30
C ALA B 274 18.36 26.31 20.93
N GLU B 275 17.32 25.53 21.24
CA GLU B 275 16.16 26.04 21.94
C GLU B 275 16.01 25.29 23.25
N CYS B 276 15.91 26.02 24.35
CA CYS B 276 15.68 25.42 25.65
C CYS B 276 14.18 25.34 25.89
N LYS B 277 13.67 24.12 26.10
CA LYS B 277 12.24 23.88 26.13
C LYS B 277 11.83 23.21 27.44
N ASN B 278 10.59 23.47 27.84
CA ASN B 278 10.00 22.77 28.98
C ASN B 278 9.40 21.47 28.47
N LYS B 279 9.72 20.37 29.16
CA LYS B 279 9.23 19.06 28.72
C LYS B 279 7.81 18.84 29.25
N THR B 280 6.84 18.73 28.34
CA THR B 280 5.52 18.25 28.71
C THR B 280 5.62 16.78 29.11
N ASP B 281 5.08 16.43 30.27
CA ASP B 281 5.31 15.11 30.85
C ASP B 281 4.30 14.88 31.96
N ARG B 282 4.30 13.64 32.48
CA ARG B 282 3.63 13.36 33.74
C ARG B 282 4.43 14.00 34.87
N TYR B 283 3.75 14.80 35.71
CA TYR B 283 4.38 15.47 36.83
C TYR B 283 3.54 15.29 38.08
N GLU B 284 4.20 15.22 39.23
CA GLU B 284 3.50 15.20 40.51
C GLU B 284 2.84 16.55 40.74
N VAL B 285 1.53 16.54 40.99
CA VAL B 285 0.78 17.78 41.15
C VAL B 285 1.37 18.63 42.27
N GLU B 286 1.81 18.00 43.35
CA GLU B 286 2.18 18.81 44.50
C GLU B 286 3.52 19.52 44.33
N SER B 287 4.32 19.15 43.32
CA SER B 287 5.58 19.85 43.10
C SER B 287 5.62 20.56 41.74
N LEU B 288 4.45 20.85 41.16
CA LEU B 288 4.42 21.47 39.84
C LEU B 288 5.24 22.77 39.81
N GLY B 289 5.19 23.55 40.89
CA GLY B 289 5.89 24.83 40.95
C GLY B 289 7.39 24.74 41.13
N GLU B 290 7.90 23.58 41.51
CA GLU B 290 9.32 23.40 41.76
C GLU B 290 10.03 22.56 40.71
N LYS B 291 9.28 21.83 39.88
CA LYS B 291 9.89 20.80 39.03
C LYS B 291 9.15 20.77 37.69
N THR B 292 9.81 21.28 36.66
CA THR B 292 9.47 21.12 35.25
C THR B 292 10.80 20.94 34.53
N ARG B 293 10.85 20.01 33.60
CA ARG B 293 12.11 19.51 33.09
C ARG B 293 12.58 20.33 31.90
N PRO B 294 13.77 20.92 31.94
CA PRO B 294 14.28 21.60 30.74
C PRO B 294 14.99 20.59 29.85
N TYR B 295 14.95 20.85 28.54
CA TYR B 295 15.79 20.11 27.62
C TYR B 295 16.09 21.00 26.43
N PHE B 296 17.09 20.62 25.66
CA PHE B 296 17.58 21.47 24.58
C PHE B 296 17.33 20.78 23.24
N SER B 297 16.86 21.57 22.29
CA SER B 297 16.57 21.11 20.94
C SER B 297 17.59 21.75 20.00
N HIS B 298 18.48 20.94 19.42
CA HIS B 298 19.57 21.44 18.60
C HIS B 298 19.18 21.49 17.13
N PRO B 299 19.88 22.27 16.31
CA PRO B 299 19.62 22.23 14.87
C PRO B 299 19.71 20.82 14.30
N PHE B 300 18.77 20.50 13.40
CA PHE B 300 18.65 19.17 12.81
C PHE B 300 19.95 18.71 12.14
N HIS B 301 20.64 19.60 11.41
CA HIS B 301 21.83 19.19 10.70
C HIS B 301 22.92 18.73 11.66
N LEU B 302 23.03 19.39 12.83
CA LEU B 302 24.02 18.97 13.82
C LEU B 302 23.64 17.65 14.47
N SER B 303 22.38 17.50 14.89
CA SER B 303 22.01 16.28 15.60
C SER B 303 22.05 15.07 14.66
N ALA B 304 21.63 15.24 13.41
CA ALA B 304 21.70 14.14 12.45
C ALA B 304 23.14 13.73 12.19
N LEU B 305 24.02 14.70 12.04
CA LEU B 305 25.41 14.39 11.74
C LEU B 305 26.07 13.64 12.90
N VAL B 306 25.89 14.15 14.12
CA VAL B 306 26.47 13.48 15.28
C VAL B 306 25.80 12.13 15.51
N SER B 307 24.52 12.00 15.17
CA SER B 307 23.83 10.73 15.38
C SER B 307 24.46 9.58 14.61
N VAL B 308 25.20 9.87 13.53
CA VAL B 308 25.87 8.79 12.83
C VAL B 308 26.78 8.03 13.79
N LEU B 309 27.58 8.77 14.56
CA LEU B 309 28.48 8.17 15.55
C LEU B 309 27.70 7.58 16.73
N SER B 310 26.74 8.35 17.25
CA SER B 310 26.06 7.95 18.48
C SER B 310 25.23 6.68 18.27
N GLN B 311 24.41 6.65 17.21
CA GLN B 311 23.57 5.48 16.98
C GLN B 311 24.39 4.28 16.54
N SER B 312 25.46 4.50 15.78
CA SER B 312 26.36 3.37 15.47
C SER B 312 26.99 2.81 16.74
N PHE B 313 27.43 3.69 17.64
CA PHE B 313 28.12 3.20 18.83
C PHE B 313 27.17 2.41 19.74
N SER B 314 25.98 2.95 20.00
CA SER B 314 25.05 2.22 20.85
C SER B 314 24.64 0.89 20.23
N GLY B 315 24.62 0.79 18.90
CA GLY B 315 24.37 -0.50 18.27
C GLY B 315 25.49 -1.51 18.52
N ALA B 316 26.71 -1.03 18.76
CA ALA B 316 27.85 -1.94 18.95
C ALA B 316 28.11 -2.27 20.41
N LEU B 317 27.58 -1.48 21.36
CA LEU B 317 27.85 -1.70 22.77
C LEU B 317 27.39 -3.09 23.22
N LYS B 318 28.23 -3.73 24.03
CA LYS B 318 27.80 -4.88 24.84
C LYS B 318 26.96 -4.39 26.01
N ILE B 319 26.12 -5.27 26.55
CA ILE B 319 25.43 -4.98 27.79
C ILE B 319 25.89 -5.97 28.86
N MET B 320 25.56 -5.63 30.11
CA MET B 320 26.18 -6.30 31.25
C MET B 320 25.88 -7.79 31.25
N THR B 321 24.72 -8.20 30.75
CA THR B 321 24.36 -9.62 30.70
C THR B 321 25.14 -10.39 29.64
N GLU B 322 25.85 -9.69 28.74
CA GLU B 322 26.68 -10.32 27.72
C GLU B 322 28.16 -10.32 28.05
N ASP B 323 28.60 -9.45 28.96
CA ASP B 323 30.02 -9.32 29.29
C ASP B 323 30.11 -8.85 30.72
N SER B 324 30.62 -9.71 31.60
CA SER B 324 30.53 -9.45 33.03
C SER B 324 31.45 -8.32 33.49
N THR B 325 32.33 -7.81 32.62
CA THR B 325 33.09 -6.64 33.02
C THR B 325 32.31 -5.35 32.80
N SER B 326 31.27 -5.39 31.97
CA SER B 326 30.55 -4.19 31.55
C SER B 326 29.63 -3.66 32.64
N PHE B 327 29.67 -2.35 32.83
CA PHE B 327 28.68 -1.66 33.64
C PHE B 327 27.47 -1.20 32.82
N ASN B 328 27.45 -1.51 31.52
CA ASN B 328 26.48 -0.90 30.61
C ASN B 328 25.19 -1.72 30.55
N ALA B 329 24.07 -1.09 30.89
CA ALA B 329 22.75 -1.64 30.62
C ALA B 329 22.01 -0.85 29.55
N TYR B 330 22.63 0.19 29.00
CA TYR B 330 22.07 0.98 27.91
C TYR B 330 22.00 0.06 26.68
N GLY B 331 20.80 -0.43 26.37
CA GLY B 331 20.61 -1.51 25.43
C GLY B 331 19.93 -2.73 26.02
N PHE B 332 19.83 -2.83 27.34
CA PHE B 332 19.14 -3.95 27.95
C PHE B 332 17.66 -3.94 27.57
N SER B 333 17.10 -5.14 27.41
CA SER B 333 15.67 -5.23 27.14
C SER B 333 15.10 -6.47 27.81
N TRP B 334 13.82 -6.40 28.15
CA TRP B 334 13.20 -7.40 29.03
C TRP B 334 12.71 -8.65 28.31
N THR B 335 12.23 -8.54 27.06
CA THR B 335 11.59 -9.69 26.45
C THR B 335 12.64 -10.77 26.12
N ASN B 336 12.13 -11.93 25.71
CA ASN B 336 12.97 -13.00 25.16
C ASN B 336 14.12 -13.39 26.10
N GLY B 337 13.81 -13.53 27.39
CA GLY B 337 14.79 -13.95 28.38
C GLY B 337 15.58 -12.82 29.04
N GLY B 338 15.45 -11.58 28.57
CA GLY B 338 16.19 -10.48 29.18
C GLY B 338 15.92 -10.35 30.67
N ALA B 339 14.65 -10.37 31.06
CA ALA B 339 14.31 -10.27 32.47
C ALA B 339 15.05 -11.32 33.29
N GLU B 340 15.09 -12.57 32.80
CA GLU B 340 15.83 -13.58 33.53
C GLU B 340 17.35 -13.38 33.42
N ASP B 341 17.84 -12.90 32.28
CA ASP B 341 19.26 -12.59 32.16
C ASP B 341 19.73 -11.66 33.27
N LEU B 342 18.94 -10.63 33.56
CA LEU B 342 19.25 -9.70 34.65
C LEU B 342 19.48 -10.45 35.96
N ALA B 343 18.59 -11.39 36.28
CA ALA B 343 18.69 -12.11 37.55
C ALA B 343 19.92 -13.00 37.57
N ILE B 344 20.18 -13.69 36.47
CA ILE B 344 21.35 -14.56 36.37
C ILE B 344 22.62 -13.74 36.55
N TRP B 345 22.71 -12.62 35.84
CA TRP B 345 23.86 -11.72 35.97
C TRP B 345 23.99 -11.21 37.40
N ALA B 346 22.86 -10.84 38.03
CA ALA B 346 22.91 -10.25 39.36
C ALA B 346 23.42 -11.26 40.39
N ARG B 347 23.05 -12.54 40.24
CA ARG B 347 23.44 -13.54 41.22
C ARG B 347 24.94 -13.75 41.28
N GLN B 348 25.68 -13.39 40.23
CA GLN B 348 27.14 -13.52 40.26
C GLN B 348 27.79 -12.54 41.23
N ALA B 349 27.05 -11.58 41.79
CA ALA B 349 27.66 -10.60 42.69
C ALA B 349 28.35 -11.31 43.84
N GLY B 350 29.48 -10.75 44.28
CA GLY B 350 30.30 -11.35 45.30
C GLY B 350 30.20 -10.64 46.65
N GLU B 351 30.88 -11.25 47.62
CA GLU B 351 30.98 -10.68 48.96
C GLU B 351 31.65 -9.31 48.91
N ALA B 352 30.97 -8.30 49.46
CA ALA B 352 31.49 -6.95 49.46
C ALA B 352 32.86 -6.90 50.13
N GLY B 353 33.81 -6.23 49.48
CA GLY B 353 35.16 -6.14 49.99
C GLY B 353 36.06 -7.30 49.65
N LYS B 354 35.55 -8.31 48.95
CA LYS B 354 36.27 -9.52 48.54
C LYS B 354 36.12 -9.84 47.06
N LYS B 355 34.92 -9.76 46.51
CA LYS B 355 34.71 -10.06 45.10
C LYS B 355 33.80 -9.00 44.50
N PRO B 356 33.83 -8.85 43.18
CA PRO B 356 33.19 -7.69 42.55
C PRO B 356 31.69 -7.72 42.72
N PRO B 357 31.07 -6.55 42.92
CA PRO B 357 29.60 -6.48 42.89
C PRO B 357 29.11 -6.60 41.46
N ARG B 358 27.79 -6.50 41.28
CA ARG B 358 27.19 -6.42 39.96
C ARG B 358 26.49 -5.07 39.86
N ILE B 359 26.97 -4.23 38.95
CA ILE B 359 26.52 -2.84 38.82
C ILE B 359 26.09 -2.62 37.38
N ALA B 360 24.87 -2.14 37.18
CA ALA B 360 24.33 -1.86 35.86
C ALA B 360 23.84 -0.43 35.79
N CYS B 361 24.27 0.29 34.75
CA CYS B 361 23.93 1.69 34.58
C CYS B 361 23.16 1.90 33.27
N TYR B 362 22.05 2.63 33.33
CA TYR B 362 21.29 3.00 32.14
C TYR B 362 20.86 4.45 32.32
N GLY B 363 21.52 5.36 31.61
CA GLY B 363 21.20 6.76 31.83
C GLY B 363 21.47 7.09 33.29
N ASP B 364 20.47 7.63 33.98
CA ASP B 364 20.64 7.96 35.39
C ASP B 364 20.08 6.90 36.33
N ASP B 365 19.73 5.73 35.80
CA ASP B 365 19.21 4.61 36.56
C ASP B 365 20.30 3.57 36.82
N THR B 366 20.27 2.95 37.98
CA THR B 366 21.29 1.98 38.36
C THR B 366 20.63 0.82 39.07
N ASP B 367 21.27 -0.35 38.97
CA ASP B 367 20.89 -1.55 39.70
C ASP B 367 22.17 -2.13 40.28
N ILE B 368 22.26 -2.21 41.60
CA ILE B 368 23.49 -2.56 42.30
C ILE B 368 23.26 -3.83 43.12
N TYR B 369 24.15 -4.80 42.98
CA TYR B 369 24.08 -6.04 43.74
C TYR B 369 25.42 -6.32 44.40
N TYR B 370 25.36 -6.74 45.67
CA TYR B 370 26.51 -7.22 46.40
C TYR B 370 26.03 -8.27 47.39
N ARG B 371 26.97 -9.05 47.92
CA ARG B 371 26.65 -10.01 48.97
C ARG B 371 27.29 -9.55 50.28
N LYS B 372 26.57 -9.79 51.36
CA LYS B 372 27.06 -9.57 52.71
C LYS B 372 26.71 -10.81 53.50
N ASP B 373 27.73 -11.50 54.04
CA ASP B 373 27.51 -12.79 54.74
C ASP B 373 26.88 -13.80 53.78
N GLY B 374 27.20 -13.71 52.48
CA GLY B 374 26.69 -14.63 51.46
C GLY B 374 25.32 -14.25 50.93
N LYS B 375 24.62 -13.35 51.60
CA LYS B 375 23.24 -12.97 51.22
C LYS B 375 23.25 -11.85 50.17
N LEU B 376 22.47 -12.01 49.11
CA LEU B 376 22.40 -11.02 48.02
C LEU B 376 21.56 -9.81 48.41
N TYR B 377 22.11 -8.62 48.21
CA TYR B 377 21.37 -7.38 48.44
C TYR B 377 21.31 -6.55 47.16
N ARG B 378 20.24 -5.75 47.04
CA ARG B 378 20.00 -4.92 45.87
C ARG B 378 19.80 -3.48 46.30
N ILE B 379 20.52 -2.55 45.67
CA ILE B 379 20.36 -1.13 45.90
C ILE B 379 19.89 -0.48 44.61
N CYS B 380 18.98 0.48 44.72
CA CYS B 380 18.42 1.18 43.56
C CYS B 380 18.30 2.66 43.89
N PRO B 381 19.43 3.35 44.06
CA PRO B 381 19.39 4.76 44.45
C PRO B 381 19.02 5.65 43.27
N ASP B 382 18.62 6.87 43.61
CA ASP B 382 18.28 7.90 42.63
C ASP B 382 19.26 9.06 42.72
N PHE B 383 19.68 9.56 41.57
CA PHE B 383 20.39 10.82 41.47
C PHE B 383 19.40 11.96 41.35
N LYS B 384 19.71 13.08 41.99
CA LYS B 384 18.95 14.30 41.83
C LYS B 384 19.50 15.08 40.63
N GLN B 385 18.67 15.27 39.60
CA GLN B 385 19.01 16.00 38.39
C GLN B 385 20.44 15.74 37.96
N MET B 386 20.71 14.50 37.54
CA MET B 386 22.07 14.05 37.27
C MET B 386 22.79 14.90 36.21
N ASP B 387 22.07 15.42 35.22
CA ASP B 387 22.71 16.16 34.15
C ASP B 387 23.45 17.38 34.65
N GLY B 388 23.00 17.99 35.73
CA GLY B 388 23.76 19.10 36.29
C GLY B 388 25.12 18.67 36.80
N SER B 389 25.31 17.38 37.07
CA SER B 389 26.55 16.85 37.62
C SER B 389 27.49 16.28 36.58
N VAL B 390 27.08 16.18 35.32
CA VAL B 390 27.93 15.57 34.31
C VAL B 390 29.04 16.56 33.95
N ASP B 391 30.28 16.21 34.31
CA ASP B 391 31.41 17.11 34.12
C ASP B 391 31.89 17.08 32.67
N ALA B 392 32.56 18.18 32.28
CA ALA B 392 33.09 18.32 30.92
C ALA B 392 34.17 17.30 30.61
N THR B 393 34.96 16.87 31.61
CA THR B 393 35.99 15.89 31.31
C THR B 393 35.37 14.56 30.87
N THR B 394 34.33 14.12 31.57
CA THR B 394 33.60 12.91 31.17
C THR B 394 33.01 13.07 29.78
N ILE B 395 32.41 14.22 29.50
CA ILE B 395 31.76 14.43 28.20
C ILE B 395 32.77 14.32 27.08
N GLU B 396 33.91 15.01 27.23
CA GLU B 396 34.97 14.97 26.23
C GLU B 396 35.55 13.57 26.10
N ALA B 397 35.67 12.86 27.21
CA ALA B 397 36.18 11.49 27.17
C ALA B 397 35.22 10.55 26.44
N VAL B 398 33.92 10.74 26.64
CA VAL B 398 32.98 9.87 25.95
C VAL B 398 33.02 10.12 24.45
N VAL B 399 33.02 11.39 24.04
CA VAL B 399 33.10 11.69 22.61
C VAL B 399 34.39 11.11 22.03
N ASP B 400 35.51 11.27 22.73
CA ASP B 400 36.79 10.78 22.24
C ASP B 400 36.78 9.26 22.10
N TYR B 401 36.16 8.57 23.07
CA TYR B 401 36.09 7.12 23.04
C TYR B 401 35.25 6.64 21.86
N VAL B 402 34.11 7.30 21.61
CA VAL B 402 33.24 6.92 20.51
C VAL B 402 33.92 7.21 19.17
N VAL B 403 34.54 8.40 19.05
CA VAL B 403 35.23 8.74 17.82
C VAL B 403 36.37 7.77 17.58
N ASP B 404 37.20 7.57 18.61
CA ASP B 404 38.38 6.72 18.47
C ASP B 404 37.99 5.32 18.07
N ALA B 405 36.87 4.82 18.63
CA ALA B 405 36.40 3.49 18.27
C ALA B 405 36.17 3.39 16.76
N HIS B 406 35.53 4.42 16.18
CA HIS B 406 35.24 4.39 14.75
C HIS B 406 36.50 4.57 13.92
N VAL B 407 37.33 5.55 14.28
CA VAL B 407 38.49 5.83 13.44
C VAL B 407 39.56 4.76 13.58
N LYS B 408 39.58 4.03 14.70
CA LYS B 408 40.47 2.87 14.79
C LYS B 408 40.01 1.76 13.86
N GLN B 409 38.70 1.56 13.78
CA GLN B 409 38.13 0.54 12.89
C GLN B 409 38.13 1.01 11.43
N TYR B 410 37.99 2.31 11.19
CA TYR B 410 37.89 2.87 9.84
C TYR B 410 38.83 4.05 9.72
N PRO B 411 40.15 3.80 9.64
CA PRO B 411 41.12 4.90 9.78
C PRO B 411 41.14 5.89 8.62
N THR B 412 40.54 5.57 7.47
CA THR B 412 40.63 6.52 6.37
C THR B 412 39.77 7.76 6.59
N ALA B 413 38.92 7.79 7.61
CA ALA B 413 38.03 8.93 7.83
C ALA B 413 38.29 9.59 9.19
N ARG B 414 39.52 9.48 9.70
CA ARG B 414 39.84 9.97 11.04
C ARG B 414 39.54 11.46 11.18
N GLN B 415 40.03 12.28 10.24
CA GLN B 415 39.99 13.72 10.45
C GLN B 415 38.59 14.27 10.40
N PHE B 416 37.77 13.81 9.45
CA PHE B 416 36.40 14.30 9.38
C PHE B 416 35.67 14.03 10.69
N TRP B 417 35.71 12.79 11.19
CA TRP B 417 34.92 12.47 12.37
C TRP B 417 35.51 13.05 13.64
N GLU B 418 36.82 13.35 13.66
CA GLU B 418 37.36 14.11 14.77
C GLU B 418 36.82 15.53 14.77
N GLU B 419 36.59 16.11 13.59
CA GLU B 419 35.92 17.42 13.55
C GLU B 419 34.49 17.32 14.06
N VAL B 420 33.76 16.26 13.67
CA VAL B 420 32.39 16.08 14.14
C VAL B 420 32.37 15.95 15.67
N GLY B 421 33.36 15.23 16.23
CA GLY B 421 33.45 15.11 17.68
C GLY B 421 33.61 16.45 18.39
N LYS B 422 34.34 17.39 17.79
CA LYS B 422 34.43 18.71 18.40
C LYS B 422 33.07 19.38 18.44
N LEU B 423 32.30 19.28 17.34
CA LEU B 423 30.93 19.80 17.35
C LEU B 423 30.09 19.11 18.42
N TRP B 424 30.22 17.80 18.55
CA TRP B 424 29.45 17.06 19.54
C TRP B 424 29.69 17.61 20.95
N VAL B 425 30.96 17.83 21.31
CA VAL B 425 31.29 18.35 22.64
C VAL B 425 30.69 19.74 22.85
N GLU B 426 30.79 20.61 21.84
CA GLU B 426 30.16 21.93 21.94
C GLU B 426 28.66 21.82 22.15
N MET B 427 27.99 20.96 21.36
CA MET B 427 26.55 20.84 21.51
C MET B 427 26.19 20.34 22.90
N ALA B 428 27.01 19.47 23.48
CA ALA B 428 26.69 18.93 24.79
C ALA B 428 26.98 19.89 25.95
N THR B 429 27.77 20.94 25.73
CA THR B 429 28.25 21.76 26.85
C THR B 429 28.01 23.26 26.67
N GLN B 430 28.05 23.75 25.43
CA GLN B 430 28.17 25.19 25.26
C GLN B 430 27.32 25.79 24.15
N SER B 431 26.43 25.03 23.51
CA SER B 431 25.61 25.64 22.48
C SER B 431 24.89 26.88 23.04
N PRO B 432 24.87 27.99 22.30
CA PRO B 432 23.95 29.08 22.66
C PRO B 432 22.51 28.62 22.46
N PHE B 433 21.59 29.24 23.21
CA PHE B 433 20.21 28.80 23.12
C PHE B 433 19.25 29.94 23.45
N LEU B 434 18.05 29.84 22.88
CA LEU B 434 16.94 30.68 23.24
C LEU B 434 16.13 30.01 24.35
N ILE B 435 15.42 30.82 25.13
CA ILE B 435 14.46 30.31 26.11
C ILE B 435 13.07 30.86 25.79
N ASP B 436 12.95 32.19 25.86
CA ASP B 436 11.68 32.86 25.62
C ASP B 436 11.98 34.29 25.21
N GLY B 437 11.47 34.70 24.05
CA GLY B 437 11.86 35.96 23.46
C GLY B 437 13.11 35.79 22.60
N THR B 438 13.82 36.90 22.40
CA THR B 438 14.97 36.94 21.51
C THR B 438 16.31 36.79 22.22
N LYS B 439 16.33 36.82 23.55
CA LYS B 439 17.59 36.77 24.26
C LYS B 439 18.25 35.41 24.03
N VAL B 440 19.51 35.44 23.64
CA VAL B 440 20.31 34.23 23.47
C VAL B 440 21.16 34.06 24.73
N TYR B 441 21.21 32.84 25.25
CA TYR B 441 21.91 32.53 26.48
C TYR B 441 22.94 31.45 26.23
N ARG B 442 23.81 31.27 27.21
CA ARG B 442 24.78 30.18 27.19
C ARG B 442 25.07 29.79 28.63
N LYS B 443 25.28 28.50 28.85
CA LYS B 443 25.73 28.02 30.15
C LYS B 443 27.07 28.66 30.52
N MET B 444 27.19 29.10 31.78
CA MET B 444 28.41 29.81 32.21
C MET B 444 29.63 28.89 32.17
N GLN B 445 29.46 27.62 32.49
CA GLN B 445 30.58 26.70 32.51
C GLN B 445 30.34 25.58 31.52
N LYS B 446 31.44 24.93 31.14
CA LYS B 446 31.38 23.73 30.32
C LYS B 446 30.66 22.59 31.05
N ASP B 447 30.92 22.45 32.34
CA ASP B 447 30.31 21.40 33.15
C ASP B 447 28.78 21.46 33.07
N GLY B 448 28.16 20.30 33.24
CA GLY B 448 26.71 20.24 33.11
C GLY B 448 26.34 19.83 31.70
N LEU B 449 25.56 18.76 31.58
CA LEU B 449 25.19 18.22 30.28
C LEU B 449 23.93 18.93 29.76
N MET B 450 23.97 19.35 28.50
CA MET B 450 22.79 19.98 27.90
C MET B 450 21.80 18.90 27.47
N THR B 451 21.01 18.48 28.46
CA THR B 451 19.96 17.48 28.32
C THR B 451 19.20 17.61 27.01
N GLY B 452 19.12 16.51 26.26
CA GLY B 452 18.48 16.47 24.96
C GLY B 452 19.46 16.39 23.82
N VAL B 453 20.71 16.79 24.03
CA VAL B 453 21.72 16.59 23.01
C VAL B 453 21.79 15.11 22.67
N VAL B 454 22.00 14.82 21.39
CA VAL B 454 22.31 13.46 20.98
C VAL B 454 23.37 12.89 21.91
N GLY B 455 23.17 11.65 22.35
CA GLY B 455 24.09 11.02 23.28
C GLY B 455 23.85 11.28 24.75
N THR B 456 22.80 12.04 25.10
CA THR B 456 22.50 12.31 26.50
C THR B 456 22.54 11.02 27.33
N THR B 457 21.89 9.96 26.83
CA THR B 457 21.78 8.75 27.65
C THR B 457 23.14 8.15 27.91
N LEU B 458 23.99 8.10 26.88
CA LEU B 458 25.34 7.54 27.03
C LEU B 458 26.19 8.39 27.97
N PHE B 459 26.13 9.71 27.82
CA PHE B 459 26.89 10.58 28.72
C PHE B 459 26.50 10.33 30.17
N ASP B 460 25.18 10.28 30.45
CA ASP B 460 24.71 9.98 31.80
C ASP B 460 25.21 8.62 32.27
N THR B 461 25.12 7.63 31.38
CA THR B 461 25.50 6.26 31.74
C THR B 461 26.97 6.19 32.10
N VAL B 462 27.83 6.89 31.35
CA VAL B 462 29.26 6.81 31.63
C VAL B 462 29.57 7.52 32.94
N LYS B 463 28.99 8.71 33.15
CA LYS B 463 29.25 9.42 34.40
C LYS B 463 28.87 8.55 35.59
N SER B 464 27.68 7.95 35.55
CA SER B 464 27.24 7.08 36.64
C SER B 464 28.18 5.90 36.81
N ALA B 465 28.53 5.24 35.71
CA ALA B 465 29.42 4.08 35.78
C ALA B 465 30.79 4.46 36.33
N LEU B 466 31.35 5.60 35.91
CA LEU B 466 32.64 6.02 36.46
C LEU B 466 32.56 6.18 37.97
N ALA B 467 31.48 6.77 38.46
CA ALA B 467 31.33 6.95 39.90
C ALA B 467 31.14 5.61 40.61
N TYR B 468 30.29 4.73 40.08
CA TYR B 468 30.06 3.47 40.77
C TYR B 468 31.26 2.54 40.68
N ASN B 469 32.03 2.62 39.60
CA ASN B 469 33.29 1.88 39.54
C ASN B 469 34.22 2.34 40.66
N ASP B 470 34.33 3.64 40.88
CA ASP B 470 35.16 4.12 41.97
C ASP B 470 34.61 3.68 43.32
N TRP B 471 33.29 3.74 43.49
CA TRP B 471 32.66 3.23 44.70
C TRP B 471 33.05 1.78 44.94
N ALA B 472 32.96 0.96 43.90
CA ALA B 472 33.28 -0.46 44.05
C ALA B 472 34.74 -0.65 44.42
N ASP B 473 35.62 0.16 43.83
CA ASP B 473 37.03 0.10 44.23
C ASP B 473 37.19 0.38 45.71
N GLN B 474 36.44 1.35 46.26
CA GLN B 474 36.60 1.67 47.66
C GLN B 474 36.21 0.51 48.56
N LEU B 475 35.20 -0.27 48.17
CA LEU B 475 34.85 -1.47 48.95
C LEU B 475 36.02 -2.42 49.01
N MET B 476 36.66 -2.66 47.86
CA MET B 476 37.81 -3.55 47.79
C MET B 476 38.97 -3.03 48.65
N PHE B 477 39.10 -1.71 48.79
CA PHE B 477 40.11 -1.14 49.70
C PHE B 477 39.73 -1.28 51.16
N GLY B 478 38.53 -1.76 51.48
CA GLY B 478 38.12 -1.96 52.86
C GLY B 478 37.09 -0.99 53.39
N SER B 479 36.62 -0.04 52.56
CA SER B 479 35.68 0.99 53.03
C SER B 479 34.25 0.46 52.96
N LEU B 480 33.97 -0.55 53.79
CA LEU B 480 32.67 -1.20 53.73
C LEU B 480 31.55 -0.34 54.29
N ASN B 481 31.87 0.78 54.96
CA ASN B 481 30.78 1.66 55.38
C ASN B 481 30.13 2.37 54.20
N LEU B 482 30.74 2.32 53.01
CA LEU B 482 30.08 2.83 51.81
C LEU B 482 28.89 1.97 51.37
N LEU B 483 28.61 0.84 52.03
CA LEU B 483 27.35 0.13 51.80
C LEU B 483 26.16 0.85 52.40
N GLU B 484 26.40 1.84 53.26
CA GLU B 484 25.36 2.54 54.02
C GLU B 484 25.08 3.90 53.41
N GLU B 485 23.79 4.27 53.39
CA GLU B 485 23.36 5.49 52.70
C GLU B 485 24.19 6.69 53.12
N LYS B 486 24.31 6.89 54.44
CA LYS B 486 24.97 8.08 54.95
C LYS B 486 26.35 8.26 54.32
N TYR B 487 27.15 7.20 54.29
CA TYR B 487 28.50 7.34 53.75
C TYR B 487 28.48 7.31 52.23
N ALA B 488 27.59 6.54 51.61
CA ALA B 488 27.50 6.54 50.15
C ALA B 488 27.17 7.93 49.63
N ILE B 489 26.18 8.59 50.23
CA ILE B 489 25.77 9.91 49.77
C ILE B 489 26.91 10.90 49.87
N GLU B 490 27.64 10.87 50.98
CA GLU B 490 28.78 11.76 51.14
C GLU B 490 29.85 11.49 50.10
N PHE B 491 30.13 10.20 49.85
CA PHE B 491 31.14 9.82 48.86
C PHE B 491 30.75 10.32 47.46
N PHE B 492 29.51 10.08 47.04
CA PHE B 492 29.13 10.48 45.68
C PHE B 492 29.13 12.00 45.53
N LYS B 493 28.77 12.74 46.58
CA LYS B 493 28.84 14.20 46.50
C LYS B 493 30.28 14.68 46.45
N ASN B 494 31.12 14.24 47.41
CA ASN B 494 32.46 14.80 47.54
C ASN B 494 33.41 14.29 46.45
N LYS B 495 33.33 13.01 46.08
CA LYS B 495 34.27 12.47 45.11
C LYS B 495 33.78 12.55 43.68
N HIS B 496 32.48 12.76 43.45
CA HIS B 496 31.98 12.75 42.09
C HIS B 496 30.97 13.84 41.78
N GLY B 497 30.64 14.72 42.73
CA GLY B 497 29.69 15.78 42.44
C GLY B 497 28.30 15.29 42.12
N LEU B 498 27.98 14.07 42.53
CA LEU B 498 26.68 13.48 42.28
C LEU B 498 25.86 13.50 43.56
N VAL B 499 24.60 13.87 43.44
CA VAL B 499 23.68 13.93 44.56
C VAL B 499 22.78 12.69 44.54
N ILE B 500 22.95 11.82 45.53
CA ILE B 500 22.00 10.73 45.77
C ILE B 500 20.86 11.25 46.62
N LYS B 501 19.63 11.02 46.18
CA LYS B 501 18.47 11.47 46.93
C LYS B 501 18.34 10.74 48.27
N GLU B 502 18.23 11.50 49.35
CA GLU B 502 18.11 10.91 50.66
C GLU B 502 16.96 9.92 50.68
N GLY B 503 17.17 8.79 51.34
CA GLY B 503 16.13 7.81 51.47
C GLY B 503 16.04 6.82 50.33
N THR B 504 16.85 6.98 49.26
CA THR B 504 16.79 6.05 48.13
C THR B 504 17.94 5.06 48.11
N TRP B 505 18.84 5.11 49.09
CA TRP B 505 19.91 4.12 49.22
C TRP B 505 19.47 3.17 50.33
N LYS B 506 18.72 2.13 49.95
CA LYS B 506 18.11 1.20 50.92
C LYS B 506 18.30 -0.22 50.42
N PRO B 507 19.44 -0.83 50.71
CA PRO B 507 19.71 -2.20 50.24
C PRO B 507 18.61 -3.16 50.70
N ALA B 508 18.16 -4.02 49.78
CA ALA B 508 17.07 -4.95 50.04
C ALA B 508 17.52 -6.38 49.81
N LEU B 509 17.15 -7.26 50.74
CA LEU B 509 17.41 -8.70 50.58
C LEU B 509 16.72 -9.19 49.32
N VAL B 510 17.50 -9.75 48.40
CA VAL B 510 16.94 -10.28 47.16
C VAL B 510 16.40 -11.68 47.40
N ASN B 511 15.22 -11.96 46.83
CA ASN B 511 14.70 -13.32 46.76
C ASN B 511 15.34 -13.97 45.53
N GLU B 512 16.44 -14.70 45.74
CA GLU B 512 17.30 -15.11 44.63
C GLU B 512 16.65 -16.13 43.71
N ASP B 513 15.70 -16.92 44.23
CA ASP B 513 15.00 -17.93 43.46
C ASP B 513 13.52 -17.82 43.79
N PRO B 514 12.83 -16.82 43.23
CA PRO B 514 11.44 -16.57 43.65
C PRO B 514 10.51 -17.68 43.20
N GLY B 515 9.51 -17.95 44.04
CA GLY B 515 8.45 -18.86 43.66
C GLY B 515 7.46 -18.20 42.71
N PHE B 516 6.55 -19.01 42.17
CA PHE B 516 5.52 -18.47 41.28
C PHE B 516 4.80 -17.32 41.96
N GLY B 517 4.64 -16.21 41.23
CA GLY B 517 3.99 -15.04 41.78
C GLY B 517 4.80 -14.20 42.75
N GLU B 518 6.06 -14.54 42.97
CA GLU B 518 6.89 -13.79 43.95
C GLU B 518 7.81 -12.77 43.25
N LEU B 519 8.12 -11.68 43.96
CA LEU B 519 9.02 -10.63 43.42
C LEU B 519 10.49 -10.88 43.78
N TRP B 520 11.41 -10.48 42.93
CA TRP B 520 12.88 -10.51 43.20
C TRP B 520 13.07 -9.58 44.38
N THR B 521 12.64 -8.33 44.25
CA THR B 521 12.56 -7.33 45.35
C THR B 521 11.36 -6.46 45.00
N GLU B 522 10.99 -5.53 45.86
CA GLU B 522 9.89 -4.59 45.55
C GLU B 522 10.42 -3.39 44.75
N GLN B 523 11.73 -3.32 44.55
CA GLN B 523 12.36 -2.15 43.89
C GLN B 523 12.15 -2.16 42.37
N LYS B 524 12.33 -1.00 41.74
CA LYS B 524 12.16 -0.85 40.31
C LYS B 524 13.50 -0.58 39.64
N PHE B 525 13.63 -1.07 38.41
CA PHE B 525 14.73 -0.74 37.53
C PHE B 525 14.15 -0.50 36.14
N LEU B 526 14.53 0.59 35.49
CA LEU B 526 13.93 0.98 34.21
C LEU B 526 12.40 1.04 34.32
N GLY B 527 11.89 1.42 35.49
CA GLY B 527 10.48 1.61 35.72
C GLY B 527 9.70 0.37 36.13
N LEU B 528 10.35 -0.79 36.27
CA LEU B 528 9.58 -2.02 36.47
C LEU B 528 10.21 -2.88 37.56
N GLN B 529 9.34 -3.59 38.27
CA GLN B 529 9.75 -4.65 39.18
C GLN B 529 10.02 -5.94 38.39
N LEU B 530 10.71 -6.87 39.03
CA LEU B 530 11.02 -8.17 38.46
C LEU B 530 10.27 -9.23 39.25
N LYS B 531 9.56 -10.10 38.53
CA LYS B 531 8.66 -11.07 39.12
C LYS B 531 8.84 -12.41 38.42
N VAL B 532 8.54 -13.48 39.15
CA VAL B 532 8.50 -14.82 38.57
C VAL B 532 7.04 -15.25 38.47
N VAL B 533 6.64 -15.75 37.30
CA VAL B 533 5.31 -16.32 37.08
C VAL B 533 5.45 -17.69 36.46
N ARG B 534 4.33 -18.40 36.38
CA ARG B 534 4.27 -19.76 35.88
C ARG B 534 3.84 -19.77 34.41
N ARG B 535 4.53 -20.58 33.61
CA ARG B 535 4.13 -20.85 32.21
C ARG B 535 4.27 -22.36 32.07
N GLU B 536 3.17 -23.06 31.79
CA GLU B 536 3.17 -24.52 31.76
C GLU B 536 3.61 -24.98 33.14
N ASN B 537 4.82 -25.49 33.29
CA ASN B 537 5.29 -25.79 34.64
C ASN B 537 6.63 -25.13 34.95
N GLU B 538 7.06 -24.14 34.16
CA GLU B 538 8.35 -23.49 34.30
C GLU B 538 8.21 -22.09 34.88
N LYS B 539 9.25 -21.63 35.56
CA LYS B 539 9.30 -20.25 36.01
C LYS B 539 9.68 -19.33 34.85
N VAL B 540 8.98 -18.21 34.75
CA VAL B 540 9.31 -17.18 33.77
C VAL B 540 9.48 -15.86 34.50
N TYR B 541 10.61 -15.18 34.25
CA TYR B 541 10.88 -13.88 34.84
C TYR B 541 10.24 -12.81 33.98
N VAL B 542 9.45 -11.94 34.61
CA VAL B 542 8.65 -10.96 33.88
C VAL B 542 8.66 -9.62 34.61
N PRO B 543 8.40 -8.55 33.89
CA PRO B 543 8.23 -7.24 34.54
C PRO B 543 6.89 -7.17 35.27
N ASN B 544 6.84 -6.30 36.28
CA ASN B 544 5.67 -6.20 37.13
C ASN B 544 5.60 -4.81 37.75
N LEU B 545 4.40 -4.41 38.14
CA LEU B 545 4.17 -3.18 38.89
C LEU B 545 2.97 -3.38 39.80
N PRO B 546 2.91 -2.68 40.92
CA PRO B 546 1.67 -2.67 41.71
C PRO B 546 0.56 -1.99 40.93
N PHE B 547 -0.68 -2.36 41.27
CA PHE B 547 -1.84 -1.81 40.57
C PHE B 547 -1.79 -0.30 40.47
N GLU B 548 -1.49 0.37 41.58
CA GLU B 548 -1.53 1.83 41.65
C GLU B 548 -0.61 2.47 40.62
N ASP B 549 0.51 1.83 40.29
CA ASP B 549 1.42 2.41 39.32
C ASP B 549 0.90 2.25 37.91
N TRP B 550 0.37 1.06 37.56
CA TRP B 550 -0.30 0.90 36.27
C TRP B 550 -1.44 1.89 36.14
N LEU B 551 -2.20 2.09 37.22
CA LEU B 551 -3.35 2.99 37.18
C LEU B 551 -2.92 4.42 36.91
N THR B 552 -1.84 4.88 37.57
CA THR B 552 -1.32 6.22 37.33
C THR B 552 -1.05 6.42 35.85
N MET B 553 -0.32 5.47 35.24
CA MET B 553 -0.08 5.56 33.80
C MET B 553 -1.37 5.49 33.00
N TRP B 554 -2.30 4.62 33.37
CA TRP B 554 -3.56 4.49 32.60
C TRP B 554 -4.33 5.81 32.58
N VAL B 555 -4.48 6.47 33.73
CA VAL B 555 -5.35 7.68 33.85
C VAL B 555 -4.64 8.95 33.37
N THR B 556 -3.35 8.88 33.08
CA THR B 556 -2.59 10.07 32.63
C THR B 556 -2.03 9.82 31.22
N PRO B 557 -2.86 9.70 30.16
CA PRO B 557 -2.36 9.52 28.82
C PRO B 557 -1.48 10.71 28.41
N ARG B 558 -0.41 10.41 27.67
CA ARG B 558 0.52 11.47 27.21
C ARG B 558 -0.06 12.09 25.95
N SER B 559 -1.27 12.63 26.04
CA SER B 559 -1.92 13.31 24.91
C SER B 559 -2.86 14.36 25.49
N LYS B 560 -2.92 15.54 24.86
CA LYS B 560 -3.84 16.60 25.32
C LYS B 560 -5.16 16.52 24.55
N TYR B 561 -6.17 17.29 24.95
CA TYR B 561 -7.44 17.33 24.19
C TYR B 561 -7.17 17.77 22.76
N ARG B 562 -7.66 16.99 21.79
CA ARG B 562 -7.51 17.35 20.36
C ARG B 562 -8.90 17.39 19.73
N SER B 563 -9.30 18.55 19.20
CA SER B 563 -10.58 18.60 18.44
C SER B 563 -10.43 17.70 17.21
N LYS B 564 -11.56 17.25 16.64
CA LYS B 564 -11.55 16.35 15.45
C LYS B 564 -10.97 14.99 15.83
N GLU B 565 -10.95 14.64 17.14
CA GLU B 565 -10.57 13.26 17.53
C GLU B 565 -11.92 12.57 17.72
N THR B 566 -12.35 11.82 16.73
CA THR B 566 -13.67 11.18 16.74
C THR B 566 -13.78 10.13 17.85
N GLU B 567 -15.02 9.83 18.24
CA GLU B 567 -15.26 8.80 19.26
C GLU B 567 -14.56 7.50 18.85
N THR B 568 -14.56 7.17 17.56
CA THR B 568 -13.95 5.90 17.10
C THR B 568 -12.45 5.94 17.41
N MET B 569 -11.78 7.04 17.05
CA MET B 569 -10.35 7.13 17.36
C MET B 569 -10.10 7.07 18.86
N ARG B 570 -10.98 7.70 19.65
CA ARG B 570 -10.80 7.70 21.10
C ARG B 570 -11.05 6.33 21.69
N GLU B 571 -12.06 5.62 21.20
CA GLU B 571 -12.28 4.25 21.64
C GLU B 571 -11.11 3.35 21.25
N ARG B 572 -10.61 3.51 20.02
CA ARG B 572 -9.50 2.67 19.58
C ARG B 572 -8.23 2.96 20.37
N THR B 573 -8.02 4.22 20.76
CA THR B 573 -6.86 4.56 21.59
C THR B 573 -6.92 3.82 22.93
N LEU B 574 -8.08 3.80 23.57
CA LEU B 574 -8.21 3.06 24.84
C LEU B 574 -7.86 1.59 24.64
N PHE B 575 -8.38 0.99 23.58
CA PHE B 575 -8.04 -0.39 23.25
C PHE B 575 -6.53 -0.56 23.09
N ASP B 576 -5.90 0.32 22.29
CA ASP B 576 -4.48 0.17 22.03
C ASP B 576 -3.66 0.40 23.30
N ARG B 577 -4.04 1.38 24.12
CA ARG B 577 -3.29 1.63 25.34
C ARG B 577 -3.43 0.47 26.31
N ALA B 578 -4.61 -0.12 26.38
CA ALA B 578 -4.81 -1.30 27.22
C ALA B 578 -3.91 -2.45 26.77
N ARG B 579 -3.81 -2.68 25.46
CA ARG B 579 -2.89 -3.70 24.98
C ARG B 579 -1.45 -3.39 25.38
N GLY B 580 -1.04 -2.13 25.19
CA GLY B 580 0.34 -1.77 25.51
C GLY B 580 0.69 -2.00 26.97
N LEU B 581 -0.22 -1.61 27.88
CA LEU B 581 0.07 -1.82 29.29
C LEU B 581 0.12 -3.31 29.63
N LEU B 582 -0.79 -4.11 29.06
CA LEU B 582 -0.79 -5.55 29.33
C LEU B 582 0.54 -6.19 28.96
N VAL B 583 1.06 -5.83 27.78
CA VAL B 583 2.31 -6.39 27.27
C VAL B 583 3.49 -5.92 28.10
N THR B 584 3.43 -4.71 28.63
CA THR B 584 4.52 -4.20 29.46
C THR B 584 4.56 -4.85 30.83
N GLY B 585 3.49 -5.56 31.23
CA GLY B 585 3.50 -6.28 32.49
C GLY B 585 2.21 -6.18 33.30
N ALA B 586 1.27 -5.35 32.87
CA ALA B 586 0.03 -5.24 33.61
C ALA B 586 -0.74 -6.56 33.65
N VAL B 587 -0.52 -7.45 32.68
CA VAL B 587 -1.19 -8.74 32.72
C VAL B 587 -0.74 -9.59 33.90
N PHE B 588 0.36 -9.23 34.57
CA PHE B 588 0.86 -10.02 35.69
C PHE B 588 0.42 -9.49 37.04
N ASP B 589 -0.32 -8.39 37.06
CA ASP B 589 -0.96 -7.92 38.28
C ASP B 589 -2.46 -8.09 38.11
N GLU B 590 -3.08 -8.81 39.04
CA GLU B 590 -4.47 -9.24 38.85
C GLU B 590 -5.39 -8.05 38.61
N ARG B 591 -5.25 -7.00 39.42
CA ARG B 591 -6.16 -5.85 39.29
C ARG B 591 -5.89 -5.07 38.01
N ALA B 592 -4.62 -4.78 37.73
CA ALA B 592 -4.29 -4.11 36.48
C ALA B 592 -4.76 -4.93 35.28
N ARG B 593 -4.55 -6.25 35.33
CA ARG B 593 -5.05 -7.10 34.27
C ARG B 593 -6.56 -6.97 34.13
N GLY B 594 -7.28 -6.92 35.25
CA GLY B 594 -8.73 -6.84 35.17
C GLY B 594 -9.23 -5.52 34.62
N LEU B 595 -8.52 -4.43 34.90
CA LEU B 595 -8.94 -3.13 34.38
C LEU B 595 -8.72 -3.08 32.87
N MET B 596 -7.52 -3.47 32.42
CA MET B 596 -7.23 -3.52 30.99
C MET B 596 -8.19 -4.45 30.28
N GLY B 597 -8.49 -5.60 30.88
CA GLY B 597 -9.43 -6.53 30.27
C GLY B 597 -10.83 -5.94 30.16
N ALA B 598 -11.28 -5.23 31.21
CA ALA B 598 -12.59 -4.59 31.16
C ALA B 598 -12.67 -3.61 29.99
N VAL B 599 -11.59 -2.86 29.75
CA VAL B 599 -11.56 -1.91 28.65
C VAL B 599 -11.59 -2.62 27.30
N ILE B 600 -10.76 -3.66 27.17
CA ILE B 600 -10.71 -4.39 25.90
C ILE B 600 -12.06 -5.02 25.61
N ASN B 601 -12.67 -5.67 26.62
CA ASN B 601 -13.92 -6.36 26.39
C ASN B 601 -15.07 -5.40 26.08
N SER B 602 -14.99 -4.16 26.56
CA SER B 602 -16.04 -3.18 26.30
C SER B 602 -15.78 -2.36 25.05
N THR B 603 -14.69 -2.62 24.32
CA THR B 603 -14.45 -1.96 23.06
C THR B 603 -15.35 -2.55 21.96
N ALA B 604 -15.98 -1.68 21.17
CA ALA B 604 -16.96 -2.12 20.18
C ALA B 604 -16.31 -3.06 19.16
N PRO B 605 -17.03 -4.11 18.71
CA PRO B 605 -16.43 -5.04 17.74
C PRO B 605 -15.81 -4.33 16.53
N GLU B 606 -16.49 -3.34 15.97
CA GLU B 606 -15.95 -2.69 14.78
C GLU B 606 -14.69 -1.90 15.09
N VAL B 607 -14.55 -1.43 16.34
CA VAL B 607 -13.31 -0.74 16.72
C VAL B 607 -12.18 -1.74 16.91
N VAL B 608 -12.49 -2.93 17.43
CA VAL B 608 -11.48 -3.95 17.58
C VAL B 608 -10.95 -4.39 16.22
N CYS B 609 -11.84 -4.53 15.23
CA CYS B 609 -11.51 -5.16 13.96
C CYS B 609 -11.24 -4.18 12.83
N MET B 610 -11.44 -2.88 13.07
CA MET B 610 -11.21 -1.90 12.02
C MET B 610 -9.74 -1.92 11.61
N ARG B 611 -9.51 -1.47 10.39
CA ARG B 611 -8.17 -1.23 9.91
C ARG B 611 -7.55 -0.03 10.63
N VAL B 612 -6.30 -0.18 11.05
CA VAL B 612 -5.62 0.89 11.77
C VAL B 612 -4.28 1.16 11.09
N GLN B 613 -3.83 2.42 11.19
CA GLN B 613 -2.56 2.83 10.60
C GLN B 613 -1.36 2.49 11.49
N GLU B 614 -1.46 2.75 12.79
CA GLU B 614 -0.29 2.67 13.64
C GLU B 614 0.30 1.27 13.61
N GLY B 615 1.59 1.19 13.91
CA GLY B 615 2.28 -0.08 13.91
C GLY B 615 2.29 -0.78 12.58
N GLY B 616 2.22 -0.03 11.48
CA GLY B 616 2.14 -0.66 10.18
C GLY B 616 0.89 -1.50 10.00
N GLY B 617 -0.24 -1.04 10.52
CA GLY B 617 -1.48 -1.76 10.48
C GLY B 617 -1.67 -2.81 11.57
N ARG B 618 -0.71 -3.01 12.48
CA ARG B 618 -0.84 -3.98 13.55
C ARG B 618 -1.34 -3.40 14.88
N GLY B 619 -1.55 -2.08 14.93
CA GLY B 619 -1.91 -1.42 16.17
C GLY B 619 -0.71 -0.74 16.82
N ALA B 620 -0.95 0.40 17.46
CA ALA B 620 0.13 1.17 18.09
C ALA B 620 0.90 0.30 19.08
N PRO B 621 2.22 0.28 19.02
CA PRO B 621 3.01 -0.54 19.96
C PRO B 621 3.00 0.07 21.34
N PRO B 622 3.43 -0.68 22.35
CA PRO B 622 3.42 -0.15 23.72
C PRO B 622 4.33 1.07 23.82
N ALA B 623 3.94 1.98 24.72
CA ALA B 623 4.74 3.17 24.96
C ALA B 623 6.10 2.83 25.58
N TYR B 624 6.16 1.77 26.38
CA TYR B 624 7.40 1.41 27.08
C TYR B 624 8.52 1.08 26.10
N ALA B 625 9.70 1.68 26.33
CA ALA B 625 10.76 1.73 25.34
C ALA B 625 11.74 0.55 25.37
N PHE B 626 11.75 -0.26 26.44
CA PHE B 626 12.81 -1.25 26.61
C PHE B 626 12.29 -2.69 26.53
N LEU B 627 11.27 -2.93 25.70
CA LEU B 627 10.82 -4.29 25.48
C LEU B 627 11.82 -5.05 24.62
N THR B 628 12.40 -4.38 23.63
CA THR B 628 13.40 -4.99 22.75
C THR B 628 14.57 -4.02 22.60
N ARG B 629 15.70 -4.56 22.14
CA ARG B 629 16.88 -3.68 22.08
C ARG B 629 16.76 -2.64 20.97
N ASP B 630 16.41 -3.08 19.75
CA ASP B 630 16.20 -2.13 18.66
C ASP B 630 15.04 -1.19 18.95
N GLY B 631 14.24 -1.46 19.98
CA GLY B 631 13.11 -0.63 20.32
C GLY B 631 11.84 -0.89 19.55
N VAL B 632 11.91 -1.60 18.41
CA VAL B 632 10.72 -1.83 17.60
C VAL B 632 9.98 -3.04 18.14
N PHE B 633 8.78 -2.81 18.67
CA PHE B 633 7.86 -3.87 19.00
C PHE B 633 6.68 -3.81 18.04
N GLU B 634 6.27 -4.97 17.52
CA GLU B 634 5.12 -5.07 16.62
C GLU B 634 4.14 -6.10 17.15
N PHE B 635 2.89 -5.70 17.33
CA PHE B 635 1.84 -6.69 17.62
C PHE B 635 1.64 -7.59 16.41
N PRO B 636 1.33 -8.87 16.62
CA PRO B 636 1.04 -9.76 15.48
C PRO B 636 -0.18 -9.33 14.68
N ILE B 637 -1.24 -8.89 15.34
CA ILE B 637 -2.48 -8.54 14.66
C ILE B 637 -3.12 -7.38 15.40
N SER B 638 -3.83 -6.52 14.68
CA SER B 638 -4.49 -5.39 15.34
C SER B 638 -5.78 -5.77 16.05
N ASP B 639 -6.31 -6.99 15.84
CA ASP B 639 -7.56 -7.38 16.47
C ASP B 639 -7.39 -8.52 17.47
N GLY B 640 -6.16 -8.78 17.93
CA GLY B 640 -5.93 -9.70 19.03
C GLY B 640 -5.83 -8.99 20.37
N TYR B 641 -5.85 -9.78 21.44
CA TYR B 641 -5.66 -9.14 22.73
C TYR B 641 -4.55 -9.87 23.46
N PRO B 642 -3.84 -9.18 24.39
CA PRO B 642 -2.73 -9.83 25.09
C PRO B 642 -3.20 -10.65 26.29
N SER B 643 -3.35 -11.94 26.04
CA SER B 643 -3.61 -12.90 27.08
C SER B 643 -2.36 -13.16 27.89
N TYR B 644 -2.56 -13.69 29.10
CA TYR B 644 -1.45 -14.12 29.94
C TYR B 644 -0.53 -15.06 29.18
N ASP B 645 -1.09 -16.10 28.55
CA ASP B 645 -0.27 -17.06 27.83
C ASP B 645 0.57 -16.38 26.75
N TRP B 646 -0.03 -15.46 25.99
CA TRP B 646 0.73 -14.82 24.93
C TRP B 646 1.81 -13.92 25.51
N VAL B 647 1.48 -13.12 26.53
CA VAL B 647 2.49 -12.20 27.05
C VAL B 647 3.65 -12.97 27.67
N VAL B 648 3.33 -13.98 28.49
CA VAL B 648 4.40 -14.76 29.12
C VAL B 648 5.31 -15.37 28.06
N SER B 649 4.74 -15.76 26.91
CA SER B 649 5.56 -16.30 25.82
C SER B 649 6.54 -15.26 25.28
N LEU B 650 6.18 -13.97 25.32
CA LEU B 650 7.13 -12.96 24.86
C LEU B 650 8.34 -12.86 25.77
N TYR B 651 8.16 -13.11 27.07
CA TYR B 651 9.28 -12.95 28.04
C TYR B 651 10.04 -14.27 28.15
N SER B 652 9.42 -15.37 27.73
CA SER B 652 10.07 -16.70 27.72
C SER B 652 11.26 -16.69 26.76
N ARG B 653 12.18 -17.62 26.95
CA ARG B 653 13.43 -17.66 26.15
C ARG B 653 13.15 -18.08 24.70
N ASP B 654 12.23 -18.99 24.46
CA ASP B 654 11.90 -19.28 23.04
C ASP B 654 10.38 -19.42 22.92
N HIS B 655 9.80 -20.44 23.55
CA HIS B 655 8.33 -20.67 23.56
C HIS B 655 7.51 -19.60 22.81
N PRO B 656 7.25 -19.76 21.50
CA PRO B 656 6.39 -18.84 20.78
C PRO B 656 4.91 -19.20 21.01
N CYS B 657 4.02 -18.20 21.03
CA CYS B 657 2.58 -18.45 21.19
C CYS B 657 1.83 -17.48 20.26
N ASP B 658 0.74 -17.93 19.70
CA ASP B 658 -0.09 -17.03 18.84
C ASP B 658 -0.85 -16.05 19.71
N MET B 659 -0.99 -14.82 19.25
CA MET B 659 -1.83 -13.86 19.95
C MET B 659 -3.30 -14.20 19.71
N PRO B 660 -4.10 -14.39 20.76
CA PRO B 660 -5.50 -14.79 20.54
C PRO B 660 -6.30 -13.68 19.90
N ARG B 661 -7.16 -14.04 18.97
CA ARG B 661 -8.08 -13.10 18.36
C ARG B 661 -9.26 -12.81 19.28
N VAL B 662 -9.71 -11.56 19.29
CA VAL B 662 -10.93 -11.24 20.03
C VAL B 662 -12.15 -11.87 19.36
N PHE B 663 -12.19 -11.92 18.02
CA PHE B 663 -13.28 -12.55 17.29
C PHE B 663 -12.67 -13.60 16.38
N PRO B 664 -12.63 -14.86 16.81
CA PRO B 664 -12.00 -15.91 15.99
C PRO B 664 -12.54 -15.97 14.57
N GLU B 665 -13.83 -15.69 14.36
CA GLU B 665 -14.45 -15.78 13.04
C GLU B 665 -14.48 -14.45 12.29
N ALA B 666 -13.73 -13.44 12.74
CA ALA B 666 -13.87 -12.11 12.15
C ALA B 666 -13.61 -12.13 10.64
N ALA B 667 -12.51 -12.77 10.23
CA ALA B 667 -12.13 -12.78 8.81
C ALA B 667 -13.26 -13.27 7.91
N THR B 668 -13.86 -14.41 8.25
CA THR B 668 -14.90 -14.96 7.37
C THR B 668 -16.19 -14.18 7.49
N LEU B 669 -16.51 -13.67 8.68
CA LEU B 669 -17.69 -12.83 8.81
C LEU B 669 -17.54 -11.56 7.99
N ILE B 670 -16.36 -10.95 8.02
CA ILE B 670 -16.15 -9.71 7.29
C ILE B 670 -16.20 -9.97 5.78
N ALA B 671 -15.62 -11.09 5.34
CA ALA B 671 -15.65 -11.46 3.92
C ALA B 671 -16.98 -12.03 3.47
N SER B 672 -17.87 -12.39 4.40
CA SER B 672 -19.15 -13.03 4.07
C SER B 672 -18.94 -14.29 3.23
N TYR B 673 -17.86 -15.00 3.53
CA TYR B 673 -17.53 -16.20 2.79
C TYR B 673 -16.68 -17.10 3.68
N ARG B 674 -17.11 -18.36 3.85
CA ARG B 674 -16.30 -19.38 4.49
C ARG B 674 -16.19 -20.56 3.54
N LYS B 675 -14.95 -20.91 3.19
CA LYS B 675 -14.69 -21.96 2.23
C LYS B 675 -15.37 -23.26 2.62
N GLN B 676 -15.99 -23.90 1.63
CA GLN B 676 -16.62 -25.19 1.73
C GLN B 676 -15.93 -26.10 0.70
N VAL B 677 -15.45 -27.26 1.13
CA VAL B 677 -14.78 -28.15 0.22
C VAL B 677 -15.80 -28.79 -0.72
N MET B 678 -15.61 -28.61 -2.03
CA MET B 678 -16.47 -29.18 -3.07
C MET B 678 -15.61 -30.06 -3.99
N ASP B 679 -15.84 -31.36 -3.92
CA ASP B 679 -14.97 -32.36 -4.54
C ASP B 679 -15.34 -32.55 -6.00
N THR B 680 -14.38 -32.34 -6.90
CA THR B 680 -14.62 -32.57 -8.33
C THR B 680 -14.50 -34.03 -8.73
N ARG B 681 -14.01 -34.90 -7.85
CA ARG B 681 -13.75 -36.29 -8.20
C ARG B 681 -14.94 -37.21 -7.92
N VAL B 682 -16.11 -36.64 -7.72
CA VAL B 682 -17.31 -37.43 -7.35
C VAL B 682 -17.88 -38.21 -8.53
N VAL B 683 -18.44 -39.38 -8.23
CA VAL B 683 -19.18 -40.16 -9.26
C VAL B 683 -20.61 -39.62 -9.19
N ILE B 684 -21.22 -39.36 -10.36
CA ILE B 684 -22.57 -38.74 -10.39
C ILE B 684 -23.56 -39.70 -11.05
MG MG C . -10.80 -9.43 -40.95
S SO4 D . -11.17 4.16 -24.72
O1 SO4 D . -12.02 5.13 -24.00
O2 SO4 D . -9.79 4.65 -24.76
O3 SO4 D . -11.63 3.96 -26.07
O4 SO4 D . -11.21 2.91 -23.97
S SO4 E . -22.04 -6.43 -18.67
O1 SO4 E . -21.14 -5.85 -19.67
O2 SO4 E . -22.05 -5.61 -17.46
O3 SO4 E . -21.61 -7.79 -18.40
O4 SO4 E . -23.41 -6.50 -19.19
S SO4 F . -26.27 23.02 -29.15
O1 SO4 F . -24.81 23.00 -29.34
O2 SO4 F . -26.58 23.90 -28.03
O3 SO4 F . -26.98 23.48 -30.34
O4 SO4 F . -26.73 21.66 -28.86
S SO4 G . -14.95 -15.33 -23.90
O1 SO4 G . -16.16 -15.05 -23.12
O2 SO4 G . -13.87 -14.42 -23.50
O3 SO4 G . -15.24 -15.15 -25.33
O4 SO4 G . -14.55 -16.71 -23.63
C1 GOL H . -9.97 -6.06 -31.96
O1 GOL H . -10.22 -5.37 -33.16
C2 GOL H . -10.48 -5.18 -30.78
O2 GOL H . -11.75 -5.59 -30.36
C3 GOL H . -9.43 -5.38 -29.66
O3 GOL H . -9.37 -4.20 -28.93
H11 GOL H . -10.41 -6.92 -31.93
H12 GOL H . -9.02 -6.24 -31.83
HO1 GOL H . -10.26 -5.95 -33.77
H2 GOL H . -10.56 -4.26 -31.05
HO2 GOL H . -11.81 -5.41 -29.53
H31 GOL H . -9.68 -6.14 -29.12
H32 GOL H . -8.59 -5.62 -30.07
HO3 GOL H . -8.66 -4.22 -28.46
MG MG I . 16.56 3.33 39.86
S SO4 J . 0.66 6.96 26.45
O1 SO4 J . 1.18 6.96 27.81
O2 SO4 J . 1.80 7.07 25.53
O3 SO4 J . -0.24 8.10 26.24
O4 SO4 J . -0.12 5.74 26.20
S SO4 K . 20.08 9.83 23.27
O1 SO4 K . 20.81 9.20 24.34
O2 SO4 K . 19.64 11.15 23.76
O3 SO4 K . 20.90 9.96 22.06
O4 SO4 K . 18.90 9.05 22.90
S SO4 L . 10.86 18.22 20.53
O1 SO4 L . 11.97 17.44 19.97
O2 SO4 L . 11.43 19.47 21.06
O3 SO4 L . 10.19 17.49 21.60
O4 SO4 L . 9.89 18.51 19.48
#